data_7DRC
#
_entry.id   7DRC
#
_cell.length_a   1.00
_cell.length_b   1.00
_cell.length_c   1.00
_cell.angle_alpha   90.00
_cell.angle_beta   90.00
_cell.angle_gamma   90.00
#
_symmetry.space_group_name_H-M   'P 1'
#
loop_
_entity.id
_entity.type
_entity.pdbx_description
1 polymer 'Cell 12A endoglucanase'
2 polymer 'Membrane-localized LRR receptor-like protein'
3 polymer 'Brassinosteroid insensitive 1-associated receptor kinase 1'
4 branched beta-D-mannopyranose-(1-4)-2-acetamido-2-deoxy-beta-D-glucopyranose-(1-4)-2-acetamido-2-deoxy-beta-D-glucopyranose
5 branched alpha-D-mannopyranose-(1-2)-alpha-D-mannopyranose-(1-6)-[alpha-D-mannopyranose-(1-3)]alpha-D-mannopyranose-(1-6)-[alpha-D-mannopyranose-(1-3)]beta-D-mannopyranose-(1-4)-2-acetamido-2-deoxy-beta-D-glucopyranose-(1-4)-2-acetamido-2-deoxy-beta-D-glucopyranose
6 branched 2-acetamido-2-deoxy-beta-D-glucopyranose-(1-4)-2-acetamido-2-deoxy-beta-D-glucopyranose
7 branched alpha-D-mannopyranose-(1-3)-[alpha-D-mannopyranose-(1-6)]beta-D-mannopyranose-(1-4)-2-acetamido-2-deoxy-beta-D-glucopyranose-(1-4)-2-acetamido-2-deoxy-beta-D-glucopyranose
8 non-polymer 2-acetamido-2-deoxy-beta-D-glucopyranose
#
loop_
_entity_poly.entity_id
_entity_poly.type
_entity_poly.pdbx_seq_one_letter_code
_entity_poly.pdbx_strand_id
1 'polypeptide(L)'
;MKGFFAGVVAAATLAVASAGDYCGQWDWAKSTNYIVYNNLWNKNAAASGSQCTGVDKISGSTIAWHTSYTWTGGAATEVK
SYSNAALVFSKKQIKNIKSIPTKMKYSYSHSSGTFVADVSYDLFTSSTASGSNEYEIMIWLAAYGGAGPISSTGKAIATV
TIGSNSFKLYKGPNGSTTVFSFVATKTITNFSADLQKFLSYLTKNQGLPSSQYLITLEAGTEPFVGTNAKMTVSSFSAAV
N
;
A
2 'polypeptide(L)'
;MGKREYPSSAHFLVTLSLLLLQAAFGLTLCIEKERDALLEFKRGLSDNFGQLSTWGDEEDKKECCKWKGIECNKTTGHVI
VLDLHNAFTCSASACFAPRLTGKLSPSLLELEYLNFLDLSVNEFERSEIPRFICSFKRLEYLNLSSSFFSGLIPTQFKNL
TSLRILDLGYNNLIVKDLTWLSHLSSLELLSLGGSDFQVKNWFQEITKLPLLKELDLSLCGLSKLVPSPAEIANSSLISL
SVLHLCCNEFSSSAKYSWLFNFSTSLTSIDLSNNQLDGQIDDRFGNLMYLEHLNLANELNLKGGIPSSFGNLTRLRYLDM
SNTRTYQWLPELFVRLSGSRKTLEVLGLNDNSMFGSLVDVTRFSALKRLYLQKNVLNGFFMERFGQVSSLEYLDLSDNQM
RGPLPDLALFPSLRELHLGSNHFNGRIPQGIGKLSQLKILDVSSNRLEGLPESMGQLSNLESFDASYNVLKGTITESHLS
NLSSLVDLDLSFNSLALKTSIDWLPPFQLQVINLPSCNLGPSFPKWLQSQNNYTVLDISLANISDALPSWFSGLPPDIKI
LNLSNNQISGRVSDLIENAYDYMVIDLSSNNFSGPLPLVPTNVQIFYLHKNQFFGSISSICKSTTGATSLDLSHNQFSGE
LPDCWMNATNLAVLNLAYNNFSGKLPQSLGSLTNLEALYMRQNSFSGMLPSLSQCQSLQILDLGGNKLTGRIPAWIGTDL
LNLRILSLRFNKFYGSISPIICQLQFLQILDLSANGLAGKIPQCFNNFTLLHQENGLGEPMEFLVQGFYGKYPRHYSYLG
NLLVQWKNQEAEYKNPLTYLKTIDLSSNKLVGGIPKEMAEMRGLKSLNLSRNDLNGSIIKGIGQMKMLESLDLSRNQLSG
MIPKDLANLTFIGVLDLSNNHLSGRIPSSTQLQTFERSSYSGNAQLCGPPLQEC
;
C
3 'polypeptide(L)'
;MDQWILGILGFVSTFLCLIGLLLVPVSANIEGDALNALKTNLADPNNVLQSWDPTLVNPCTWFHVTCNSENSVTRVDLGN
ANLSGQLVPQLGQLPNLQYLELYSNNISGRIPFELGNLTNLVSLDLYLNRLNGPIPDTLGKLQKLRFLRLNNNSLNGRIP
MLLTTVISLQVLDLSNNNLTGPVPVNGSFSLFTPISFANNPLDIPPAAPPPPISPMPPSSSGVGNSAT
;
B
#
# COMPACT_ATOMS: atom_id res chain seq x y z
N GLY A 20 -16.34 27.44 4.71
CA GLY A 20 -15.68 28.50 5.46
C GLY A 20 -14.40 28.06 6.13
N ASP A 21 -14.42 28.04 7.46
CA ASP A 21 -13.26 27.63 8.27
C ASP A 21 -13.67 26.45 9.13
N TYR A 22 -12.89 25.37 9.07
CA TYR A 22 -13.23 24.14 9.78
C TYR A 22 -12.08 23.74 10.70
N CYS A 23 -12.42 23.06 11.79
CA CYS A 23 -11.51 22.84 12.89
C CYS A 23 -11.28 21.37 13.24
N GLY A 24 -11.92 20.43 12.55
CA GLY A 24 -11.85 19.04 12.95
C GLY A 24 -10.48 18.44 12.71
N GLN A 25 -10.29 17.25 13.30
CA GLN A 25 -9.01 16.57 13.16
C GLN A 25 -8.81 16.01 11.77
N TRP A 26 -9.86 15.48 11.16
CA TRP A 26 -9.76 14.84 9.86
C TRP A 26 -10.62 15.52 8.79
N ASP A 27 -11.21 16.67 9.08
CA ASP A 27 -12.07 17.30 8.10
C ASP A 27 -11.25 17.94 6.98
N TRP A 28 -11.93 18.27 5.89
CA TRP A 28 -11.26 18.84 4.74
C TRP A 28 -12.28 19.64 3.92
N ALA A 29 -11.76 20.47 3.02
CA ALA A 29 -12.58 21.25 2.10
C ALA A 29 -12.21 20.83 0.68
N LYS A 30 -12.88 19.78 0.18
CA LYS A 30 -12.61 19.29 -1.15
C LYS A 30 -13.11 20.27 -2.20
N SER A 31 -12.36 20.38 -3.29
CA SER A 31 -12.74 21.19 -4.44
C SER A 31 -12.47 20.36 -5.69
N THR A 32 -12.56 21.00 -6.86
CA THR A 32 -12.25 20.29 -8.09
C THR A 32 -10.74 20.12 -8.24
N ASN A 33 -10.31 18.89 -8.49
CA ASN A 33 -8.93 18.49 -8.76
C ASN A 33 -7.98 18.82 -7.61
N TYR A 34 -8.49 19.40 -6.53
CA TYR A 34 -7.74 19.70 -5.31
C TYR A 34 -8.52 19.24 -4.09
N ILE A 35 -7.80 18.79 -3.08
CA ILE A 35 -8.39 18.45 -1.78
C ILE A 35 -7.52 19.07 -0.69
N VAL A 36 -8.12 19.91 0.14
CA VAL A 36 -7.39 20.65 1.16
C VAL A 36 -7.73 20.03 2.51
N TYR A 37 -6.74 19.40 3.14
CA TYR A 37 -6.92 18.69 4.39
C TYR A 37 -6.61 19.59 5.59
N ASN A 38 -6.92 19.07 6.77
CA ASN A 38 -6.47 19.63 8.04
C ASN A 38 -5.38 18.78 8.68
N ASN A 39 -5.61 17.47 8.78
CA ASN A 39 -4.57 16.49 9.06
C ASN A 39 -3.84 16.77 10.37
N LEU A 40 -4.59 16.70 11.47
CA LEU A 40 -4.00 16.80 12.81
C LEU A 40 -3.70 15.40 13.32
N TRP A 41 -2.73 14.75 12.67
CA TRP A 41 -2.45 13.36 12.93
C TRP A 41 -1.67 13.13 14.22
N ASN A 42 -0.98 14.15 14.74
CA ASN A 42 -0.27 14.05 16.00
C ASN A 42 -0.73 15.13 16.96
N LYS A 43 -2.05 15.33 17.00
CA LYS A 43 -2.63 16.35 17.87
C LYS A 43 -2.40 16.03 19.33
N ASN A 44 -2.47 14.74 19.70
CA ASN A 44 -2.38 14.34 21.09
C ASN A 44 -0.98 14.49 21.66
N ALA A 45 0.02 14.76 20.85
CA ALA A 45 1.38 14.96 21.33
C ALA A 45 1.62 16.38 21.84
N ALA A 46 0.64 17.26 21.71
CA ALA A 46 0.74 18.63 22.19
C ALA A 46 -0.31 18.87 23.26
N ALA A 47 -0.03 19.85 24.12
CA ALA A 47 -0.94 20.22 25.20
C ALA A 47 -1.51 21.60 24.92
N SER A 48 -2.85 21.70 24.90
CA SER A 48 -3.56 22.97 24.74
C SER A 48 -3.17 23.66 23.44
N GLY A 49 -3.55 23.02 22.33
CA GLY A 49 -3.36 23.59 21.02
C GLY A 49 -4.62 23.44 20.19
N SER A 50 -4.61 24.14 19.04
CA SER A 50 -5.73 24.08 18.11
C SER A 50 -5.23 24.46 16.72
N GLN A 51 -6.04 24.14 15.72
CA GLN A 51 -5.68 24.44 14.34
C GLN A 51 -6.92 24.38 13.47
N CYS A 52 -7.02 25.30 12.52
CA CYS A 52 -8.15 25.40 11.62
C CYS A 52 -7.68 25.92 10.28
N THR A 53 -8.16 25.29 9.20
CA THR A 53 -7.78 25.67 7.86
C THR A 53 -9.01 26.06 7.06
N GLY A 54 -8.78 26.80 5.98
CA GLY A 54 -9.87 27.23 5.13
C GLY A 54 -9.45 27.63 3.73
N VAL A 55 -10.23 27.22 2.74
CA VAL A 55 -9.99 27.59 1.35
C VAL A 55 -10.69 28.92 1.09
N ASP A 56 -9.94 29.91 0.58
CA ASP A 56 -10.46 31.25 0.37
C ASP A 56 -11.00 31.43 -1.05
N LYS A 57 -10.13 31.30 -2.05
CA LYS A 57 -10.50 31.56 -3.43
C LYS A 57 -10.03 30.43 -4.32
N ILE A 58 -10.81 30.15 -5.37
CA ILE A 58 -10.49 29.14 -6.36
C ILE A 58 -10.61 29.79 -7.74
N SER A 59 -9.62 29.60 -8.59
CA SER A 59 -9.65 30.16 -9.94
C SER A 59 -8.92 29.20 -10.88
N GLY A 60 -9.69 28.34 -11.54
CA GLY A 60 -9.09 27.37 -12.44
C GLY A 60 -8.21 26.40 -11.67
N SER A 61 -6.96 26.26 -12.12
CA SER A 61 -6.00 25.41 -11.43
C SER A 61 -5.39 26.09 -10.22
N THR A 62 -5.54 27.42 -10.11
CA THR A 62 -5.01 28.14 -8.96
C THR A 62 -5.88 27.92 -7.73
N ILE A 63 -5.23 27.79 -6.57
CA ILE A 63 -5.92 27.63 -5.30
C ILE A 63 -5.35 28.66 -4.33
N ALA A 64 -6.12 28.95 -3.29
CA ALA A 64 -5.67 29.82 -2.22
C ALA A 64 -6.31 29.35 -0.93
N TRP A 65 -5.50 29.10 0.09
CA TRP A 65 -6.01 28.63 1.37
C TRP A 65 -5.22 29.28 2.49
N HIS A 66 -5.61 28.98 3.72
CA HIS A 66 -4.92 29.52 4.88
C HIS A 66 -5.08 28.55 6.05
N THR A 67 -4.11 28.63 6.96
CA THR A 67 -4.08 27.76 8.13
C THR A 67 -3.69 28.58 9.34
N SER A 68 -4.48 28.47 10.41
CA SER A 68 -4.17 29.12 11.68
C SER A 68 -4.03 28.05 12.74
N TYR A 69 -3.09 28.25 13.66
CA TYR A 69 -2.85 27.25 14.68
C TYR A 69 -2.15 27.87 15.88
N THR A 70 -2.15 27.10 16.97
CA THR A 70 -1.41 27.44 18.19
C THR A 70 -1.15 26.13 18.92
N TRP A 71 0.12 25.72 18.97
CA TRP A 71 0.54 24.51 19.66
C TRP A 71 1.59 24.84 20.70
N THR A 72 1.46 24.25 21.88
CA THR A 72 2.38 24.54 22.98
C THR A 72 2.63 23.26 23.77
N GLY A 73 3.83 23.17 24.34
CA GLY A 73 4.13 22.14 25.30
C GLY A 73 4.14 20.73 24.72
N GLY A 74 4.08 19.76 25.64
CA GLY A 74 4.10 18.37 25.25
C GLY A 74 5.42 17.99 24.60
N ALA A 75 5.34 17.06 23.64
CA ALA A 75 6.51 16.66 22.86
C ALA A 75 6.78 17.77 21.85
N ALA A 76 7.56 18.75 22.27
CA ALA A 76 7.90 19.89 21.43
C ALA A 76 8.93 19.57 20.36
N THR A 77 9.24 18.29 20.17
CA THR A 77 10.18 17.84 19.15
C THR A 77 9.51 17.03 18.06
N GLU A 78 8.20 17.10 17.93
CA GLU A 78 7.47 16.28 16.98
C GLU A 78 6.53 17.15 16.15
N VAL A 79 6.31 16.72 14.90
CA VAL A 79 5.32 17.37 14.05
C VAL A 79 3.93 17.15 14.62
N LYS A 80 3.12 18.21 14.61
CA LYS A 80 1.77 18.14 15.14
C LYS A 80 0.70 17.99 14.06
N SER A 81 0.96 18.50 12.86
CA SER A 81 -0.04 18.43 11.80
C SER A 81 0.63 18.63 10.45
N TYR A 82 -0.08 18.24 9.40
CA TYR A 82 0.36 18.46 8.02
C TYR A 82 -0.80 18.96 7.17
N SER A 83 -1.46 20.03 7.62
CA SER A 83 -2.49 20.66 6.80
C SER A 83 -1.93 20.99 5.42
N ASN A 84 -2.45 20.33 4.38
CA ASN A 84 -1.86 20.35 3.05
C ASN A 84 -2.93 20.63 2.01
N ALA A 85 -2.50 20.76 0.76
CA ALA A 85 -3.38 20.95 -0.38
C ALA A 85 -2.95 19.94 -1.45
N ALA A 86 -3.55 18.75 -1.40
CA ALA A 86 -3.18 17.66 -2.29
C ALA A 86 -3.91 17.77 -3.62
N LEU A 87 -3.34 17.13 -4.63
CA LEU A 87 -3.85 17.17 -5.99
C LEU A 87 -4.18 15.75 -6.44
N VAL A 88 -5.31 15.59 -7.12
CA VAL A 88 -5.73 14.31 -7.66
C VAL A 88 -5.33 14.24 -9.13
N PHE A 89 -4.77 13.11 -9.54
CA PHE A 89 -4.22 12.97 -10.88
C PHE A 89 -4.20 11.49 -11.23
N SER A 90 -3.90 11.21 -12.49
CA SER A 90 -3.76 9.83 -12.93
C SER A 90 -2.45 9.25 -12.43
N LYS A 91 -2.52 8.08 -11.81
CA LYS A 91 -1.36 7.44 -11.20
C LYS A 91 -0.44 6.95 -12.32
N LYS A 92 0.64 7.67 -12.57
CA LYS A 92 1.56 7.35 -13.66
C LYS A 92 2.94 7.00 -13.12
N GLN A 93 3.63 6.13 -13.84
CA GLN A 93 5.00 5.77 -13.50
C GLN A 93 5.93 6.96 -13.76
N ILE A 94 7.09 6.93 -13.11
CA ILE A 94 8.02 8.06 -13.20
C ILE A 94 8.53 8.22 -14.63
N LYS A 95 8.87 7.11 -15.30
CA LYS A 95 9.42 7.20 -16.64
C LYS A 95 8.41 7.75 -17.65
N ASN A 96 7.13 7.72 -17.35
CA ASN A 96 6.10 8.22 -18.25
C ASN A 96 5.69 9.66 -17.94
N ILE A 97 6.30 10.30 -16.96
CA ILE A 97 5.96 11.67 -16.59
C ILE A 97 6.85 12.62 -17.38
N LYS A 98 6.22 13.60 -18.02
CA LYS A 98 6.95 14.55 -18.84
C LYS A 98 7.36 15.79 -18.05
N SER A 99 6.40 16.45 -17.40
CA SER A 99 6.70 17.64 -16.62
C SER A 99 5.67 17.78 -15.51
N ILE A 100 6.10 18.31 -14.37
CA ILE A 100 5.22 18.59 -13.25
C ILE A 100 5.40 20.06 -12.87
N PRO A 101 4.87 21.00 -13.66
CA PRO A 101 5.07 22.41 -13.34
C PRO A 101 4.30 22.80 -12.10
N THR A 102 4.98 23.46 -11.17
CA THR A 102 4.38 23.83 -9.90
C THR A 102 4.79 25.24 -9.52
N LYS A 103 3.82 26.02 -9.05
CA LYS A 103 4.07 27.37 -8.55
C LYS A 103 3.35 27.54 -7.22
N MET A 104 4.06 28.07 -6.23
CA MET A 104 3.50 28.25 -4.90
C MET A 104 4.03 29.55 -4.32
N LYS A 105 3.13 30.48 -4.00
CA LYS A 105 3.48 31.72 -3.32
C LYS A 105 2.76 31.75 -1.99
N TYR A 106 3.50 31.96 -0.91
CA TYR A 106 2.92 31.95 0.42
C TYR A 106 3.56 33.03 1.28
N SER A 107 2.81 33.45 2.29
CA SER A 107 3.29 34.35 3.32
C SER A 107 2.94 33.74 4.66
N TYR A 108 3.71 34.10 5.68
CA TYR A 108 3.50 33.52 6.99
C TYR A 108 3.56 34.61 8.05
N SER A 109 2.90 34.37 9.18
CA SER A 109 2.86 35.35 10.26
C SER A 109 2.74 34.60 11.60
N HIS A 110 3.80 34.68 12.40
CA HIS A 110 3.77 34.22 13.78
C HIS A 110 3.68 35.43 14.72
N SER A 111 3.50 35.17 16.00
CA SER A 111 3.15 36.24 16.94
C SER A 111 4.22 36.50 17.99
N SER A 112 4.60 35.51 18.81
CA SER A 112 5.34 35.79 20.02
C SER A 112 6.75 35.23 20.01
N GLY A 113 6.91 33.92 19.85
CA GLY A 113 8.23 33.32 19.97
C GLY A 113 8.12 31.82 20.06
N THR A 114 9.23 31.21 20.48
CA THR A 114 9.42 29.76 20.58
C THR A 114 8.79 29.04 19.38
N PHE A 115 9.10 29.57 18.20
CA PHE A 115 8.47 29.14 16.95
C PHE A 115 9.33 28.15 16.18
N VAL A 116 8.75 26.99 15.88
CA VAL A 116 9.37 25.96 15.04
C VAL A 116 8.30 25.48 14.07
N ALA A 117 8.62 25.50 12.78
CA ALA A 117 7.68 25.04 11.75
C ALA A 117 8.45 24.74 10.48
N ASP A 118 7.70 24.49 9.41
CA ASP A 118 8.28 24.06 8.14
C ASP A 118 7.22 24.17 7.05
N VAL A 119 7.66 24.49 5.84
CA VAL A 119 6.82 24.48 4.64
C VAL A 119 7.42 23.46 3.69
N SER A 120 6.62 22.46 3.30
CA SER A 120 7.16 21.29 2.63
C SER A 120 6.23 20.77 1.56
N TYR A 121 6.83 20.25 0.50
CA TYR A 121 6.18 19.46 -0.52
C TYR A 121 6.42 17.99 -0.23
N ASP A 122 5.36 17.18 -0.32
CA ASP A 122 5.46 15.73 -0.21
C ASP A 122 5.09 15.07 -1.53
N LEU A 123 5.94 14.16 -1.98
CA LEU A 123 5.63 13.23 -3.05
C LEU A 123 5.72 11.81 -2.49
N PHE A 124 4.70 11.01 -2.74
CA PHE A 124 4.68 9.62 -2.30
C PHE A 124 4.61 8.72 -3.51
N THR A 125 5.56 7.78 -3.60
CA THR A 125 5.62 6.82 -4.70
C THR A 125 5.72 5.41 -4.14
N SER A 126 5.06 4.48 -4.84
CA SER A 126 5.03 3.08 -4.45
C SER A 126 5.20 2.21 -5.69
N SER A 127 5.29 0.90 -5.47
CA SER A 127 5.48 -0.03 -6.57
C SER A 127 4.28 -0.07 -7.50
N THR A 128 3.07 -0.07 -6.93
CA THR A 128 1.84 -0.11 -7.70
C THR A 128 1.11 1.22 -7.57
N ALA A 129 0.00 1.35 -8.29
CA ALA A 129 -0.80 2.57 -8.28
C ALA A 129 -1.67 2.70 -7.03
N SER A 130 -1.80 1.64 -6.24
CA SER A 130 -2.55 1.69 -4.99
C SER A 130 -1.88 0.71 -4.03
N GLY A 131 -0.98 1.23 -3.21
CA GLY A 131 -0.24 0.38 -2.28
C GLY A 131 0.48 1.23 -1.25
N SER A 132 1.12 0.53 -0.32
CA SER A 132 1.85 1.20 0.74
C SER A 132 3.02 1.99 0.17
N ASN A 133 3.26 3.17 0.73
CA ASN A 133 4.34 4.02 0.26
C ASN A 133 5.69 3.36 0.50
N GLU A 134 6.55 3.37 -0.51
CA GLU A 134 7.92 2.90 -0.36
C GLU A 134 8.94 4.00 -0.56
N TYR A 135 8.59 5.12 -1.17
CA TYR A 135 9.51 6.25 -1.27
C TYR A 135 8.75 7.54 -1.02
N GLU A 136 9.34 8.41 -0.19
CA GLU A 136 8.78 9.72 0.10
C GLU A 136 9.81 10.79 -0.25
N ILE A 137 9.35 11.88 -0.83
CA ILE A 137 10.20 12.98 -1.27
C ILE A 137 9.70 14.27 -0.62
N MET A 138 10.50 14.77 0.33
CA MET A 138 10.36 16.11 0.88
C MET A 138 11.00 17.14 -0.03
N ILE A 139 10.35 18.29 -0.14
CA ILE A 139 10.99 19.50 -0.64
C ILE A 139 10.69 20.61 0.36
N TRP A 140 11.70 21.00 1.15
CA TRP A 140 11.56 22.00 2.18
C TRP A 140 11.89 23.37 1.61
N LEU A 141 10.87 24.24 1.57
CA LEU A 141 11.05 25.60 1.07
C LEU A 141 11.36 26.59 2.18
N ALA A 142 11.23 26.20 3.44
CA ALA A 142 11.51 27.06 4.57
C ALA A 142 11.59 26.22 5.82
N ALA A 143 12.56 26.52 6.68
CA ALA A 143 12.76 25.81 7.93
C ALA A 143 12.98 26.83 9.04
N TYR A 144 12.05 26.89 9.99
CA TYR A 144 12.11 27.84 11.08
C TYR A 144 12.34 27.11 12.41
N GLY A 145 13.10 27.75 13.28
CA GLY A 145 13.24 27.24 14.64
C GLY A 145 14.09 26.01 14.80
N GLY A 146 14.91 25.68 13.82
CA GLY A 146 15.75 24.50 13.91
C GLY A 146 15.12 23.21 13.45
N ALA A 147 13.93 23.26 12.84
CA ALA A 147 13.33 22.07 12.28
C ALA A 147 14.17 21.58 11.11
N GLY A 148 14.43 20.28 11.08
CA GLY A 148 15.25 19.69 10.05
C GLY A 148 14.68 18.42 9.48
N PRO A 149 15.17 18.02 8.31
CA PRO A 149 14.70 16.78 7.68
C PRO A 149 15.26 15.55 8.38
N ILE A 150 14.58 14.42 8.14
CA ILE A 150 15.01 13.16 8.70
C ILE A 150 16.28 12.70 8.00
N SER A 151 17.27 12.29 8.78
CA SER A 151 18.53 11.84 8.22
C SER A 151 19.12 10.74 9.08
N SER A 152 19.63 9.69 8.44
CA SER A 152 20.28 8.62 9.16
C SER A 152 21.57 9.08 9.82
N THR A 153 22.33 9.93 9.13
CA THR A 153 23.61 10.41 9.63
C THR A 153 23.58 11.85 10.11
N GLY A 154 22.51 12.59 9.83
CA GLY A 154 22.44 13.98 10.22
C GLY A 154 23.20 14.92 9.31
N LYS A 155 23.71 14.44 8.18
CA LYS A 155 24.48 15.27 7.25
C LYS A 155 23.95 15.08 5.84
N ALA A 156 24.06 16.13 5.04
CA ALA A 156 23.59 16.10 3.66
C ALA A 156 24.45 15.16 2.83
N ILE A 157 23.82 14.56 1.81
CA ILE A 157 24.51 13.62 0.94
C ILE A 157 24.64 14.11 -0.49
N ALA A 158 24.13 15.29 -0.81
CA ALA A 158 24.23 15.82 -2.16
C ALA A 158 23.88 17.30 -2.15
N THR A 159 24.46 18.04 -3.10
CA THR A 159 24.15 19.45 -3.30
C THR A 159 23.70 19.63 -4.74
N VAL A 160 22.46 20.08 -4.93
CA VAL A 160 21.83 20.15 -6.23
C VAL A 160 21.30 21.55 -6.47
N THR A 161 21.62 22.11 -7.64
CA THR A 161 21.08 23.39 -8.06
C THR A 161 20.08 23.16 -9.19
N ILE A 162 18.83 23.49 -8.96
CA ILE A 162 17.75 23.31 -9.93
C ILE A 162 17.00 24.63 -10.08
N GLY A 163 17.00 25.17 -11.29
CA GLY A 163 16.23 26.37 -11.59
C GLY A 163 16.61 27.58 -10.76
N SER A 164 17.91 27.83 -10.61
CA SER A 164 18.42 28.94 -9.81
C SER A 164 17.91 28.85 -8.37
N ASN A 165 18.15 27.70 -7.74
CA ASN A 165 17.76 27.47 -6.36
C ASN A 165 18.59 26.33 -5.80
N SER A 166 19.41 26.62 -4.80
CA SER A 166 20.27 25.59 -4.21
C SER A 166 19.47 24.68 -3.30
N PHE A 167 19.95 23.44 -3.16
CA PHE A 167 19.29 22.45 -2.33
C PHE A 167 20.33 21.49 -1.79
N LYS A 168 20.13 21.06 -0.55
CA LYS A 168 20.89 19.96 0.04
C LYS A 168 19.99 18.75 0.21
N LEU A 169 20.51 17.58 -0.10
CA LEU A 169 19.73 16.34 -0.11
C LEU A 169 20.07 15.53 1.13
N TYR A 170 19.04 15.04 1.79
CA TYR A 170 19.16 14.20 2.97
C TYR A 170 18.41 12.90 2.74
N LYS A 171 18.90 11.82 3.33
CA LYS A 171 18.31 10.50 3.20
C LYS A 171 18.05 9.92 4.59
N GLY A 172 16.89 9.32 4.78
CA GLY A 172 16.55 8.75 6.06
C GLY A 172 15.52 7.65 6.01
N PRO A 173 15.43 6.87 7.08
CA PRO A 173 14.36 5.88 7.18
C PRO A 173 13.15 6.38 7.95
N ASN A 174 11.97 5.88 7.59
CA ASN A 174 10.74 6.12 8.35
C ASN A 174 9.95 4.82 8.25
N GLY A 175 10.07 3.98 9.25
CA GLY A 175 9.47 2.66 9.17
C GLY A 175 10.11 1.89 8.04
N SER A 176 9.29 1.46 7.09
CA SER A 176 9.75 0.76 5.91
C SER A 176 9.88 1.67 4.69
N THR A 177 9.75 2.97 4.88
CA THR A 177 9.80 3.94 3.80
C THR A 177 11.14 4.66 3.80
N THR A 178 11.65 4.97 2.63
CA THR A 178 12.86 5.78 2.47
C THR A 178 12.44 7.20 2.16
N VAL A 179 12.91 8.16 2.97
CA VAL A 179 12.55 9.56 2.84
C VAL A 179 13.77 10.31 2.34
N PHE A 180 13.66 10.85 1.12
CA PHE A 180 14.63 11.78 0.57
C PHE A 180 14.11 13.19 0.83
N SER A 181 15.02 14.14 1.01
CA SER A 181 14.63 15.50 1.38
C SER A 181 15.52 16.50 0.66
N PHE A 182 14.90 17.39 -0.11
CA PHE A 182 15.59 18.51 -0.75
C PHE A 182 15.30 19.77 0.07
N VAL A 183 16.26 20.21 0.86
CA VAL A 183 16.09 21.36 1.74
C VAL A 183 16.75 22.56 1.09
N ALA A 184 16.00 23.65 0.94
CA ALA A 184 16.57 24.85 0.35
C ALA A 184 17.59 25.48 1.27
N THR A 185 18.49 26.26 0.67
CA THR A 185 19.50 26.99 1.43
C THR A 185 19.03 28.38 1.84
N LYS A 186 18.16 28.99 1.05
CA LYS A 186 17.51 30.24 1.40
C LYS A 186 16.00 30.03 1.39
N THR A 187 15.31 30.73 2.29
CA THR A 187 13.86 30.61 2.36
C THR A 187 13.23 31.07 1.05
N ILE A 188 12.31 30.27 0.53
CA ILE A 188 11.69 30.51 -0.77
C ILE A 188 10.22 30.78 -0.52
N THR A 189 9.85 32.05 -0.42
CA THR A 189 8.45 32.42 -0.29
C THR A 189 7.72 32.48 -1.62
N ASN A 190 8.44 32.34 -2.73
CA ASN A 190 7.85 32.36 -4.07
C ASN A 190 8.59 31.31 -4.89
N PHE A 191 7.94 30.16 -5.12
CA PHE A 191 8.56 29.02 -5.76
C PHE A 191 7.88 28.74 -7.09
N SER A 192 8.68 28.38 -8.09
CA SER A 192 8.15 28.05 -9.41
C SER A 192 9.17 27.13 -10.08
N ALA A 193 8.84 25.86 -10.23
CA ALA A 193 9.80 24.90 -10.74
C ALA A 193 9.08 23.69 -11.33
N ASP A 194 9.84 22.64 -11.59
CA ASP A 194 9.35 21.40 -12.16
C ASP A 194 9.83 20.25 -11.30
N LEU A 195 8.89 19.41 -10.85
CA LEU A 195 9.25 18.30 -9.98
C LEU A 195 9.92 17.16 -10.75
N GLN A 196 9.79 17.15 -12.08
CA GLN A 196 10.46 16.14 -12.87
C GLN A 196 11.97 16.26 -12.76
N LYS A 197 12.49 17.47 -12.52
CA LYS A 197 13.93 17.63 -12.33
C LYS A 197 14.39 16.88 -11.09
N PHE A 198 13.67 17.05 -9.97
CA PHE A 198 14.02 16.34 -8.74
C PHE A 198 13.87 14.84 -8.92
N LEU A 199 12.78 14.41 -9.56
CA LEU A 199 12.57 12.97 -9.74
C LEU A 199 13.63 12.35 -10.63
N SER A 200 14.02 13.04 -11.70
CA SER A 200 15.06 12.53 -12.60
C SER A 200 16.40 12.50 -11.91
N TYR A 201 16.72 13.51 -11.09
CA TYR A 201 17.95 13.47 -10.32
C TYR A 201 17.96 12.28 -9.39
N LEU A 202 16.84 12.02 -8.71
CA LEU A 202 16.79 10.88 -7.80
C LEU A 202 16.93 9.56 -8.55
N THR A 203 16.29 9.43 -9.71
CA THR A 203 16.37 8.18 -10.45
C THR A 203 17.77 7.95 -11.01
N LYS A 204 18.42 8.99 -11.52
CA LYS A 204 19.73 8.81 -12.13
C LYS A 204 20.81 8.56 -11.08
N ASN A 205 20.80 9.33 -10.00
CA ASN A 205 21.93 9.36 -9.07
C ASN A 205 21.68 8.56 -7.79
N GLN A 206 20.57 8.80 -7.12
CA GLN A 206 20.34 8.22 -5.80
C GLN A 206 19.75 6.82 -5.84
N GLY A 207 19.43 6.29 -7.02
CA GLY A 207 18.99 4.93 -7.14
C GLY A 207 17.51 4.69 -6.99
N LEU A 208 16.69 5.73 -7.13
CA LEU A 208 15.24 5.54 -7.08
C LEU A 208 14.77 4.82 -8.34
N PRO A 209 14.04 3.72 -8.21
CA PRO A 209 13.59 2.98 -9.40
C PRO A 209 12.70 3.85 -10.28
N SER A 210 12.85 3.70 -11.59
CA SER A 210 12.08 4.48 -12.54
C SER A 210 10.71 3.89 -12.82
N SER A 211 10.43 2.70 -12.31
CA SER A 211 9.14 2.05 -12.50
C SER A 211 8.16 2.34 -11.37
N GLN A 212 8.55 3.14 -10.38
CA GLN A 212 7.68 3.44 -9.27
C GLN A 212 6.48 4.27 -9.73
N TYR A 213 5.37 4.11 -9.03
CA TYR A 213 4.13 4.82 -9.34
C TYR A 213 4.01 6.02 -8.40
N LEU A 214 3.99 7.21 -8.97
CA LEU A 214 3.83 8.43 -8.16
C LEU A 214 2.42 8.47 -7.61
N ILE A 215 2.27 8.13 -6.33
CA ILE A 215 0.95 8.01 -5.74
C ILE A 215 0.35 9.38 -5.45
N THR A 216 1.00 10.18 -4.61
CA THR A 216 0.41 11.44 -4.18
C THR A 216 1.38 12.59 -4.28
N LEU A 217 0.82 13.78 -4.53
CA LEU A 217 1.51 15.05 -4.54
C LEU A 217 0.77 16.01 -3.63
N GLU A 218 1.50 16.71 -2.76
CA GLU A 218 0.85 17.61 -1.82
C GLU A 218 1.86 18.64 -1.33
N ALA A 219 1.35 19.74 -0.80
CA ALA A 219 2.21 20.83 -0.32
C ALA A 219 1.51 21.56 0.81
N GLY A 220 2.25 21.85 1.87
CA GLY A 220 1.64 22.55 2.99
C GLY A 220 2.62 22.75 4.13
N THR A 221 2.07 23.25 5.24
CA THR A 221 2.84 23.54 6.43
C THR A 221 2.99 22.30 7.30
N GLU A 222 3.84 22.41 8.31
CA GLU A 222 4.20 21.28 9.15
C GLU A 222 4.74 21.78 10.48
N PRO A 223 3.86 22.23 11.38
CA PRO A 223 4.32 22.93 12.58
C PRO A 223 4.84 21.98 13.67
N PHE A 224 5.67 22.55 14.54
CA PHE A 224 6.09 21.91 15.77
C PHE A 224 5.55 22.66 16.99
N VAL A 225 5.88 23.94 17.12
CA VAL A 225 5.41 24.80 18.20
C VAL A 225 5.13 26.16 17.62
N GLY A 226 4.04 26.78 18.07
CA GLY A 226 3.70 28.11 17.60
C GLY A 226 2.62 28.72 18.46
N THR A 227 2.48 30.04 18.34
CA THR A 227 1.48 30.79 19.08
C THR A 227 0.88 31.83 18.17
N ASN A 228 -0.44 31.78 17.98
CA ASN A 228 -1.18 32.69 17.11
C ASN A 228 -0.47 32.75 15.75
N ALA A 229 -0.52 31.61 15.08
CA ALA A 229 0.24 31.38 13.87
C ALA A 229 -0.68 31.27 12.67
N LYS A 230 -0.30 31.88 11.56
CA LYS A 230 -1.16 31.85 10.37
C LYS A 230 -0.33 31.88 9.11
N MET A 231 -0.60 30.94 8.20
CA MET A 231 0.05 30.86 6.91
C MET A 231 -0.99 31.02 5.82
N THR A 232 -0.72 31.90 4.86
CA THR A 232 -1.65 32.18 3.77
C THR A 232 -0.98 31.85 2.45
N VAL A 233 -1.60 30.96 1.67
CA VAL A 233 -1.11 30.62 0.34
C VAL A 233 -1.81 31.54 -0.65
N SER A 234 -1.08 32.53 -1.15
CA SER A 234 -1.67 33.45 -2.12
C SER A 234 -1.96 32.79 -3.46
N SER A 235 -1.26 31.70 -3.77
CA SER A 235 -1.47 30.96 -5.00
C SER A 235 -0.73 29.64 -4.92
N PHE A 236 -1.36 28.59 -5.46
CA PHE A 236 -0.70 27.29 -5.58
C PHE A 236 -1.32 26.54 -6.74
N SER A 237 -0.49 26.15 -7.70
CA SER A 237 -0.95 25.41 -8.86
C SER A 237 0.00 24.26 -9.14
N ALA A 238 -0.54 23.16 -9.65
CA ALA A 238 0.27 22.01 -10.00
C ALA A 238 -0.48 21.17 -11.02
N ALA A 239 0.29 20.34 -11.74
CA ALA A 239 -0.28 19.42 -12.70
C ALA A 239 0.76 18.36 -13.02
N VAL A 240 0.29 17.23 -13.56
CA VAL A 240 1.15 16.14 -14.00
C VAL A 240 0.87 15.88 -15.47
N ASN A 241 1.93 15.90 -16.27
CA ASN A 241 1.80 15.67 -17.71
C ASN A 241 2.41 14.33 -18.10
N LEU B 29 38.60 30.03 42.02
CA LEU B 29 37.55 29.53 41.14
C LEU B 29 36.59 30.64 40.77
N CYS B 30 36.17 30.64 39.49
CA CYS B 30 35.19 31.60 38.96
C CYS B 30 35.67 33.04 39.15
N ILE B 31 36.74 33.36 38.42
CA ILE B 31 37.19 34.74 38.33
C ILE B 31 36.04 35.62 37.86
N GLU B 32 35.91 36.79 38.49
CA GLU B 32 34.75 37.65 38.25
C GLU B 32 34.67 38.10 36.80
N LYS B 33 35.81 38.47 36.22
CA LYS B 33 35.81 38.96 34.85
C LYS B 33 35.37 37.88 33.87
N GLU B 34 35.79 36.63 34.13
CA GLU B 34 35.35 35.53 33.29
C GLU B 34 33.84 35.34 33.35
N ARG B 35 33.28 35.42 34.56
CA ARG B 35 31.83 35.29 34.71
C ARG B 35 31.10 36.42 33.99
N ASP B 36 31.63 37.64 34.11
CA ASP B 36 31.00 38.77 33.42
C ASP B 36 31.05 38.59 31.91
N ALA B 37 32.18 38.08 31.40
CA ALA B 37 32.28 37.82 29.96
C ALA B 37 31.28 36.78 29.51
N LEU B 38 31.12 35.70 30.30
CA LEU B 38 30.14 34.69 29.97
C LEU B 38 28.72 35.25 29.98
N LEU B 39 28.41 36.09 30.96
CA LEU B 39 27.08 36.69 31.03
C LEU B 39 26.83 37.62 29.85
N GLU B 40 27.82 38.41 29.46
CA GLU B 40 27.65 39.28 28.31
C GLU B 40 27.48 38.46 27.03
N PHE B 41 28.20 37.34 26.92
CA PHE B 41 27.99 36.43 25.79
C PHE B 41 26.57 35.90 25.76
N LYS B 42 26.05 35.48 26.92
CA LYS B 42 24.68 34.97 26.99
C LYS B 42 23.68 36.06 26.64
N ARG B 43 23.98 37.31 26.98
CA ARG B 43 23.02 38.40 26.76
C ARG B 43 22.65 38.51 25.29
N GLY B 44 23.63 38.44 24.38
CA GLY B 44 23.33 38.51 22.97
C GLY B 44 22.56 37.32 22.46
N LEU B 45 22.93 36.12 22.92
CA LEU B 45 22.28 34.90 22.45
C LEU B 45 20.85 34.83 22.93
N SER B 46 19.96 34.34 22.06
CA SER B 46 18.55 34.19 22.36
C SER B 46 18.25 32.70 22.52
N ASP B 47 18.07 32.26 23.76
CA ASP B 47 17.72 30.89 24.04
C ASP B 47 16.23 30.75 24.25
N ASN B 48 15.66 29.67 23.70
CA ASN B 48 14.24 29.41 23.82
C ASN B 48 13.92 28.03 24.39
N PHE B 49 14.91 27.17 24.61
CA PHE B 49 14.65 25.79 24.99
C PHE B 49 15.35 25.39 26.28
N GLY B 50 15.68 26.35 27.14
CA GLY B 50 16.18 26.05 28.46
C GLY B 50 17.68 25.95 28.59
N GLN B 51 18.42 26.00 27.48
CA GLN B 51 19.88 26.05 27.58
C GLN B 51 20.30 27.37 28.20
N LEU B 52 21.46 27.37 28.85
CA LEU B 52 21.98 28.53 29.55
C LEU B 52 21.06 29.00 30.67
N SER B 53 20.19 28.11 31.17
CA SER B 53 19.33 28.47 32.29
C SER B 53 20.12 28.56 33.58
N THR B 54 21.18 27.76 33.72
CA THR B 54 22.02 27.85 34.90
C THR B 54 22.81 29.16 34.91
N TRP B 55 23.15 29.68 33.74
CA TRP B 55 23.92 30.92 33.65
C TRP B 55 23.07 32.09 34.13
N GLY B 56 23.63 32.91 35.00
CA GLY B 56 22.91 34.06 35.50
C GLY B 56 23.74 34.82 36.52
N ASP B 57 23.27 36.03 36.83
CA ASP B 57 23.93 36.91 37.78
C ASP B 57 23.33 36.83 39.18
N GLU B 58 22.35 35.95 39.39
CA GLU B 58 21.77 35.79 40.71
C GLU B 58 22.81 35.23 41.67
N GLU B 59 22.66 35.59 42.96
CA GLU B 59 23.64 35.18 43.96
C GLU B 59 23.75 33.67 44.08
N ASP B 60 22.64 32.95 43.89
CA ASP B 60 22.67 31.49 44.01
C ASP B 60 23.48 30.85 42.89
N LYS B 61 23.65 31.53 41.76
CA LYS B 61 24.39 31.01 40.61
C LYS B 61 25.77 31.66 40.48
N LYS B 62 26.43 31.90 41.61
CA LYS B 62 27.72 32.59 41.58
C LYS B 62 28.84 31.69 41.08
N GLU B 63 28.76 30.39 41.36
CA GLU B 63 29.84 29.47 41.01
C GLU B 63 29.88 29.27 39.51
N CYS B 64 31.04 29.53 38.91
CA CYS B 64 31.19 29.39 37.46
C CYS B 64 31.26 27.93 37.03
N CYS B 65 31.99 27.11 37.80
CA CYS B 65 32.27 25.74 37.38
C CYS B 65 31.03 24.87 37.30
N LYS B 66 30.01 25.16 38.11
CA LYS B 66 28.81 24.33 38.16
C LYS B 66 27.87 24.57 36.99
N TRP B 67 28.15 25.56 36.14
CA TRP B 67 27.27 25.84 35.02
C TRP B 67 27.36 24.74 33.98
N LYS B 68 26.31 24.64 33.17
CA LYS B 68 26.24 23.60 32.14
C LYS B 68 27.15 23.96 30.99
N GLY B 69 28.04 23.05 30.62
CA GLY B 69 28.94 23.25 29.50
C GLY B 69 30.21 24.01 29.82
N ILE B 70 30.47 24.30 31.08
CA ILE B 70 31.67 25.03 31.50
C ILE B 70 32.45 24.15 32.45
N GLU B 71 33.71 23.88 32.10
CA GLU B 71 34.64 23.18 32.98
C GLU B 71 35.79 24.11 33.32
N CYS B 72 36.29 24.01 34.55
CA CYS B 72 37.30 24.91 35.04
C CYS B 72 38.49 24.12 35.58
N ASN B 73 39.65 24.78 35.62
CA ASN B 73 40.82 24.17 36.21
C ASN B 73 40.62 23.97 37.69
N LYS B 74 41.32 22.98 38.25
CA LYS B 74 41.15 22.67 39.67
C LYS B 74 42.06 23.54 40.53
N THR B 75 43.32 23.72 40.11
CA THR B 75 44.24 24.56 40.88
C THR B 75 43.83 26.03 40.78
N THR B 76 43.85 26.58 39.58
CA THR B 76 43.36 27.93 39.35
C THR B 76 41.87 27.86 39.01
N GLY B 77 41.30 28.95 38.52
CA GLY B 77 39.87 28.97 38.26
C GLY B 77 39.48 29.28 36.83
N HIS B 78 40.46 29.33 35.93
CA HIS B 78 40.18 29.70 34.55
C HIS B 78 39.37 28.62 33.85
N VAL B 79 38.54 29.04 32.90
CA VAL B 79 37.71 28.12 32.14
C VAL B 79 38.57 27.41 31.10
N ILE B 80 38.40 26.09 30.99
CA ILE B 80 39.16 25.31 30.04
C ILE B 80 38.28 24.77 28.92
N VAL B 81 36.99 24.53 29.18
CA VAL B 81 36.09 23.91 28.22
C VAL B 81 34.82 24.75 28.12
N LEU B 82 34.35 24.95 26.89
CA LEU B 82 33.08 25.63 26.62
C LEU B 82 32.43 24.90 25.46
N ASP B 83 31.51 23.98 25.76
CA ASP B 83 30.84 23.17 24.75
C ASP B 83 29.32 23.37 24.79
N LEU B 84 28.86 24.39 24.08
CA LEU B 84 27.43 24.63 23.90
C LEU B 84 26.96 23.98 22.59
N HIS B 85 26.98 22.67 22.56
CA HIS B 85 26.58 21.91 21.39
C HIS B 85 25.29 21.14 21.66
N ASN B 86 24.61 20.76 20.58
CA ASN B 86 23.35 20.04 20.69
C ASN B 86 23.38 18.75 19.89
N ALA B 87 22.22 18.09 19.80
CA ALA B 87 22.09 16.86 19.03
C ALA B 87 20.72 16.83 18.37
N PHE B 88 20.61 16.04 17.31
CA PHE B 88 19.37 15.92 16.57
C PHE B 88 18.54 14.78 17.19
N THR B 89 17.37 15.14 17.71
CA THR B 89 16.39 14.14 18.12
C THR B 89 15.33 14.00 17.03
N CYS B 90 15.14 12.79 16.54
CA CYS B 90 14.39 12.54 15.32
C CYS B 90 13.08 11.81 15.62
N SER B 91 12.09 12.09 14.79
CA SER B 91 10.75 11.53 14.93
C SER B 91 10.42 10.86 13.60
N ALA B 92 9.13 10.62 13.37
CA ALA B 92 8.64 9.92 12.18
C ALA B 92 9.33 10.37 10.90
N SER B 93 9.18 11.63 10.53
CA SER B 93 9.77 12.10 9.29
C SER B 93 10.37 13.50 9.42
N ALA B 94 10.82 13.85 10.62
CA ALA B 94 11.45 15.15 10.84
C ALA B 94 12.33 15.07 12.08
N CYS B 95 13.46 15.76 12.02
CA CYS B 95 14.37 15.89 13.14
C CYS B 95 14.42 17.35 13.59
N PHE B 96 14.66 17.54 14.88
CA PHE B 96 14.73 18.87 15.45
C PHE B 96 15.94 18.96 16.36
N ALA B 97 16.62 20.11 16.34
CA ALA B 97 17.76 20.37 17.19
C ALA B 97 17.57 21.73 17.86
N PRO B 98 17.78 21.82 19.17
CA PRO B 98 17.58 23.09 19.89
C PRO B 98 18.70 24.10 19.64
N ARG B 99 18.59 24.79 18.51
CA ARG B 99 19.64 25.70 18.09
C ARG B 99 19.69 26.94 18.97
N LEU B 100 20.86 27.58 18.99
CA LEU B 100 21.08 28.82 19.71
C LEU B 100 21.24 29.93 18.67
N THR B 101 20.28 30.85 18.63
CA THR B 101 20.29 31.96 17.67
C THR B 101 20.72 33.24 18.37
N GLY B 102 21.51 34.04 17.67
CA GLY B 102 21.99 35.28 18.24
C GLY B 102 23.26 35.74 17.53
N LYS B 103 24.09 36.46 18.28
CA LYS B 103 25.34 37.00 17.77
C LYS B 103 26.48 36.57 18.69
N LEU B 104 27.54 36.03 18.11
CA LEU B 104 28.69 35.58 18.87
C LEU B 104 29.45 36.79 19.40
N SER B 105 29.41 37.00 20.70
CA SER B 105 30.01 38.18 21.29
C SER B 105 31.53 38.08 21.27
N PRO B 106 32.24 39.18 21.05
CA PRO B 106 33.70 39.15 21.10
C PRO B 106 34.29 39.17 22.50
N SER B 107 33.46 39.14 23.54
CA SER B 107 33.98 39.13 24.90
C SER B 107 34.59 37.79 25.28
N LEU B 108 34.40 36.76 24.47
CA LEU B 108 34.98 35.46 24.75
C LEU B 108 36.50 35.52 24.83
N LEU B 109 37.11 36.56 24.25
CA LEU B 109 38.56 36.73 24.34
C LEU B 109 39.04 36.91 25.76
N GLU B 110 38.15 37.31 26.67
CA GLU B 110 38.54 37.43 28.08
C GLU B 110 38.84 36.07 28.71
N LEU B 111 38.51 34.98 28.03
CA LEU B 111 38.69 33.65 28.59
C LEU B 111 40.02 33.08 28.09
N GLU B 112 41.10 33.77 28.50
CA GLU B 112 42.39 33.66 27.83
C GLU B 112 43.04 32.29 27.98
N TYR B 113 42.59 31.45 28.91
CA TYR B 113 43.15 30.12 29.09
C TYR B 113 42.29 29.03 28.48
N LEU B 114 41.32 29.38 27.64
CA LEU B 114 40.41 28.40 27.06
C LEU B 114 41.15 27.55 26.03
N ASN B 115 40.96 26.23 26.11
CA ASN B 115 41.56 25.32 25.15
C ASN B 115 40.56 24.40 24.44
N PHE B 116 39.33 24.30 24.93
CA PHE B 116 38.29 23.49 24.30
C PHE B 116 37.10 24.39 24.00
N LEU B 117 36.81 24.59 22.71
CA LEU B 117 35.67 25.38 22.29
C LEU B 117 34.83 24.57 21.32
N ASP B 118 33.53 24.45 21.59
CA ASP B 118 32.63 23.63 20.79
C ASP B 118 31.30 24.37 20.65
N LEU B 119 31.03 24.86 19.45
CA LEU B 119 29.76 25.50 19.11
C LEU B 119 29.29 24.84 17.82
N SER B 120 28.65 23.68 17.93
CA SER B 120 28.49 22.84 16.75
C SER B 120 27.15 23.02 16.06
N VAL B 121 26.05 22.64 16.71
CA VAL B 121 24.77 22.54 16.02
C VAL B 121 23.99 23.85 16.04
N ASN B 122 24.37 24.79 16.91
CA ASN B 122 23.68 26.06 16.99
C ASN B 122 23.78 26.80 15.66
N GLU B 123 22.71 27.51 15.31
CA GLU B 123 22.72 28.44 14.17
C GLU B 123 22.62 29.84 14.74
N PHE B 124 23.73 30.57 14.75
CA PHE B 124 23.76 31.95 15.17
C PHE B 124 23.40 32.82 13.98
N GLU B 125 23.66 34.11 14.07
CA GLU B 125 23.54 34.96 12.89
C GLU B 125 24.35 34.36 11.75
N ARG B 126 23.65 33.94 10.70
CA ARG B 126 24.26 33.16 9.63
C ARG B 126 25.16 34.08 8.81
N SER B 127 26.38 34.26 9.31
CA SER B 127 27.31 35.22 8.73
C SER B 127 28.70 34.59 8.76
N GLU B 128 29.71 35.42 8.57
CA GLU B 128 31.09 34.95 8.51
C GLU B 128 31.49 34.34 9.86
N ILE B 129 32.44 33.41 9.82
CA ILE B 129 33.03 32.96 11.07
C ILE B 129 33.73 34.13 11.74
N PRO B 130 33.45 34.43 13.00
CA PRO B 130 34.06 35.60 13.63
C PRO B 130 35.59 35.48 13.66
N ARG B 131 36.26 36.59 13.40
CA ARG B 131 37.72 36.57 13.30
C ARG B 131 38.40 36.58 14.66
N PHE B 132 37.73 37.05 15.71
CA PHE B 132 38.37 37.14 17.01
C PHE B 132 38.85 35.80 17.52
N ILE B 133 38.29 34.70 17.01
CA ILE B 133 38.71 33.37 17.42
C ILE B 133 40.18 33.13 17.11
N CYS B 134 40.78 33.95 16.22
CA CYS B 134 42.19 33.78 15.93
C CYS B 134 43.09 34.11 17.12
N SER B 135 42.56 34.78 18.14
CA SER B 135 43.42 35.27 19.21
C SER B 135 43.06 34.67 20.57
N PHE B 136 42.87 33.36 20.63
CA PHE B 136 42.74 32.65 21.89
C PHE B 136 44.07 32.14 22.42
N LYS B 137 45.00 31.80 21.53
CA LYS B 137 46.41 31.61 21.83
C LYS B 137 46.68 30.30 22.58
N ARG B 138 45.62 29.61 22.99
CA ARG B 138 45.78 28.31 23.64
C ARG B 138 44.76 27.28 23.19
N LEU B 139 44.03 27.52 22.11
CA LEU B 139 42.99 26.60 21.68
C LEU B 139 43.62 25.32 21.17
N GLU B 140 43.16 24.19 21.71
CA GLU B 140 43.57 22.87 21.23
C GLU B 140 42.40 22.10 20.63
N TYR B 141 41.26 22.75 20.46
CA TYR B 141 40.06 22.09 19.93
C TYR B 141 39.09 23.16 19.47
N LEU B 142 38.58 23.01 18.26
CA LEU B 142 37.55 23.89 17.74
C LEU B 142 36.58 23.06 16.91
N ASN B 143 35.29 23.31 17.11
CA ASN B 143 34.25 22.57 16.39
C ASN B 143 33.09 23.52 16.12
N LEU B 144 33.07 24.06 14.91
CA LEU B 144 31.94 24.85 14.40
C LEU B 144 31.16 24.09 13.34
N SER B 145 31.20 22.77 13.40
CA SER B 145 30.59 21.94 12.37
C SER B 145 29.09 21.85 12.54
N SER B 146 28.38 21.88 11.41
CA SER B 146 26.93 21.76 11.30
C SER B 146 26.19 23.01 11.77
N SER B 147 26.88 24.12 11.97
CA SER B 147 26.24 25.41 12.15
C SER B 147 25.84 25.94 10.78
N PHE B 148 25.49 27.22 10.72
CA PHE B 148 25.06 27.83 9.47
C PHE B 148 25.98 28.98 9.07
N PHE B 149 27.28 28.81 9.33
CA PHE B 149 28.25 29.80 8.90
C PHE B 149 28.36 29.82 7.39
N SER B 150 28.71 30.98 6.84
CA SER B 150 28.83 31.16 5.40
C SER B 150 30.04 32.02 5.09
N GLY B 151 30.37 32.08 3.80
CA GLY B 151 31.45 32.94 3.35
C GLY B 151 32.82 32.33 3.53
N LEU B 152 33.83 33.14 3.22
CA LEU B 152 35.21 32.68 3.23
C LEU B 152 35.71 32.50 4.65
N ILE B 153 36.55 31.50 4.83
CA ILE B 153 37.25 31.32 6.11
C ILE B 153 38.19 32.50 6.33
N PRO B 154 38.17 33.13 7.49
CA PRO B 154 39.05 34.30 7.72
C PRO B 154 40.52 33.93 7.59
N THR B 155 41.30 34.86 7.04
CA THR B 155 42.72 34.61 6.86
C THR B 155 43.50 34.68 8.17
N GLN B 156 42.88 35.12 9.25
CA GLN B 156 43.56 35.28 10.52
C GLN B 156 43.77 33.97 11.26
N PHE B 157 43.16 32.88 10.80
CA PHE B 157 43.30 31.58 11.45
C PHE B 157 44.74 31.10 11.46
N LYS B 158 45.64 31.87 10.86
CA LYS B 158 47.06 31.56 10.92
C LYS B 158 47.64 31.78 12.31
N ASN B 159 46.94 32.52 13.18
CA ASN B 159 47.38 32.65 14.57
C ASN B 159 47.02 31.45 15.44
N LEU B 160 46.23 30.50 14.95
CA LEU B 160 45.84 29.35 15.76
C LEU B 160 46.88 28.24 15.64
N THR B 161 48.08 28.53 16.14
CA THR B 161 49.20 27.61 16.02
C THR B 161 49.09 26.42 16.96
N SER B 162 48.37 26.56 18.07
CA SER B 162 48.29 25.51 19.08
C SER B 162 47.12 24.56 18.85
N LEU B 163 46.46 24.65 17.71
CA LEU B 163 45.25 23.87 17.46
C LEU B 163 45.59 22.47 17.03
N ARG B 164 44.97 21.48 17.68
CA ARG B 164 45.16 20.08 17.33
C ARG B 164 43.96 19.47 16.62
N ILE B 165 42.75 19.98 16.86
CA ILE B 165 41.54 19.47 16.24
C ILE B 165 40.79 20.65 15.63
N LEU B 166 40.55 20.59 14.33
CA LEU B 166 39.81 21.61 13.60
C LEU B 166 38.65 20.95 12.87
N ASP B 167 37.44 21.47 13.07
CA ASP B 167 36.23 20.90 12.47
C ASP B 167 35.33 22.04 12.03
N LEU B 168 35.32 22.33 10.74
CA LEU B 168 34.49 23.36 10.14
C LEU B 168 33.50 22.76 9.14
N GLY B 169 33.18 21.49 9.31
CA GLY B 169 32.46 20.76 8.30
C GLY B 169 30.99 21.13 8.22
N TYR B 170 30.45 21.00 7.00
CA TYR B 170 29.01 21.08 6.74
C TYR B 170 28.44 22.45 7.12
N ASN B 171 29.04 23.48 6.55
CA ASN B 171 28.51 24.84 6.55
C ASN B 171 28.49 25.33 5.11
N ASN B 172 27.85 26.48 4.89
CA ASN B 172 27.82 27.08 3.57
C ASN B 172 29.08 27.90 3.32
N LEU B 173 30.24 27.26 3.53
CA LEU B 173 31.52 27.92 3.42
C LEU B 173 32.09 27.76 2.02
N ILE B 174 32.92 28.73 1.63
CA ILE B 174 33.59 28.72 0.34
C ILE B 174 35.09 28.69 0.63
N VAL B 175 35.73 27.60 0.24
CA VAL B 175 37.16 27.41 0.44
C VAL B 175 37.83 27.43 -0.93
N LYS B 176 38.50 28.54 -1.25
CA LYS B 176 39.22 28.64 -2.51
C LYS B 176 40.70 28.92 -2.34
N ASP B 177 41.19 29.10 -1.12
CA ASP B 177 42.61 29.25 -0.85
C ASP B 177 42.93 28.64 0.50
N LEU B 178 44.02 27.88 0.56
CA LEU B 178 44.42 27.18 1.78
C LEU B 178 45.83 27.57 2.21
N THR B 179 46.20 28.83 1.99
CA THR B 179 47.53 29.29 2.37
C THR B 179 47.69 29.48 3.88
N TRP B 180 46.59 29.45 4.63
CA TRP B 180 46.67 29.59 6.07
C TRP B 180 46.96 28.28 6.78
N LEU B 181 46.71 27.14 6.14
CA LEU B 181 46.93 25.84 6.78
C LEU B 181 48.40 25.55 7.03
N SER B 182 49.32 26.26 6.36
CA SER B 182 50.74 25.95 6.51
C SER B 182 51.21 26.17 7.93
N HIS B 183 50.70 27.21 8.60
CA HIS B 183 51.16 27.53 9.94
C HIS B 183 50.63 26.56 10.99
N LEU B 184 49.41 26.05 10.81
CA LEU B 184 48.83 25.12 11.77
C LEU B 184 49.54 23.79 11.66
N SER B 185 50.66 23.67 12.38
CA SER B 185 51.54 22.51 12.28
C SER B 185 51.36 21.54 13.44
N SER B 186 50.31 21.69 14.23
CA SER B 186 50.06 20.79 15.36
C SER B 186 48.76 20.00 15.19
N LEU B 187 48.20 19.99 13.98
CA LEU B 187 46.92 19.35 13.76
C LEU B 187 47.05 17.83 13.70
N GLU B 188 46.06 17.15 14.26
CA GLU B 188 45.88 15.72 14.07
C GLU B 188 44.52 15.38 13.49
N LEU B 189 43.68 16.38 13.24
CA LEU B 189 42.30 16.13 12.84
C LEU B 189 41.81 17.39 12.12
N LEU B 190 41.63 17.28 10.80
CA LEU B 190 41.14 18.39 9.98
C LEU B 190 39.89 17.94 9.24
N SER B 191 38.84 18.76 9.30
CA SER B 191 37.58 18.46 8.65
C SER B 191 37.09 19.71 7.94
N LEU B 192 36.94 19.62 6.62
CA LEU B 192 36.46 20.73 5.81
C LEU B 192 35.35 20.28 4.86
N GLY B 193 34.54 19.32 5.29
CA GLY B 193 33.49 18.81 4.43
C GLY B 193 32.33 19.77 4.31
N GLY B 194 31.54 19.55 3.26
CA GLY B 194 30.37 20.38 3.01
C GLY B 194 30.67 21.74 2.42
N SER B 195 31.90 21.99 2.00
CA SER B 195 32.30 23.29 1.50
C SER B 195 32.27 23.33 -0.02
N ASP B 196 32.23 24.55 -0.56
CA ASP B 196 32.38 24.77 -2.00
C ASP B 196 33.87 24.74 -2.34
N PHE B 197 34.42 23.54 -2.27
CA PHE B 197 35.86 23.36 -2.38
C PHE B 197 36.33 23.63 -3.80
N GLN B 198 37.19 24.63 -3.96
CA GLN B 198 37.72 24.99 -5.27
C GLN B 198 39.24 25.08 -5.28
N VAL B 199 39.89 24.47 -4.30
CA VAL B 199 41.35 24.49 -4.22
C VAL B 199 41.91 23.51 -5.23
N LYS B 200 42.73 24.01 -6.16
CA LYS B 200 43.30 23.15 -7.20
C LYS B 200 44.40 22.25 -6.64
N ASN B 201 45.14 22.71 -5.63
CA ASN B 201 46.31 21.99 -5.16
C ASN B 201 46.17 21.60 -3.69
N TRP B 202 45.01 21.04 -3.32
CA TRP B 202 44.75 20.74 -1.93
C TRP B 202 45.70 19.68 -1.37
N PHE B 203 46.10 18.71 -2.20
CA PHE B 203 47.02 17.67 -1.73
C PHE B 203 48.34 18.27 -1.28
N GLN B 204 48.86 19.24 -2.04
CA GLN B 204 50.12 19.89 -1.69
C GLN B 204 50.05 20.58 -0.34
N GLU B 205 48.94 21.28 -0.08
CA GLU B 205 48.80 21.98 1.20
C GLU B 205 48.56 21.00 2.35
N ILE B 206 47.80 19.94 2.10
CA ILE B 206 47.51 18.98 3.17
C ILE B 206 48.77 18.23 3.57
N THR B 207 49.63 17.91 2.61
CA THR B 207 50.85 17.16 2.92
C THR B 207 51.81 17.94 3.80
N LYS B 208 51.63 19.25 3.94
CA LYS B 208 52.52 20.06 4.77
C LYS B 208 52.27 19.88 6.26
N LEU B 209 51.13 19.30 6.65
CA LEU B 209 50.83 19.06 8.06
C LEU B 209 51.46 17.74 8.48
N PRO B 210 52.57 17.75 9.21
CA PRO B 210 53.31 16.50 9.46
C PRO B 210 52.61 15.56 10.44
N LEU B 211 51.65 16.03 11.22
CA LEU B 211 51.03 15.19 12.25
C LEU B 211 49.57 14.85 11.94
N LEU B 212 49.14 15.02 10.70
CA LEU B 212 47.74 14.76 10.37
C LEU B 212 47.45 13.26 10.41
N LYS B 213 46.38 12.88 11.11
CA LYS B 213 45.97 11.49 11.19
C LYS B 213 44.65 11.18 10.52
N GLU B 214 43.73 12.14 10.42
CA GLU B 214 42.51 11.91 9.68
C GLU B 214 42.31 13.10 8.75
N LEU B 215 41.34 12.97 7.85
CA LEU B 215 41.02 14.07 6.95
C LEU B 215 39.61 13.87 6.43
N ASP B 216 38.71 14.79 6.75
CA ASP B 216 37.33 14.75 6.27
C ASP B 216 37.19 15.73 5.12
N LEU B 217 36.85 15.21 3.95
CA LEU B 217 36.64 16.04 2.76
C LEU B 217 35.39 15.58 2.03
N SER B 218 34.34 15.27 2.78
CA SER B 218 33.11 14.79 2.20
C SER B 218 32.33 15.94 1.58
N LEU B 219 31.50 15.59 0.58
CA LEU B 219 30.53 16.46 -0.07
C LEU B 219 31.19 17.58 -0.86
N CYS B 220 32.51 17.67 -0.86
CA CYS B 220 33.20 18.65 -1.68
C CYS B 220 33.18 18.20 -3.14
N GLY B 221 33.78 19.01 -4.01
CA GLY B 221 33.87 18.66 -5.41
C GLY B 221 35.17 17.97 -5.76
N LEU B 222 35.51 16.91 -5.03
CA LEU B 222 36.78 16.23 -5.25
C LEU B 222 36.84 15.47 -6.56
N SER B 223 35.70 15.27 -7.22
CA SER B 223 35.72 14.64 -8.53
C SER B 223 36.46 15.50 -9.55
N LYS B 224 36.25 16.81 -9.50
CA LYS B 224 36.87 17.75 -10.43
C LYS B 224 38.21 18.26 -9.95
N LEU B 225 38.70 17.79 -8.80
CA LEU B 225 39.97 18.23 -8.23
C LEU B 225 40.78 16.99 -7.90
N VAL B 226 41.51 16.47 -8.88
CA VAL B 226 42.34 15.28 -8.68
C VAL B 226 43.80 15.69 -8.70
N PRO B 227 44.64 15.10 -7.85
CA PRO B 227 46.05 15.49 -7.82
C PRO B 227 46.84 14.81 -8.95
N SER B 228 47.58 15.60 -9.70
CA SER B 228 48.44 15.05 -10.74
C SER B 228 49.60 14.28 -10.09
N PRO B 229 50.09 13.24 -10.77
CA PRO B 229 51.13 12.40 -10.15
C PRO B 229 52.39 13.16 -9.78
N ALA B 230 52.69 14.26 -10.49
CA ALA B 230 53.82 15.09 -10.10
C ALA B 230 53.63 15.68 -8.71
N GLU B 231 52.39 16.03 -8.36
CA GLU B 231 52.11 16.57 -7.03
C GLU B 231 52.36 15.53 -5.94
N ILE B 232 51.93 14.29 -6.17
CA ILE B 232 52.22 13.23 -5.21
C ILE B 232 53.72 13.00 -5.12
N ALA B 233 54.40 13.05 -6.27
CA ALA B 233 55.86 12.86 -6.27
C ALA B 233 56.55 13.94 -5.46
N ASN B 234 56.14 15.21 -5.63
CA ASN B 234 56.71 16.32 -4.86
C ASN B 234 55.77 16.65 -3.71
N SER B 235 55.90 15.88 -2.63
CA SER B 235 55.09 16.11 -1.44
C SER B 235 55.77 15.44 -0.25
N SER B 236 55.69 16.08 0.91
CA SER B 236 56.20 15.51 2.13
C SER B 236 55.34 14.33 2.57
N LEU B 237 55.96 13.38 3.26
CA LEU B 237 55.30 12.14 3.64
C LEU B 237 54.59 12.31 4.98
N ILE B 238 53.29 12.06 5.00
CA ILE B 238 52.49 12.04 6.22
C ILE B 238 51.68 10.76 6.23
N SER B 239 51.31 10.32 7.43
CA SER B 239 50.63 9.04 7.64
C SER B 239 49.21 9.32 8.12
N LEU B 240 48.22 9.02 7.28
CA LEU B 240 46.83 9.17 7.67
C LEU B 240 46.27 7.85 8.17
N SER B 241 45.21 7.96 8.97
CA SER B 241 44.51 6.79 9.48
C SER B 241 43.05 6.73 9.04
N VAL B 242 42.37 7.87 8.98
CA VAL B 242 40.96 7.92 8.60
C VAL B 242 40.80 8.86 7.43
N LEU B 243 40.10 8.39 6.39
CA LEU B 243 39.71 9.23 5.26
C LEU B 243 38.20 9.20 5.14
N HIS B 244 37.58 10.37 5.18
CA HIS B 244 36.13 10.52 4.99
C HIS B 244 35.94 11.19 3.64
N LEU B 245 35.92 10.38 2.59
CA LEU B 245 35.72 10.87 1.22
C LEU B 245 34.39 10.31 0.73
N CYS B 246 33.31 10.98 1.07
CA CYS B 246 31.98 10.61 0.64
C CYS B 246 31.36 11.76 -0.16
N CYS B 247 30.30 11.42 -0.89
CA CYS B 247 29.46 12.39 -1.58
C CYS B 247 30.24 13.15 -2.66
N ASN B 248 31.36 12.60 -3.08
CA ASN B 248 32.13 13.13 -4.20
C ASN B 248 31.85 12.25 -5.42
N GLU B 249 31.47 12.87 -6.53
CA GLU B 249 31.07 12.09 -7.69
C GLU B 249 32.27 11.44 -8.36
N PHE B 250 32.91 10.50 -7.66
CA PHE B 250 34.09 9.83 -8.21
C PHE B 250 33.75 9.01 -9.44
N SER B 251 32.76 8.12 -9.32
CA SER B 251 32.23 7.29 -10.39
C SER B 251 33.28 6.40 -11.05
N SER B 252 34.49 6.33 -10.48
CA SER B 252 35.54 5.50 -11.04
C SER B 252 36.67 5.40 -10.03
N SER B 253 37.54 4.42 -10.23
CA SER B 253 38.70 4.24 -9.36
C SER B 253 39.88 5.10 -9.78
N ALA B 254 39.79 5.76 -10.93
CA ALA B 254 40.87 6.64 -11.39
C ALA B 254 40.85 8.00 -10.71
N LYS B 255 39.83 8.30 -9.92
CA LYS B 255 39.73 9.58 -9.25
C LYS B 255 39.99 9.53 -7.76
N TYR B 256 39.96 8.34 -7.14
CA TYR B 256 40.37 8.19 -5.76
C TYR B 256 41.62 7.33 -5.61
N SER B 257 42.39 7.17 -6.68
CA SER B 257 43.57 6.33 -6.62
C SER B 257 44.61 6.87 -5.64
N TRP B 258 44.65 8.19 -5.45
CA TRP B 258 45.73 8.80 -4.66
C TRP B 258 45.76 8.27 -3.23
N LEU B 259 44.62 7.86 -2.68
CA LEU B 259 44.60 7.38 -1.31
C LEU B 259 45.44 6.12 -1.13
N PHE B 260 45.69 5.38 -2.21
CA PHE B 260 46.52 4.19 -2.08
C PHE B 260 47.98 4.53 -1.80
N ASN B 261 48.37 5.80 -1.90
CA ASN B 261 49.69 6.21 -1.44
C ASN B 261 49.80 6.13 0.07
N PHE B 262 48.68 6.03 0.78
CA PHE B 262 48.66 5.92 2.23
C PHE B 262 48.40 4.49 2.69
N SER B 263 48.68 3.50 1.84
CA SER B 263 48.34 2.12 2.12
C SER B 263 49.06 1.57 3.35
N THR B 264 50.13 2.21 3.81
CA THR B 264 50.90 1.68 4.92
C THR B 264 50.21 1.92 6.26
N SER B 265 49.40 2.98 6.38
CA SER B 265 48.89 3.39 7.68
C SER B 265 47.38 3.58 7.76
N LEU B 266 46.63 3.26 6.71
CA LEU B 266 45.19 3.49 6.74
C LEU B 266 44.50 2.49 7.65
N THR B 267 43.49 2.96 8.38
CA THR B 267 42.65 2.13 9.22
C THR B 267 41.17 2.24 8.88
N SER B 268 40.70 3.43 8.55
CA SER B 268 39.29 3.64 8.22
C SER B 268 39.17 4.41 6.91
N ILE B 269 38.31 3.92 6.02
CA ILE B 269 38.04 4.56 4.74
C ILE B 269 36.53 4.64 4.58
N ASP B 270 36.04 5.81 4.17
CA ASP B 270 34.62 6.02 3.93
C ASP B 270 34.44 6.51 2.51
N LEU B 271 33.63 5.79 1.72
CA LEU B 271 33.45 6.13 0.32
C LEU B 271 31.98 6.00 -0.10
N SER B 272 31.06 6.21 0.84
CA SER B 272 29.65 6.07 0.53
C SER B 272 29.16 7.17 -0.40
N ASN B 273 28.12 6.85 -1.17
CA ASN B 273 27.43 7.82 -2.02
C ASN B 273 28.38 8.48 -3.02
N ASN B 274 28.97 7.65 -3.88
CA ASN B 274 29.91 8.13 -4.87
C ASN B 274 29.57 7.70 -6.29
N GLN B 275 28.45 7.01 -6.50
CA GLN B 275 28.03 6.54 -7.82
C GLN B 275 29.13 5.70 -8.48
N LEU B 276 29.74 4.82 -7.69
CA LEU B 276 30.80 3.96 -8.21
C LEU B 276 30.21 2.89 -9.11
N ASP B 277 30.60 2.91 -10.38
CA ASP B 277 30.10 1.97 -11.39
C ASP B 277 31.28 1.14 -11.88
N GLY B 278 31.58 0.06 -11.18
CA GLY B 278 32.66 -0.81 -11.57
C GLY B 278 33.05 -1.73 -10.44
N GLN B 279 34.02 -2.58 -10.74
CA GLN B 279 34.55 -3.51 -9.74
C GLN B 279 35.29 -2.75 -8.65
N ILE B 280 35.14 -3.23 -7.40
CA ILE B 280 35.93 -2.68 -6.31
C ILE B 280 37.39 -2.90 -6.59
N ASP B 281 38.19 -1.85 -6.45
CA ASP B 281 39.61 -1.93 -6.78
C ASP B 281 40.31 -2.99 -5.94
N ASP B 282 41.11 -3.83 -6.60
CA ASP B 282 41.81 -4.91 -5.93
C ASP B 282 42.86 -4.41 -4.95
N ARG B 283 43.25 -3.13 -5.02
CA ARG B 283 44.21 -2.59 -4.07
C ARG B 283 43.60 -2.31 -2.71
N PHE B 284 42.27 -2.43 -2.57
CA PHE B 284 41.68 -2.34 -1.24
C PHE B 284 42.15 -3.51 -0.39
N GLY B 285 42.25 -4.69 -0.97
CA GLY B 285 43.08 -5.72 -0.39
C GLY B 285 44.54 -5.32 -0.45
N ASN B 286 45.32 -5.87 0.47
CA ASN B 286 46.70 -5.46 0.74
C ASN B 286 46.77 -4.11 1.42
N LEU B 287 45.64 -3.59 1.89
CA LEU B 287 45.63 -2.46 2.82
C LEU B 287 45.68 -3.04 4.23
N MET B 288 46.90 -3.28 4.71
CA MET B 288 47.06 -3.74 6.08
C MET B 288 46.55 -2.69 7.06
N TYR B 289 46.16 -3.16 8.24
CA TYR B 289 45.60 -2.35 9.31
C TYR B 289 44.27 -1.71 8.96
N LEU B 290 43.64 -2.10 7.85
CA LEU B 290 42.33 -1.57 7.50
C LEU B 290 41.26 -2.20 8.40
N GLU B 291 40.41 -1.36 8.98
CA GLU B 291 39.42 -1.81 9.94
C GLU B 291 38.01 -1.31 9.68
N HIS B 292 37.80 -0.43 8.71
CA HIS B 292 36.50 0.20 8.52
C HIS B 292 36.36 0.57 7.04
N LEU B 293 35.57 -0.20 6.32
CA LEU B 293 35.26 0.09 4.93
C LEU B 293 33.77 0.35 4.79
N ASN B 294 33.41 1.43 4.10
CA ASN B 294 32.02 1.83 3.92
C ASN B 294 31.85 2.19 2.44
N LEU B 295 31.24 1.27 1.69
CA LEU B 295 31.01 1.45 0.26
C LEU B 295 29.53 1.40 -0.05
N ALA B 296 28.70 1.96 0.83
CA ALA B 296 27.26 1.89 0.67
C ALA B 296 26.78 2.92 -0.34
N ASN B 297 25.60 2.66 -0.91
CA ASN B 297 24.90 3.58 -1.80
C ASN B 297 25.76 3.94 -3.01
N GLU B 298 26.05 2.93 -3.81
CA GLU B 298 26.75 3.11 -5.08
C GLU B 298 25.80 2.85 -6.23
N LEU B 299 26.34 2.86 -7.45
CA LEU B 299 25.53 2.63 -8.65
C LEU B 299 25.47 1.14 -9.00
N ASN B 300 26.63 0.53 -9.23
CA ASN B 300 26.70 -0.88 -9.56
C ASN B 300 28.13 -1.35 -9.33
N LEU B 301 28.32 -2.24 -8.37
CA LEU B 301 29.66 -2.72 -8.07
C LEU B 301 30.09 -3.90 -8.94
N LYS B 302 29.15 -4.56 -9.60
CA LYS B 302 29.44 -5.56 -10.64
C LYS B 302 30.34 -6.67 -10.11
N GLY B 303 29.82 -7.40 -9.13
CA GLY B 303 30.53 -8.55 -8.61
C GLY B 303 30.79 -8.54 -7.12
N GLY B 304 31.08 -7.38 -6.57
CA GLY B 304 31.21 -7.25 -5.13
C GLY B 304 32.65 -7.43 -4.68
N ILE B 305 32.84 -8.31 -3.69
CA ILE B 305 34.14 -8.51 -3.06
C ILE B 305 35.12 -9.12 -4.05
N PRO B 306 36.26 -8.50 -4.31
CA PRO B 306 37.28 -9.12 -5.14
C PRO B 306 37.99 -10.24 -4.42
N SER B 307 38.67 -11.09 -5.19
CA SER B 307 39.47 -12.15 -4.61
C SER B 307 40.67 -11.62 -3.84
N SER B 308 41.02 -10.33 -4.04
CA SER B 308 42.14 -9.74 -3.33
C SER B 308 41.94 -9.74 -1.83
N PHE B 309 40.70 -9.75 -1.35
CA PHE B 309 40.46 -9.82 0.08
C PHE B 309 40.81 -11.21 0.59
N GLY B 310 40.56 -11.42 1.88
CA GLY B 310 41.13 -12.56 2.57
C GLY B 310 42.55 -12.33 3.03
N ASN B 311 43.19 -11.27 2.55
CA ASN B 311 44.46 -10.79 3.03
C ASN B 311 44.31 -9.69 4.08
N LEU B 312 43.08 -9.31 4.41
CA LEU B 312 42.84 -8.14 5.25
C LEU B 312 43.34 -8.39 6.68
N THR B 313 42.82 -9.43 7.33
CA THR B 313 43.31 -9.94 8.61
C THR B 313 42.95 -8.99 9.76
N ARG B 314 42.38 -7.83 9.46
CA ARG B 314 42.06 -6.89 10.54
C ARG B 314 40.74 -6.16 10.34
N LEU B 315 39.86 -6.66 9.48
CA LEU B 315 38.61 -5.95 9.20
C LEU B 315 37.66 -6.07 10.39
N ARG B 316 36.96 -4.97 10.68
CA ARG B 316 35.99 -4.93 11.76
C ARG B 316 34.64 -4.36 11.36
N TYR B 317 34.51 -3.82 10.14
CA TYR B 317 33.26 -3.20 9.70
C TYR B 317 33.29 -3.12 8.19
N LEU B 318 32.30 -3.72 7.54
CA LEU B 318 32.19 -3.69 6.08
C LEU B 318 30.74 -3.44 5.72
N ASP B 319 30.48 -2.35 5.00
CA ASP B 319 29.14 -1.99 4.58
C ASP B 319 29.09 -1.92 3.06
N MET B 320 28.13 -2.64 2.47
CA MET B 320 27.93 -2.61 1.03
C MET B 320 26.45 -2.51 0.67
N SER B 321 25.67 -1.86 1.52
CA SER B 321 24.23 -1.81 1.31
C SER B 321 23.89 -0.98 0.07
N ASN B 322 22.90 -1.46 -0.68
CA ASN B 322 22.36 -0.75 -1.84
C ASN B 322 23.45 -0.49 -2.87
N THR B 323 24.05 -1.58 -3.35
CA THR B 323 25.16 -1.52 -4.30
C THR B 323 25.01 -2.43 -5.51
N ARG B 324 24.04 -3.34 -5.52
CA ARG B 324 23.79 -4.26 -6.63
C ARG B 324 25.03 -5.11 -6.91
N THR B 325 25.44 -5.87 -5.89
CA THR B 325 26.69 -6.62 -5.99
C THR B 325 26.56 -7.80 -6.96
N TYR B 326 25.48 -8.58 -6.84
CA TYR B 326 25.29 -9.81 -7.59
C TYR B 326 26.46 -10.78 -7.36
N GLN B 327 26.55 -11.22 -6.10
CA GLN B 327 27.63 -12.09 -5.68
C GLN B 327 27.07 -13.27 -4.90
N TRP B 328 27.76 -14.40 -5.00
CA TRP B 328 27.40 -15.61 -4.28
C TRP B 328 27.82 -15.47 -2.82
N LEU B 329 26.86 -15.67 -1.90
CA LEU B 329 27.13 -15.41 -0.49
C LEU B 329 28.22 -16.29 0.10
N PRO B 330 28.24 -17.61 -0.12
CA PRO B 330 29.37 -18.40 0.38
C PRO B 330 30.71 -17.94 -0.17
N GLU B 331 30.75 -17.49 -1.42
CA GLU B 331 31.99 -16.93 -1.96
C GLU B 331 32.42 -15.69 -1.20
N LEU B 332 31.46 -14.83 -0.86
CA LEU B 332 31.77 -13.65 -0.05
C LEU B 332 32.29 -14.04 1.32
N PHE B 333 31.70 -15.07 1.93
CA PHE B 333 32.15 -15.51 3.25
C PHE B 333 33.54 -16.11 3.19
N VAL B 334 33.85 -16.87 2.14
CA VAL B 334 35.20 -17.41 1.98
C VAL B 334 36.20 -16.30 1.73
N ARG B 335 35.80 -15.26 1.01
CA ARG B 335 36.71 -14.15 0.73
C ARG B 335 36.88 -13.22 1.93
N LEU B 336 36.04 -13.33 2.95
CA LEU B 336 36.23 -12.62 4.21
C LEU B 336 36.81 -13.51 5.30
N SER B 337 37.28 -14.71 4.93
CA SER B 337 37.78 -15.67 5.92
C SER B 337 39.10 -15.25 6.55
N GLY B 338 39.74 -14.20 6.04
CA GLY B 338 40.96 -13.74 6.67
C GLY B 338 40.75 -13.02 7.98
N SER B 339 39.53 -12.55 8.24
CA SER B 339 39.23 -11.76 9.42
C SER B 339 38.00 -12.31 10.13
N ARG B 340 37.92 -13.63 10.29
CA ARG B 340 36.80 -14.22 11.03
C ARG B 340 36.85 -13.81 12.50
N LYS B 341 38.04 -13.76 13.08
CA LYS B 341 38.19 -13.52 14.50
C LYS B 341 38.00 -12.06 14.89
N THR B 342 37.88 -11.15 13.92
CA THR B 342 37.79 -9.73 14.22
C THR B 342 36.56 -9.04 13.64
N LEU B 343 35.95 -9.58 12.59
CA LEU B 343 34.87 -8.87 11.91
C LEU B 343 33.65 -8.79 12.82
N GLU B 344 33.06 -7.60 12.93
CA GLU B 344 32.01 -7.32 13.90
C GLU B 344 30.68 -6.94 13.28
N VAL B 345 30.68 -6.20 12.18
CA VAL B 345 29.46 -5.75 11.52
C VAL B 345 29.59 -6.03 10.04
N LEU B 346 28.54 -6.58 9.44
CA LEU B 346 28.56 -6.97 8.03
C LEU B 346 27.21 -6.58 7.42
N GLY B 347 27.16 -5.42 6.76
CA GLY B 347 25.94 -4.97 6.14
C GLY B 347 25.87 -5.24 4.66
N LEU B 348 24.98 -6.14 4.25
CA LEU B 348 24.86 -6.55 2.85
C LEU B 348 23.41 -6.57 2.43
N ASN B 349 22.66 -5.53 2.78
CA ASN B 349 21.24 -5.46 2.46
C ASN B 349 21.00 -4.62 1.22
N ASP B 350 19.78 -4.72 0.69
CA ASP B 350 19.33 -3.98 -0.49
C ASP B 350 20.20 -4.26 -1.71
N ASN B 351 20.72 -5.47 -1.81
CA ASN B 351 21.49 -5.92 -2.96
C ASN B 351 20.77 -7.09 -3.62
N SER B 352 21.44 -7.72 -4.58
CA SER B 352 20.92 -8.90 -5.26
C SER B 352 21.93 -10.02 -5.09
N MET B 353 21.86 -10.72 -3.96
CA MET B 353 22.78 -11.80 -3.65
C MET B 353 22.01 -13.09 -3.46
N PHE B 354 22.51 -14.16 -4.07
CA PHE B 354 21.88 -15.46 -4.03
C PHE B 354 22.74 -16.42 -3.23
N GLY B 355 22.29 -17.66 -3.13
CA GLY B 355 22.96 -18.66 -2.35
C GLY B 355 22.27 -18.92 -1.02
N SER B 356 23.03 -19.51 -0.10
CA SER B 356 22.53 -19.89 1.20
C SER B 356 23.48 -19.43 2.29
N LEU B 357 22.92 -19.21 3.49
CA LEU B 357 23.68 -18.77 4.64
C LEU B 357 24.17 -20.00 5.39
N VAL B 358 25.40 -20.41 5.12
CA VAL B 358 25.95 -21.66 5.65
C VAL B 358 27.11 -21.31 6.57
N ASP B 359 27.04 -21.81 7.81
CA ASP B 359 28.11 -21.66 8.80
C ASP B 359 28.43 -20.19 9.06
N VAL B 360 27.42 -19.47 9.56
CA VAL B 360 27.65 -18.11 10.02
C VAL B 360 28.38 -18.09 11.35
N THR B 361 28.37 -19.19 12.08
CA THR B 361 28.99 -19.24 13.40
C THR B 361 30.51 -19.13 13.34
N ARG B 362 31.13 -19.47 12.21
CA ARG B 362 32.58 -19.41 12.12
C ARG B 362 33.13 -17.99 12.23
N PHE B 363 32.27 -16.97 12.11
CA PHE B 363 32.67 -15.59 12.39
C PHE B 363 32.43 -15.35 13.87
N SER B 364 33.50 -15.38 14.66
CA SER B 364 33.36 -15.42 16.11
C SER B 364 32.90 -14.08 16.67
N ALA B 365 33.48 -12.98 16.20
CA ALA B 365 33.21 -11.67 16.77
C ALA B 365 32.04 -10.95 16.09
N LEU B 366 31.33 -11.62 15.19
CA LEU B 366 30.22 -10.98 14.50
C LEU B 366 29.12 -10.60 15.48
N LYS B 367 28.57 -9.40 15.29
CA LYS B 367 27.48 -8.91 16.13
C LYS B 367 26.30 -8.35 15.36
N ARG B 368 26.46 -8.02 14.08
CA ARG B 368 25.36 -7.55 13.25
C ARG B 368 25.50 -8.16 11.85
N LEU B 369 24.39 -8.65 11.32
CA LEU B 369 24.37 -9.27 9.99
C LEU B 369 23.07 -8.89 9.31
N TYR B 370 23.11 -7.85 8.48
CA TYR B 370 21.93 -7.33 7.80
C TYR B 370 21.94 -7.82 6.36
N LEU B 371 21.06 -8.76 6.06
CA LEU B 371 20.91 -9.33 4.73
C LEU B 371 19.50 -9.12 4.21
N GLN B 372 18.97 -7.91 4.43
CA GLN B 372 17.63 -7.57 3.99
C GLN B 372 17.54 -7.51 2.47
N LYS B 373 16.33 -7.75 1.96
CA LYS B 373 15.94 -7.45 0.58
C LYS B 373 17.01 -7.90 -0.43
N ASN B 374 17.27 -9.20 -0.42
CA ASN B 374 18.16 -9.83 -1.37
C ASN B 374 17.36 -10.84 -2.20
N VAL B 375 18.07 -11.64 -2.99
CA VAL B 375 17.44 -12.69 -3.78
C VAL B 375 17.89 -14.04 -3.24
N LEU B 376 18.20 -14.09 -1.94
CA LEU B 376 18.70 -15.30 -1.30
C LEU B 376 17.68 -16.43 -1.39
N ASN B 377 17.97 -17.44 -2.20
CA ASN B 377 17.12 -18.62 -2.35
C ASN B 377 17.94 -19.85 -1.97
N GLY B 378 18.00 -20.12 -0.68
CA GLY B 378 18.79 -21.23 -0.18
C GLY B 378 18.29 -21.64 1.18
N PHE B 379 19.18 -22.22 1.97
CA PHE B 379 18.85 -22.73 3.28
C PHE B 379 19.55 -21.89 4.35
N PHE B 380 19.29 -22.24 5.61
CA PHE B 380 19.90 -21.60 6.77
C PHE B 380 20.28 -22.73 7.73
N MET B 381 21.50 -23.25 7.56
CA MET B 381 21.96 -24.39 8.32
C MET B 381 23.28 -24.08 9.00
N GLU B 382 23.55 -24.77 10.10
CA GLU B 382 24.79 -24.62 10.84
C GLU B 382 25.75 -25.78 10.64
N ARG B 383 25.26 -27.02 10.65
CA ARG B 383 26.00 -28.26 10.34
C ARG B 383 27.34 -28.35 11.08
N PHE B 384 27.50 -27.61 12.17
CA PHE B 384 28.63 -27.73 13.07
C PHE B 384 28.31 -26.95 14.34
N GLY B 385 28.58 -27.56 15.49
CA GLY B 385 28.11 -27.01 16.74
C GLY B 385 29.07 -26.11 17.48
N GLN B 386 28.93 -24.79 17.26
CA GLN B 386 29.61 -23.77 18.02
C GLN B 386 28.63 -22.65 18.33
N VAL B 387 28.91 -21.91 19.41
CA VAL B 387 28.04 -20.81 19.80
C VAL B 387 28.39 -19.57 19.00
N SER B 388 27.40 -18.70 18.79
CA SER B 388 27.58 -17.49 18.02
C SER B 388 27.40 -16.27 18.91
N SER B 389 28.05 -15.17 18.54
CA SER B 389 27.99 -13.93 19.28
C SER B 389 27.04 -12.92 18.65
N LEU B 390 26.19 -13.35 17.71
CA LEU B 390 25.31 -12.45 17.01
C LEU B 390 24.29 -11.83 17.96
N GLU B 391 23.97 -10.56 17.72
CA GLU B 391 22.96 -9.85 18.48
C GLU B 391 21.84 -9.30 17.63
N TYR B 392 22.06 -9.07 16.34
CA TYR B 392 21.04 -8.56 15.44
C TYR B 392 21.14 -9.31 14.11
N LEU B 393 20.11 -10.05 13.77
CA LEU B 393 20.06 -10.81 12.53
C LEU B 393 18.84 -10.39 11.73
N ASP B 394 19.03 -10.14 10.45
CA ASP B 394 17.97 -9.65 9.57
C ASP B 394 18.00 -10.43 8.27
N LEU B 395 16.89 -11.10 7.93
CA LEU B 395 16.80 -11.89 6.72
C LEU B 395 15.46 -11.70 6.01
N SER B 396 14.78 -10.58 6.23
CA SER B 396 13.48 -10.37 5.63
C SER B 396 13.61 -10.13 4.13
N ASP B 397 12.49 -10.36 3.43
CA ASP B 397 12.39 -10.12 1.98
C ASP B 397 13.43 -10.93 1.21
N ASN B 398 13.29 -12.25 1.31
CA ASN B 398 14.13 -13.17 0.55
C ASN B 398 13.24 -14.32 0.08
N GLN B 399 13.87 -15.39 -0.40
CA GLN B 399 13.16 -16.60 -0.83
C GLN B 399 13.78 -17.82 -0.17
N MET B 400 14.20 -17.68 1.08
CA MET B 400 14.89 -18.77 1.75
C MET B 400 13.93 -19.90 2.08
N ARG B 401 14.41 -21.13 1.92
CA ARG B 401 13.62 -22.33 2.12
C ARG B 401 14.23 -23.18 3.22
N GLY B 402 13.52 -24.24 3.59
CA GLY B 402 14.02 -25.19 4.54
C GLY B 402 13.72 -24.82 5.98
N PRO B 403 13.96 -25.73 6.90
CA PRO B 403 13.68 -25.47 8.32
C PRO B 403 14.67 -24.48 8.92
N LEU B 404 14.23 -23.84 10.00
CA LEU B 404 15.11 -22.94 10.73
C LEU B 404 16.18 -23.73 11.46
N PRO B 405 17.36 -23.15 11.67
CA PRO B 405 18.43 -23.85 12.37
C PRO B 405 18.15 -23.89 13.87
N ASP B 406 19.05 -24.56 14.59
CA ASP B 406 18.93 -24.68 16.05
C ASP B 406 19.22 -23.32 16.67
N LEU B 407 18.16 -22.61 17.04
CA LEU B 407 18.30 -21.25 17.55
C LEU B 407 18.96 -21.20 18.92
N ALA B 408 19.13 -22.35 19.58
CA ALA B 408 19.87 -22.38 20.84
C ALA B 408 21.34 -22.07 20.66
N LEU B 409 21.83 -22.03 19.42
CA LEU B 409 23.20 -21.66 19.12
C LEU B 409 23.40 -20.16 18.95
N PHE B 410 22.34 -19.38 19.16
CA PHE B 410 22.42 -17.91 19.12
C PHE B 410 21.83 -17.37 20.42
N PRO B 411 22.49 -17.62 21.55
CA PRO B 411 21.88 -17.26 22.84
C PRO B 411 21.86 -15.77 23.14
N SER B 412 22.55 -14.94 22.34
CA SER B 412 22.66 -13.52 22.63
C SER B 412 21.86 -12.66 21.66
N LEU B 413 20.91 -13.26 20.94
CA LEU B 413 20.14 -12.51 19.96
C LEU B 413 19.22 -11.51 20.64
N ARG B 414 19.26 -10.27 20.17
CA ARG B 414 18.35 -9.24 20.66
C ARG B 414 17.21 -8.95 19.70
N GLU B 415 17.41 -9.19 18.40
CA GLU B 415 16.38 -9.02 17.40
C GLU B 415 16.53 -10.11 16.36
N LEU B 416 15.41 -10.65 15.90
CA LEU B 416 15.40 -11.70 14.89
C LEU B 416 14.28 -11.40 13.90
N HIS B 417 14.64 -11.01 12.69
CA HIS B 417 13.69 -10.74 11.62
C HIS B 417 13.85 -11.81 10.56
N LEU B 418 12.77 -12.55 10.27
CA LEU B 418 12.80 -13.61 9.28
C LEU B 418 11.52 -13.63 8.46
N GLY B 419 10.92 -12.48 8.24
CA GLY B 419 9.67 -12.41 7.51
C GLY B 419 9.86 -12.50 6.01
N SER B 420 8.74 -12.75 5.32
CA SER B 420 8.66 -12.79 3.86
C SER B 420 9.59 -13.84 3.25
N ASN B 421 9.96 -14.86 4.00
CA ASN B 421 10.72 -15.99 3.48
C ASN B 421 9.78 -17.17 3.29
N HIS B 422 10.35 -18.34 3.00
CA HIS B 422 9.59 -19.56 2.80
C HIS B 422 9.99 -20.63 3.80
N PHE B 423 10.32 -20.24 5.03
CA PHE B 423 10.71 -21.21 6.03
C PHE B 423 9.54 -22.11 6.39
N ASN B 424 9.86 -23.34 6.78
CA ASN B 424 8.84 -24.33 7.13
C ASN B 424 9.29 -25.13 8.34
N GLY B 425 8.34 -25.83 8.93
CA GLY B 425 8.59 -26.64 10.11
C GLY B 425 8.26 -25.89 11.39
N ARG B 426 8.24 -26.65 12.48
CA ARG B 426 7.98 -26.07 13.79
C ARG B 426 9.16 -25.19 14.21
N ILE B 427 8.86 -24.10 14.91
CA ILE B 427 9.92 -23.25 15.44
C ILE B 427 10.72 -24.06 16.47
N PRO B 428 12.05 -24.06 16.40
CA PRO B 428 12.82 -24.97 17.24
C PRO B 428 12.60 -24.74 18.73
N GLN B 429 12.69 -25.84 19.48
CA GLN B 429 12.44 -25.79 20.92
C GLN B 429 13.51 -24.98 21.67
N GLY B 430 14.65 -24.70 21.03
CA GLY B 430 15.68 -23.92 21.66
C GLY B 430 15.46 -22.42 21.64
N ILE B 431 14.35 -21.97 21.03
CA ILE B 431 14.04 -20.55 20.99
C ILE B 431 13.91 -19.98 22.40
N GLY B 432 13.56 -20.82 23.37
CA GLY B 432 13.46 -20.38 24.74
C GLY B 432 14.77 -20.25 25.48
N LYS B 433 15.89 -20.55 24.83
CA LYS B 433 17.20 -20.40 25.44
C LYS B 433 17.81 -19.03 25.17
N LEU B 434 17.09 -18.13 24.52
CA LEU B 434 17.67 -16.84 24.15
C LEU B 434 17.78 -15.92 25.36
N SER B 435 16.65 -15.60 25.99
CA SER B 435 16.56 -14.78 27.19
C SER B 435 17.01 -13.34 26.97
N GLN B 436 17.32 -12.96 25.73
CA GLN B 436 17.65 -11.58 25.42
C GLN B 436 16.87 -11.04 24.22
N LEU B 437 16.02 -11.86 23.61
CA LEU B 437 15.26 -11.43 22.44
C LEU B 437 14.29 -10.32 22.82
N LYS B 438 14.16 -9.33 21.94
CA LYS B 438 13.21 -8.25 22.11
C LYS B 438 12.19 -8.15 20.98
N ILE B 439 12.56 -8.55 19.76
CA ILE B 439 11.67 -8.54 18.61
C ILE B 439 11.80 -9.88 17.91
N LEU B 440 10.67 -10.52 17.62
CA LEU B 440 10.64 -11.78 16.88
C LEU B 440 9.62 -11.65 15.76
N ASP B 441 10.12 -11.50 14.54
CA ASP B 441 9.27 -11.36 13.36
C ASP B 441 9.50 -12.56 12.46
N VAL B 442 8.50 -13.45 12.40
CA VAL B 442 8.55 -14.62 11.54
C VAL B 442 7.30 -14.68 10.69
N SER B 443 6.76 -13.52 10.34
CA SER B 443 5.52 -13.47 9.59
C SER B 443 5.72 -13.86 8.14
N SER B 444 4.62 -14.19 7.47
CA SER B 444 4.59 -14.48 6.04
C SER B 444 5.57 -15.59 5.67
N ASN B 445 5.60 -16.64 6.49
CA ASN B 445 6.39 -17.83 6.22
C ASN B 445 5.46 -19.04 6.26
N ARG B 446 5.97 -20.16 5.76
CA ARG B 446 5.21 -21.42 5.81
C ARG B 446 5.54 -22.22 7.07
N LEU B 447 5.50 -21.56 8.23
CA LEU B 447 5.79 -22.22 9.48
C LEU B 447 4.61 -23.10 9.90
N GLU B 448 4.89 -24.08 10.76
CA GLU B 448 3.92 -25.12 11.06
C GLU B 448 3.49 -25.20 12.52
N GLY B 449 4.29 -24.71 13.46
CA GLY B 449 3.91 -24.86 14.85
C GLY B 449 4.64 -23.89 15.75
N LEU B 450 4.26 -23.92 17.02
CA LEU B 450 4.88 -23.08 18.05
C LEU B 450 5.33 -23.96 19.20
N PRO B 451 6.55 -23.82 19.68
CA PRO B 451 7.02 -24.66 20.79
C PRO B 451 6.48 -24.20 22.13
N GLU B 452 6.57 -25.12 23.09
CA GLU B 452 6.11 -24.84 24.44
C GLU B 452 7.06 -23.94 25.21
N SER B 453 8.37 -24.07 24.98
CA SER B 453 9.38 -23.30 25.70
C SER B 453 9.44 -21.84 25.27
N MET B 454 8.52 -21.40 24.42
CA MET B 454 8.48 -20.00 24.01
C MET B 454 8.13 -19.07 25.16
N GLY B 455 7.46 -19.58 26.19
CA GLY B 455 7.01 -18.75 27.29
C GLY B 455 8.05 -18.34 28.29
N GLN B 456 9.28 -18.83 28.18
CA GLN B 456 10.34 -18.50 29.11
C GLN B 456 11.26 -17.40 28.58
N LEU B 457 10.83 -16.67 27.54
CA LEU B 457 11.69 -15.64 26.97
C LEU B 457 11.89 -14.48 27.94
N SER B 458 10.79 -13.99 28.52
CA SER B 458 10.82 -13.06 29.65
C SER B 458 11.33 -11.66 29.28
N ASN B 459 11.74 -11.46 28.04
CA ASN B 459 12.16 -10.15 27.57
C ASN B 459 11.55 -9.77 26.24
N LEU B 460 10.75 -10.64 25.63
CA LEU B 460 10.15 -10.32 24.35
C LEU B 460 9.17 -9.16 24.49
N GLU B 461 9.19 -8.27 23.52
CA GLU B 461 8.26 -7.15 23.46
C GLU B 461 7.32 -7.22 22.28
N SER B 462 7.73 -7.85 21.18
CA SER B 462 6.89 -8.01 20.00
C SER B 462 6.95 -9.46 19.53
N PHE B 463 5.83 -9.93 18.99
CA PHE B 463 5.71 -11.29 18.49
C PHE B 463 4.85 -11.26 17.24
N ASP B 464 5.48 -11.20 16.08
CA ASP B 464 4.78 -11.15 14.80
C ASP B 464 4.98 -12.49 14.10
N ALA B 465 4.01 -13.37 14.24
CA ALA B 465 4.02 -14.69 13.62
C ALA B 465 2.75 -14.89 12.81
N SER B 466 2.40 -13.89 12.03
CA SER B 466 1.14 -13.88 11.31
C SER B 466 1.30 -14.41 9.89
N TYR B 467 0.18 -14.81 9.30
CA TYR B 467 0.11 -15.28 7.92
C TYR B 467 1.00 -16.51 7.69
N ASN B 468 1.06 -17.39 8.69
CA ASN B 468 1.67 -18.69 8.57
C ASN B 468 0.60 -19.76 8.74
N VAL B 469 0.93 -20.98 8.30
CA VAL B 469 0.02 -22.12 8.49
C VAL B 469 0.42 -22.77 9.82
N LEU B 470 -0.04 -22.15 10.90
CA LEU B 470 0.27 -22.62 12.25
C LEU B 470 -0.90 -23.44 12.79
N LYS B 471 -0.57 -24.47 13.56
CA LYS B 471 -1.58 -25.40 14.06
C LYS B 471 -1.27 -25.75 15.50
N GLY B 472 -2.30 -26.20 16.20
CA GLY B 472 -2.20 -26.55 17.61
C GLY B 472 -3.01 -25.60 18.47
N THR B 473 -2.73 -25.65 19.77
CA THR B 473 -3.37 -24.79 20.73
C THR B 473 -2.32 -24.10 21.59
N ILE B 474 -2.51 -22.81 21.84
CA ILE B 474 -1.64 -22.03 22.71
C ILE B 474 -2.30 -22.01 24.08
N THR B 475 -1.76 -22.77 25.01
CA THR B 475 -2.25 -22.77 26.38
C THR B 475 -1.54 -21.65 27.14
N GLU B 476 -1.77 -21.57 28.46
CA GLU B 476 -1.09 -20.56 29.26
C GLU B 476 0.40 -20.81 29.38
N SER B 477 0.84 -22.07 29.22
CA SER B 477 2.26 -22.36 29.34
C SER B 477 3.07 -21.69 28.23
N HIS B 478 2.48 -21.51 27.04
CA HIS B 478 3.16 -20.78 25.98
C HIS B 478 3.34 -19.32 26.34
N LEU B 479 2.54 -18.79 27.27
CA LEU B 479 2.59 -17.38 27.65
C LEU B 479 2.86 -17.23 29.14
N SER B 480 3.49 -18.22 29.77
CA SER B 480 3.54 -18.27 31.22
C SER B 480 4.38 -17.15 31.81
N ASN B 481 5.52 -16.83 31.19
CA ASN B 481 6.47 -15.94 31.83
C ASN B 481 6.86 -14.76 30.94
N LEU B 482 6.11 -14.48 29.88
CA LEU B 482 6.37 -13.32 29.03
C LEU B 482 5.86 -12.08 29.74
N SER B 483 6.69 -11.55 30.62
CA SER B 483 6.30 -10.43 31.46
C SER B 483 6.42 -9.07 30.77
N SER B 484 7.08 -9.00 29.62
CA SER B 484 7.31 -7.73 28.95
C SER B 484 6.70 -7.69 27.56
N LEU B 485 5.80 -8.62 27.25
CA LEU B 485 5.17 -8.63 25.94
C LEU B 485 4.20 -7.47 25.79
N VAL B 486 4.26 -6.80 24.64
CA VAL B 486 3.45 -5.61 24.40
C VAL B 486 2.63 -5.81 23.12
N ASP B 487 3.16 -6.61 22.19
CA ASP B 487 2.51 -6.87 20.92
C ASP B 487 2.35 -8.37 20.74
N LEU B 488 1.13 -8.79 20.38
CA LEU B 488 0.85 -10.18 20.07
C LEU B 488 0.17 -10.24 18.70
N ASP B 489 0.79 -10.96 17.76
CA ASP B 489 0.35 -10.98 16.37
C ASP B 489 0.37 -12.41 15.87
N LEU B 490 -0.78 -13.08 15.95
CA LEU B 490 -0.97 -14.43 15.42
C LEU B 490 -2.09 -14.44 14.40
N SER B 491 -2.08 -13.47 13.49
CA SER B 491 -3.18 -13.28 12.57
C SER B 491 -3.22 -14.37 11.51
N PHE B 492 -4.43 -14.89 11.26
CA PHE B 492 -4.72 -15.74 10.11
C PHE B 492 -3.85 -17.00 10.10
N ASN B 493 -4.04 -17.82 11.13
CA ASN B 493 -3.52 -19.17 11.19
C ASN B 493 -4.66 -20.10 11.59
N SER B 494 -4.35 -21.40 11.66
CA SER B 494 -5.28 -22.39 12.19
C SER B 494 -5.11 -22.57 13.69
N LEU B 495 -4.63 -21.55 14.38
CA LEU B 495 -4.23 -21.63 15.78
C LEU B 495 -5.43 -21.51 16.70
N ALA B 496 -5.25 -22.00 17.93
CA ALA B 496 -6.25 -21.88 18.98
C ALA B 496 -5.56 -21.41 20.26
N LEU B 497 -6.30 -20.66 21.07
CA LEU B 497 -5.76 -20.06 22.30
C LEU B 497 -6.71 -20.39 23.44
N LYS B 498 -6.40 -21.42 24.21
CA LYS B 498 -7.24 -21.88 25.31
C LYS B 498 -6.44 -21.73 26.61
N THR B 499 -6.80 -20.72 27.40
CA THR B 499 -6.16 -20.47 28.68
C THR B 499 -7.11 -20.83 29.81
N SER B 500 -6.61 -21.57 30.79
CA SER B 500 -7.46 -22.06 31.86
C SER B 500 -7.96 -20.92 32.73
N ILE B 501 -9.12 -21.14 33.34
CA ILE B 501 -9.68 -20.16 34.26
C ILE B 501 -8.76 -20.01 35.46
N ASP B 502 -8.80 -18.83 36.08
CA ASP B 502 -7.93 -18.48 37.21
C ASP B 502 -6.48 -18.39 36.76
N TRP B 503 -6.25 -17.72 35.63
CA TRP B 503 -4.92 -17.41 35.14
C TRP B 503 -4.78 -15.90 35.07
N LEU B 504 -3.74 -15.38 35.72
CA LEU B 504 -3.48 -13.95 35.73
C LEU B 504 -2.38 -13.65 34.74
N PRO B 505 -2.67 -13.02 33.60
CA PRO B 505 -1.64 -12.77 32.60
C PRO B 505 -0.53 -11.91 33.17
N PRO B 506 0.73 -12.26 32.87
CA PRO B 506 1.87 -11.47 33.38
C PRO B 506 2.22 -10.26 32.53
N PHE B 507 1.35 -9.85 31.60
CA PHE B 507 1.66 -8.75 30.70
C PHE B 507 0.46 -7.82 30.60
N GLN B 508 0.67 -6.69 29.93
CA GLN B 508 -0.39 -5.74 29.62
C GLN B 508 -0.23 -5.37 28.14
N LEU B 509 -0.92 -6.09 27.27
CA LEU B 509 -0.75 -5.92 25.84
C LEU B 509 -1.21 -4.54 25.41
N GLN B 510 -0.54 -4.00 24.38
CA GLN B 510 -0.92 -2.74 23.78
C GLN B 510 -1.63 -2.93 22.45
N VAL B 511 -1.22 -3.91 21.64
CA VAL B 511 -1.93 -4.31 20.43
C VAL B 511 -2.25 -5.79 20.54
N ILE B 512 -3.49 -6.15 20.21
CA ILE B 512 -3.96 -7.53 20.27
C ILE B 512 -4.56 -7.85 18.90
N ASN B 513 -3.75 -8.39 18.00
CA ASN B 513 -4.21 -8.78 16.66
C ASN B 513 -4.27 -10.30 16.63
N LEU B 514 -5.46 -10.85 16.89
CA LEU B 514 -5.69 -12.28 16.85
C LEU B 514 -6.94 -12.59 16.02
N PRO B 515 -6.91 -12.32 14.72
CA PRO B 515 -8.01 -12.76 13.86
C PRO B 515 -7.83 -14.20 13.43
N SER B 516 -8.97 -14.83 13.12
CA SER B 516 -9.01 -16.22 12.67
C SER B 516 -8.36 -17.17 13.67
N CYS B 517 -8.43 -16.83 14.95
CA CYS B 517 -7.91 -17.67 16.01
C CYS B 517 -9.05 -18.12 16.91
N ASN B 518 -9.09 -19.42 17.21
CA ASN B 518 -10.13 -19.96 18.06
C ASN B 518 -9.91 -19.54 19.50
N LEU B 519 -10.55 -18.46 19.92
CA LEU B 519 -10.43 -17.93 21.28
C LEU B 519 -11.47 -18.50 22.23
N GLY B 520 -11.97 -19.70 21.94
CA GLY B 520 -12.87 -20.37 22.84
C GLY B 520 -14.34 -20.12 22.53
N PRO B 521 -15.19 -21.08 22.86
CA PRO B 521 -16.64 -20.86 22.67
C PRO B 521 -17.18 -19.70 23.46
N SER B 522 -16.64 -19.44 24.65
CA SER B 522 -17.07 -18.33 25.48
C SER B 522 -16.11 -17.15 25.32
N PHE B 523 -16.55 -15.99 25.79
CA PHE B 523 -15.73 -14.80 25.71
C PHE B 523 -14.44 -15.02 26.51
N PRO B 524 -13.29 -14.63 25.98
CA PRO B 524 -12.02 -14.87 26.69
C PRO B 524 -12.01 -14.20 28.04
N LYS B 525 -11.48 -14.92 29.03
CA LYS B 525 -11.46 -14.46 30.41
C LYS B 525 -10.22 -13.65 30.74
N TRP B 526 -9.14 -13.80 29.97
CA TRP B 526 -7.90 -13.08 30.25
C TRP B 526 -7.96 -11.62 29.82
N LEU B 527 -9.01 -11.19 29.13
CA LEU B 527 -9.15 -9.77 28.82
C LEU B 527 -9.63 -8.96 30.02
N GLN B 528 -10.05 -9.61 31.11
CA GLN B 528 -10.48 -8.87 32.28
C GLN B 528 -9.34 -8.03 32.86
N SER B 529 -8.15 -8.60 32.93
CA SER B 529 -7.00 -7.90 33.48
C SER B 529 -6.29 -7.02 32.45
N GLN B 530 -6.67 -7.10 31.18
CA GLN B 530 -5.98 -6.36 30.12
C GLN B 530 -6.58 -4.97 30.01
N ASN B 531 -5.87 -4.00 30.58
CA ASN B 531 -6.11 -2.59 30.32
C ASN B 531 -5.02 -2.08 29.39
N ASN B 532 -5.10 -0.80 29.04
CA ASN B 532 -4.01 -0.10 28.38
C ASN B 532 -3.63 -0.76 27.05
N TYR B 533 -4.62 -1.05 26.24
CA TYR B 533 -4.37 -1.54 24.89
C TYR B 533 -5.00 -0.61 23.86
N THR B 534 -4.31 -0.42 22.76
CA THR B 534 -4.67 0.54 21.73
C THR B 534 -5.53 -0.06 20.63
N VAL B 535 -5.25 -1.30 20.21
CA VAL B 535 -6.09 -1.99 19.24
C VAL B 535 -6.47 -3.36 19.80
N LEU B 536 -7.63 -3.85 19.36
CA LEU B 536 -8.14 -5.15 19.80
C LEU B 536 -8.92 -5.74 18.63
N ASP B 537 -8.31 -6.69 17.93
CA ASP B 537 -8.91 -7.31 16.75
C ASP B 537 -8.97 -8.81 17.05
N ILE B 538 -10.10 -9.26 17.57
CA ILE B 538 -10.29 -10.66 17.91
C ILE B 538 -11.40 -11.24 17.05
N SER B 539 -11.52 -10.74 15.83
CA SER B 539 -12.56 -11.17 14.91
C SER B 539 -12.26 -12.56 14.36
N LEU B 540 -13.27 -13.13 13.68
CA LEU B 540 -13.19 -14.46 13.08
C LEU B 540 -12.91 -15.55 14.11
N ALA B 541 -13.09 -15.24 15.39
CA ALA B 541 -12.95 -16.25 16.43
C ALA B 541 -14.24 -17.07 16.50
N ASN B 542 -14.38 -17.88 17.54
CA ASN B 542 -15.60 -18.67 17.71
C ASN B 542 -16.29 -18.30 19.01
N ILE B 543 -16.40 -17.01 19.30
CA ILE B 543 -17.02 -16.55 20.53
C ILE B 543 -18.54 -16.57 20.33
N SER B 544 -19.21 -17.49 21.02
CA SER B 544 -20.66 -17.61 20.94
C SER B 544 -21.29 -17.40 22.31
N ASP B 545 -20.84 -16.37 23.02
CA ASP B 545 -21.29 -16.08 24.37
C ASP B 545 -21.79 -14.65 24.43
N ALA B 546 -22.66 -14.39 25.41
CA ALA B 546 -23.13 -13.03 25.63
C ALA B 546 -21.99 -12.14 26.10
N LEU B 547 -22.13 -10.85 25.86
CA LEU B 547 -21.10 -9.90 26.24
C LEU B 547 -21.00 -9.85 27.75
N PRO B 548 -19.84 -10.13 28.34
CA PRO B 548 -19.75 -10.26 29.79
C PRO B 548 -20.01 -8.94 30.50
N SER B 549 -20.41 -9.05 31.77
CA SER B 549 -20.70 -7.86 32.57
C SER B 549 -19.48 -6.99 32.75
N TRP B 550 -18.31 -7.61 32.98
CA TRP B 550 -17.11 -6.82 33.25
C TRP B 550 -16.63 -6.07 32.01
N PHE B 551 -16.86 -6.63 30.82
CA PHE B 551 -16.44 -5.96 29.60
C PHE B 551 -17.39 -4.81 29.30
N SER B 552 -17.26 -3.73 30.06
CA SER B 552 -18.10 -2.55 29.90
C SER B 552 -17.32 -1.33 29.43
N GLY B 553 -16.11 -1.14 29.93
CA GLY B 553 -15.32 0.01 29.56
C GLY B 553 -14.04 -0.34 28.84
N LEU B 554 -13.90 0.14 27.61
CA LEU B 554 -12.67 -0.06 26.87
C LEU B 554 -11.58 0.84 27.41
N PRO B 555 -10.32 0.54 27.13
CA PRO B 555 -9.24 1.42 27.57
C PRO B 555 -9.43 2.81 27.03
N PRO B 556 -9.03 3.83 27.79
CA PRO B 556 -9.35 5.21 27.40
C PRO B 556 -8.75 5.65 26.08
N ASP B 557 -7.69 5.02 25.62
CA ASP B 557 -7.01 5.43 24.39
C ASP B 557 -7.06 4.34 23.34
N ILE B 558 -8.20 3.65 23.23
CA ILE B 558 -8.30 2.59 22.23
C ILE B 558 -8.46 3.20 20.85
N LYS B 559 -7.89 2.52 19.85
CA LYS B 559 -7.85 3.02 18.48
C LYS B 559 -8.71 2.18 17.54
N ILE B 560 -8.48 0.88 17.48
CA ILE B 560 -9.17 -0.02 16.56
C ILE B 560 -9.89 -1.09 17.37
N LEU B 561 -11.19 -1.21 17.15
CA LEU B 561 -11.99 -2.28 17.73
C LEU B 561 -12.62 -3.07 16.60
N ASN B 562 -12.39 -4.38 16.57
CA ASN B 562 -12.93 -5.24 15.52
C ASN B 562 -13.35 -6.56 16.18
N LEU B 563 -14.65 -6.70 16.42
CA LEU B 563 -15.23 -7.93 16.95
C LEU B 563 -16.07 -8.66 15.91
N SER B 564 -15.76 -8.46 14.63
CA SER B 564 -16.64 -8.88 13.55
C SER B 564 -16.61 -10.39 13.35
N ASN B 565 -17.63 -10.88 12.64
CA ASN B 565 -17.72 -12.28 12.21
C ASN B 565 -17.64 -13.25 13.38
N ASN B 566 -18.35 -12.93 14.46
CA ASN B 566 -18.52 -13.80 15.61
C ASN B 566 -20.02 -14.00 15.84
N GLN B 567 -20.35 -14.61 16.98
CA GLN B 567 -21.73 -14.75 17.42
C GLN B 567 -21.92 -14.16 18.81
N ILE B 568 -21.31 -13.00 19.05
CA ILE B 568 -21.44 -12.32 20.34
C ILE B 568 -22.80 -11.64 20.40
N SER B 569 -23.46 -11.73 21.55
CA SER B 569 -24.78 -11.15 21.76
C SER B 569 -24.75 -10.25 22.97
N GLY B 570 -25.66 -9.28 22.99
CA GLY B 570 -25.81 -8.41 24.13
C GLY B 570 -26.12 -6.99 23.70
N ARG B 571 -25.87 -6.06 24.60
CA ARG B 571 -26.16 -4.65 24.41
C ARG B 571 -24.83 -3.89 24.35
N VAL B 572 -24.62 -3.17 23.25
CA VAL B 572 -23.37 -2.44 23.05
C VAL B 572 -23.57 -0.94 23.04
N SER B 573 -24.77 -0.46 23.37
CA SER B 573 -24.96 0.96 23.56
C SER B 573 -24.23 1.47 24.80
N ASP B 574 -23.82 0.57 25.68
CA ASP B 574 -23.09 0.92 26.89
C ASP B 574 -21.60 0.58 26.79
N LEU B 575 -21.11 0.39 25.57
CA LEU B 575 -19.72 -0.02 25.34
C LEU B 575 -18.88 1.03 24.63
N ILE B 576 -19.50 1.92 23.86
CA ILE B 576 -18.79 2.97 23.15
C ILE B 576 -19.00 4.28 23.91
N GLU B 577 -17.92 4.94 24.28
CA GLU B 577 -17.99 6.07 25.20
C GLU B 577 -17.18 7.27 24.69
N ASN B 578 -17.14 7.46 23.37
CA ASN B 578 -16.61 8.68 22.76
C ASN B 578 -15.15 8.91 23.12
N ALA B 579 -14.34 7.85 23.08
CA ALA B 579 -12.91 8.03 23.28
C ALA B 579 -12.33 8.87 22.15
N TYR B 580 -11.37 9.73 22.50
CA TYR B 580 -10.83 10.67 21.53
C TYR B 580 -10.04 10.02 20.42
N ASP B 581 -9.61 8.77 20.58
CA ASP B 581 -8.67 8.15 19.67
C ASP B 581 -9.29 6.98 18.89
N TYR B 582 -10.62 6.92 18.80
CA TYR B 582 -11.25 5.89 17.99
C TYR B 582 -10.98 6.13 16.51
N MET B 583 -10.67 5.06 15.80
CA MET B 583 -10.53 5.13 14.35
C MET B 583 -11.33 4.07 13.62
N VAL B 584 -11.41 2.85 14.15
CA VAL B 584 -12.13 1.76 13.50
C VAL B 584 -12.97 1.04 14.55
N ILE B 585 -14.28 0.94 14.30
CA ILE B 585 -15.18 0.11 15.09
C ILE B 585 -15.89 -0.83 14.12
N ASP B 586 -15.65 -2.13 14.27
CA ASP B 586 -16.20 -3.15 13.38
C ASP B 586 -16.88 -4.22 14.22
N LEU B 587 -18.18 -4.06 14.44
CA LEU B 587 -18.98 -5.04 15.17
C LEU B 587 -19.90 -5.83 14.23
N SER B 588 -19.58 -5.88 12.94
CA SER B 588 -20.46 -6.47 11.95
C SER B 588 -20.54 -7.99 12.12
N SER B 589 -21.66 -8.55 11.63
CA SER B 589 -21.89 -9.99 11.58
C SER B 589 -21.80 -10.61 12.98
N ASN B 590 -22.78 -10.27 13.80
CA ASN B 590 -22.83 -10.76 15.18
C ASN B 590 -24.29 -10.91 15.59
N ASN B 591 -24.53 -11.03 16.90
CA ASN B 591 -25.85 -11.11 17.48
C ASN B 591 -26.16 -9.93 18.39
N PHE B 592 -25.58 -8.77 18.13
CA PHE B 592 -25.83 -7.62 18.98
C PHE B 592 -27.23 -7.08 18.77
N SER B 593 -27.84 -6.60 19.85
CA SER B 593 -29.18 -6.02 19.80
C SER B 593 -29.22 -4.79 20.69
N GLY B 594 -30.16 -3.90 20.38
CA GLY B 594 -30.35 -2.70 21.15
C GLY B 594 -30.39 -1.47 20.27
N PRO B 595 -30.25 -0.30 20.89
CA PRO B 595 -30.24 0.95 20.13
C PRO B 595 -28.89 1.18 19.46
N LEU B 596 -28.87 2.17 18.57
CA LEU B 596 -27.64 2.51 17.86
C LEU B 596 -26.62 3.05 18.83
N PRO B 597 -25.41 2.50 18.88
CA PRO B 597 -24.38 3.03 19.78
C PRO B 597 -23.91 4.41 19.34
N LEU B 598 -23.27 5.10 20.27
CA LEU B 598 -22.76 6.43 20.01
C LEU B 598 -21.73 6.42 18.88
N VAL B 599 -21.74 7.44 18.05
CA VAL B 599 -20.79 7.60 16.96
C VAL B 599 -19.68 8.51 17.45
N PRO B 600 -18.45 8.01 17.65
CA PRO B 600 -17.40 8.86 18.21
C PRO B 600 -17.03 9.99 17.26
N THR B 601 -16.53 11.08 17.85
CA THR B 601 -16.27 12.30 17.10
C THR B 601 -15.10 12.17 16.13
N ASN B 602 -14.28 11.14 16.24
CA ASN B 602 -13.12 10.99 15.38
C ASN B 602 -13.05 9.63 14.69
N VAL B 603 -14.11 8.83 14.78
CA VAL B 603 -14.12 7.53 14.11
C VAL B 603 -14.25 7.75 12.61
N GLN B 604 -13.68 6.84 11.84
CA GLN B 604 -13.74 6.89 10.39
C GLN B 604 -14.46 5.70 9.78
N ILE B 605 -14.26 4.51 10.33
CA ILE B 605 -14.97 3.31 9.90
C ILE B 605 -15.95 2.94 11.00
N PHE B 606 -17.24 2.88 10.67
CA PHE B 606 -18.31 2.54 11.61
C PHE B 606 -19.16 1.45 10.96
N TYR B 607 -18.75 0.20 11.12
CA TYR B 607 -19.43 -0.93 10.51
C TYR B 607 -20.27 -1.65 11.56
N LEU B 608 -21.58 -1.80 11.28
CA LEU B 608 -22.49 -2.42 12.22
C LEU B 608 -23.49 -3.33 11.51
N HIS B 609 -23.14 -3.86 10.34
CA HIS B 609 -24.11 -4.56 9.52
C HIS B 609 -24.17 -6.04 9.87
N LYS B 610 -25.29 -6.66 9.50
CA LYS B 610 -25.58 -8.06 9.83
C LYS B 610 -25.66 -8.29 11.34
N ASN B 611 -26.44 -7.44 12.01
CA ASN B 611 -26.73 -7.56 13.44
C ASN B 611 -28.23 -7.44 13.66
N GLN B 612 -28.63 -7.28 14.92
CA GLN B 612 -30.04 -7.20 15.28
C GLN B 612 -30.36 -5.91 16.02
N PHE B 613 -29.69 -4.81 15.67
CA PHE B 613 -30.02 -3.52 16.27
C PHE B 613 -31.41 -3.08 15.81
N PHE B 614 -32.11 -2.39 16.71
CA PHE B 614 -33.42 -1.86 16.39
C PHE B 614 -33.59 -0.49 17.03
N GLY B 615 -34.43 0.33 16.42
CA GLY B 615 -34.76 1.64 16.94
C GLY B 615 -34.54 2.70 15.88
N SER B 616 -34.43 3.94 16.33
CA SER B 616 -34.16 5.07 15.47
C SER B 616 -32.68 5.43 15.48
N ILE B 617 -32.24 6.09 14.42
CA ILE B 617 -30.84 6.47 14.30
C ILE B 617 -30.73 7.99 14.34
N SER B 618 -31.62 8.63 15.08
CA SER B 618 -31.56 10.07 15.27
C SER B 618 -30.34 10.51 16.09
N SER B 619 -29.67 9.56 16.76
CA SER B 619 -28.50 9.85 17.57
C SER B 619 -27.23 9.97 16.74
N ILE B 620 -27.36 10.00 15.42
CA ILE B 620 -26.21 10.14 14.52
C ILE B 620 -26.02 11.61 14.10
N CYS B 621 -26.63 12.53 14.83
CA CYS B 621 -26.74 13.93 14.44
C CYS B 621 -26.17 14.89 15.45
N LYS B 622 -26.33 14.62 16.74
CA LYS B 622 -26.08 15.62 17.77
C LYS B 622 -24.62 16.07 17.82
N SER B 623 -23.70 15.29 17.25
CA SER B 623 -22.29 15.64 17.27
C SER B 623 -21.71 15.50 15.86
N THR B 624 -20.86 16.46 15.49
CA THR B 624 -20.11 16.35 14.25
C THR B 624 -19.12 15.19 14.34
N THR B 625 -18.94 14.48 13.23
CA THR B 625 -18.11 13.30 13.21
C THR B 625 -17.21 13.30 11.98
N GLY B 626 -16.11 12.57 12.09
CA GLY B 626 -15.17 12.43 11.00
C GLY B 626 -15.38 11.12 10.26
N ALA B 627 -16.58 10.55 10.37
CA ALA B 627 -16.86 9.27 9.74
C ALA B 627 -16.77 9.39 8.22
N THR B 628 -16.19 8.37 7.60
CA THR B 628 -16.07 8.31 6.16
C THR B 628 -16.69 7.07 5.55
N SER B 629 -17.03 6.06 6.35
CA SER B 629 -17.64 4.85 5.84
C SER B 629 -18.42 4.20 6.96
N LEU B 630 -19.75 4.25 6.90
CA LEU B 630 -20.60 3.62 7.88
C LEU B 630 -21.52 2.64 7.18
N ASP B 631 -21.75 1.50 7.83
CA ASP B 631 -22.57 0.43 7.27
C ASP B 631 -23.57 0.00 8.34
N LEU B 632 -24.84 0.32 8.13
CA LEU B 632 -25.92 -0.05 9.04
C LEU B 632 -26.86 -1.07 8.42
N SER B 633 -26.43 -1.77 7.37
CA SER B 633 -27.33 -2.61 6.60
C SER B 633 -27.65 -3.89 7.36
N HIS B 634 -28.68 -4.58 6.87
CA HIS B 634 -29.11 -5.87 7.42
C HIS B 634 -29.39 -5.78 8.92
N ASN B 635 -30.05 -4.70 9.32
CA ASN B 635 -30.46 -4.50 10.70
C ASN B 635 -31.96 -4.22 10.76
N GLN B 636 -32.45 -3.81 11.93
CA GLN B 636 -33.87 -3.55 12.10
C GLN B 636 -34.16 -2.10 12.48
N PHE B 637 -33.26 -1.17 12.12
CA PHE B 637 -33.51 0.24 12.38
C PHE B 637 -34.77 0.69 11.66
N SER B 638 -35.64 1.39 12.38
CA SER B 638 -36.91 1.86 11.85
C SER B 638 -36.98 3.38 11.95
N GLY B 639 -38.15 3.92 11.63
CA GLY B 639 -38.40 5.33 11.79
C GLY B 639 -37.94 6.16 10.61
N GLU B 640 -38.28 7.44 10.64
CA GLU B 640 -37.89 8.36 9.58
C GLU B 640 -36.42 8.70 9.70
N LEU B 641 -35.78 8.90 8.56
CA LEU B 641 -34.36 9.22 8.53
C LEU B 641 -34.14 10.67 8.97
N PRO B 642 -33.19 10.93 9.86
CA PRO B 642 -33.02 12.29 10.37
C PRO B 642 -32.45 13.24 9.34
N ASP B 643 -32.80 14.52 9.48
CA ASP B 643 -32.30 15.58 8.61
C ASP B 643 -31.12 16.28 9.28
N CYS B 644 -30.01 15.55 9.34
CA CYS B 644 -28.85 16.01 10.09
C CYS B 644 -27.53 15.70 9.40
N TRP B 645 -27.54 15.39 8.12
CA TRP B 645 -26.34 14.87 7.46
C TRP B 645 -25.36 15.96 7.06
N MET B 646 -25.60 17.21 7.44
CA MET B 646 -24.59 18.24 7.29
C MET B 646 -23.52 18.17 8.37
N ASN B 647 -23.80 17.50 9.48
CA ASN B 647 -22.82 17.30 10.53
C ASN B 647 -21.84 16.18 10.22
N ALA B 648 -22.05 15.43 9.15
CA ALA B 648 -21.15 14.38 8.71
C ALA B 648 -20.92 14.55 7.22
N THR B 649 -19.90 15.34 6.87
CA THR B 649 -19.62 15.66 5.47
C THR B 649 -18.36 14.99 4.96
N ASN B 650 -17.77 14.09 5.73
CA ASN B 650 -16.60 13.34 5.29
C ASN B 650 -16.96 11.97 4.76
N LEU B 651 -18.24 11.71 4.52
CA LEU B 651 -18.69 10.38 4.13
C LEU B 651 -18.23 10.02 2.73
N ALA B 652 -17.80 8.77 2.56
CA ALA B 652 -17.50 8.21 1.26
C ALA B 652 -18.50 7.14 0.85
N VAL B 653 -18.82 6.21 1.75
CA VAL B 653 -19.86 5.22 1.50
C VAL B 653 -20.86 5.31 2.65
N LEU B 654 -22.12 5.05 2.32
CA LEU B 654 -23.21 5.11 3.29
C LEU B 654 -24.20 4.02 2.95
N ASN B 655 -24.37 3.08 3.88
CA ASN B 655 -25.17 1.88 3.65
C ASN B 655 -26.31 1.83 4.66
N LEU B 656 -27.52 2.11 4.20
CA LEU B 656 -28.72 2.03 5.02
C LEU B 656 -29.72 1.06 4.40
N ALA B 657 -29.23 -0.09 3.96
CA ALA B 657 -30.03 -1.03 3.18
C ALA B 657 -30.56 -2.16 4.05
N TYR B 658 -31.58 -2.84 3.52
CA TYR B 658 -32.18 -4.02 4.15
C TYR B 658 -32.64 -3.73 5.57
N ASN B 659 -33.20 -2.55 5.78
CA ASN B 659 -33.84 -2.16 7.03
C ASN B 659 -35.30 -1.84 6.75
N ASN B 660 -36.00 -1.34 7.76
CA ASN B 660 -37.35 -0.85 7.55
C ASN B 660 -37.49 0.64 7.88
N PHE B 661 -36.55 1.44 7.37
CA PHE B 661 -36.73 2.89 7.39
C PHE B 661 -37.96 3.27 6.58
N SER B 662 -38.42 4.51 6.77
CA SER B 662 -39.64 4.95 6.13
C SER B 662 -39.58 6.47 5.95
N GLY B 663 -40.47 6.98 5.12
CA GLY B 663 -40.59 8.41 4.92
C GLY B 663 -39.70 8.92 3.80
N LYS B 664 -39.77 10.24 3.60
CA LYS B 664 -39.02 10.90 2.56
C LYS B 664 -37.54 10.91 2.88
N LEU B 665 -36.71 10.94 1.84
CA LEU B 665 -35.29 11.09 2.04
C LEU B 665 -34.98 12.53 2.44
N PRO B 666 -34.13 12.73 3.45
CA PRO B 666 -33.84 14.09 3.91
C PRO B 666 -33.12 14.92 2.85
N GLN B 667 -33.38 16.22 2.88
CA GLN B 667 -32.68 17.13 1.98
C GLN B 667 -31.20 17.22 2.33
N SER B 668 -30.86 17.05 3.61
CA SER B 668 -29.47 17.19 4.04
C SER B 668 -28.55 16.19 3.36
N LEU B 669 -29.10 15.11 2.80
CA LEU B 669 -28.27 14.16 2.06
C LEU B 669 -27.58 14.81 0.88
N GLY B 670 -28.08 15.96 0.41
CA GLY B 670 -27.42 16.68 -0.66
C GLY B 670 -26.17 17.42 -0.25
N SER B 671 -25.91 17.52 1.05
CA SER B 671 -24.72 18.19 1.55
C SER B 671 -23.51 17.27 1.62
N LEU B 672 -23.67 16.00 1.26
CA LEU B 672 -22.57 15.03 1.28
C LEU B 672 -21.78 15.18 -0.01
N THR B 673 -20.90 16.19 -0.02
CA THR B 673 -20.12 16.48 -1.22
C THR B 673 -19.12 15.38 -1.53
N ASN B 674 -18.64 14.68 -0.50
CA ASN B 674 -17.64 13.65 -0.66
C ASN B 674 -18.21 12.29 -0.99
N LEU B 675 -19.53 12.18 -1.12
CA LEU B 675 -20.18 10.88 -1.27
C LEU B 675 -19.81 10.23 -2.59
N GLU B 676 -19.58 8.92 -2.55
CA GLU B 676 -19.29 8.17 -3.76
C GLU B 676 -20.05 6.85 -3.86
N ALA B 677 -20.80 6.48 -2.82
CA ALA B 677 -21.59 5.24 -2.85
C ALA B 677 -22.77 5.40 -1.91
N LEU B 678 -23.98 5.38 -2.46
CA LEU B 678 -25.21 5.47 -1.68
C LEU B 678 -25.96 4.16 -1.84
N TYR B 679 -26.02 3.39 -0.75
CA TYR B 679 -26.71 2.10 -0.71
C TYR B 679 -27.94 2.25 0.17
N MET B 680 -29.08 2.59 -0.45
CA MET B 680 -30.33 2.77 0.27
C MET B 680 -31.40 1.95 -0.47
N ARG B 681 -31.51 0.67 -0.13
CA ARG B 681 -32.40 -0.22 -0.85
C ARG B 681 -33.02 -1.22 0.13
N GLN B 682 -34.12 -1.83 -0.33
CA GLN B 682 -34.91 -2.75 0.49
C GLN B 682 -35.39 -2.08 1.77
N ASN B 683 -35.92 -0.86 1.62
CA ASN B 683 -36.58 -0.14 2.69
C ASN B 683 -37.98 0.26 2.25
N SER B 684 -38.63 1.13 3.01
CA SER B 684 -40.00 1.56 2.71
C SER B 684 -40.08 3.08 2.63
N PHE B 685 -39.18 3.69 1.86
CA PHE B 685 -39.22 5.13 1.65
C PHE B 685 -40.44 5.51 0.81
N SER B 686 -40.58 6.81 0.53
CA SER B 686 -41.71 7.30 -0.23
C SER B 686 -41.40 8.72 -0.70
N GLY B 687 -42.33 9.29 -1.45
CA GLY B 687 -42.21 10.65 -1.91
C GLY B 687 -41.21 10.78 -3.06
N MET B 688 -41.04 12.02 -3.50
CA MET B 688 -40.05 12.33 -4.53
C MET B 688 -38.65 12.22 -3.92
N LEU B 689 -37.63 12.45 -4.75
CA LEU B 689 -36.28 12.21 -4.26
C LEU B 689 -35.52 13.52 -4.21
N PRO B 690 -34.77 13.77 -3.13
CA PRO B 690 -34.16 15.09 -2.94
C PRO B 690 -33.07 15.39 -3.94
N SER B 691 -32.74 16.67 -4.05
CA SER B 691 -31.76 17.16 -5.02
C SER B 691 -30.36 16.82 -4.54
N LEU B 692 -29.86 15.67 -4.97
CA LEU B 692 -28.46 15.30 -4.76
C LEU B 692 -27.59 15.83 -5.90
N SER B 693 -27.70 17.13 -6.16
CA SER B 693 -27.02 17.72 -7.30
C SER B 693 -25.52 17.85 -7.03
N GLN B 694 -25.16 18.59 -5.99
CA GLN B 694 -23.74 18.81 -5.68
C GLN B 694 -23.16 17.60 -4.97
N CYS B 695 -23.30 16.42 -5.58
CA CYS B 695 -22.77 15.19 -5.01
C CYS B 695 -21.88 14.51 -6.03
N GLN B 696 -20.98 15.28 -6.64
CA GLN B 696 -20.08 14.74 -7.65
C GLN B 696 -19.22 13.62 -7.07
N SER B 697 -18.53 12.92 -7.96
CA SER B 697 -17.75 11.73 -7.64
C SER B 697 -18.63 10.61 -7.09
N LEU B 698 -19.93 10.67 -7.33
CA LEU B 698 -20.84 9.59 -6.95
C LEU B 698 -20.81 8.51 -8.03
N GLN B 699 -20.39 7.31 -7.64
CA GLN B 699 -20.26 6.21 -8.59
C GLN B 699 -21.43 5.23 -8.53
N ILE B 700 -21.94 4.94 -7.33
CA ILE B 700 -23.02 3.97 -7.14
C ILE B 700 -24.19 4.68 -6.47
N LEU B 701 -25.37 4.54 -7.07
CA LEU B 701 -26.61 5.05 -6.51
C LEU B 701 -27.64 3.92 -6.60
N ASP B 702 -27.78 3.16 -5.51
CA ASP B 702 -28.68 2.01 -5.46
C ASP B 702 -29.88 2.37 -4.61
N LEU B 703 -31.08 2.28 -5.20
CA LEU B 703 -32.32 2.62 -4.53
C LEU B 703 -33.41 1.60 -4.87
N GLY B 704 -33.05 0.32 -4.80
CA GLY B 704 -34.03 -0.72 -5.06
C GLY B 704 -35.12 -0.75 -4.00
N GLY B 705 -36.29 -1.23 -4.40
CA GLY B 705 -37.45 -1.16 -3.51
C GLY B 705 -37.78 0.27 -3.17
N ASN B 706 -38.04 0.52 -1.89
CA ASN B 706 -38.13 1.84 -1.29
C ASN B 706 -39.30 2.69 -1.77
N LYS B 707 -40.17 2.17 -2.64
CA LYS B 707 -41.45 2.81 -2.97
C LYS B 707 -41.32 4.27 -3.36
N LEU B 708 -40.20 4.66 -3.96
CA LEU B 708 -40.03 6.05 -4.35
C LEU B 708 -40.94 6.40 -5.51
N THR B 709 -41.44 7.64 -5.50
CA THR B 709 -42.37 8.11 -6.52
C THR B 709 -41.85 9.37 -7.17
N GLY B 710 -42.43 9.70 -8.32
CA GLY B 710 -42.08 10.90 -9.06
C GLY B 710 -41.45 10.58 -10.40
N ARG B 711 -41.31 11.64 -11.19
CA ARG B 711 -40.61 11.52 -12.46
C ARG B 711 -39.12 11.31 -12.21
N ILE B 712 -38.46 10.71 -13.20
CA ILE B 712 -37.02 10.44 -13.05
C ILE B 712 -36.28 11.76 -12.86
N PRO B 713 -35.36 11.87 -11.90
CA PRO B 713 -34.72 13.16 -11.65
C PRO B 713 -33.90 13.61 -12.84
N ALA B 714 -34.16 14.84 -13.29
CA ALA B 714 -33.43 15.40 -14.42
C ALA B 714 -31.99 15.75 -14.10
N TRP B 715 -31.64 15.84 -12.81
CA TRP B 715 -30.29 16.19 -12.41
C TRP B 715 -29.35 15.00 -12.38
N ILE B 716 -29.84 13.78 -12.59
CA ILE B 716 -28.97 12.62 -12.61
C ILE B 716 -27.99 12.71 -13.77
N GLY B 717 -28.50 13.06 -14.95
CA GLY B 717 -27.62 13.18 -16.11
C GLY B 717 -26.91 14.50 -16.21
N THR B 718 -27.49 15.57 -15.66
CA THR B 718 -26.88 16.89 -15.77
C THR B 718 -25.66 17.01 -14.88
N ASP B 719 -25.75 16.57 -13.63
CA ASP B 719 -24.71 16.80 -12.64
C ASP B 719 -23.85 15.56 -12.39
N LEU B 720 -24.47 14.44 -12.08
CA LEU B 720 -23.72 13.21 -11.82
C LEU B 720 -23.06 12.74 -13.11
N LEU B 721 -21.74 12.86 -13.18
CA LEU B 721 -20.99 12.50 -14.38
C LEU B 721 -20.08 11.30 -14.19
N ASN B 722 -19.74 10.94 -12.96
CA ASN B 722 -18.90 9.79 -12.68
C ASN B 722 -19.69 8.55 -12.32
N LEU B 723 -21.01 8.59 -12.51
CA LEU B 723 -21.86 7.47 -12.13
C LEU B 723 -21.54 6.24 -12.98
N ARG B 724 -21.46 5.09 -12.31
CA ARG B 724 -21.21 3.82 -12.98
C ARG B 724 -22.32 2.80 -12.75
N ILE B 725 -23.05 2.88 -11.64
CA ILE B 725 -24.15 1.97 -11.35
C ILE B 725 -25.36 2.82 -10.95
N LEU B 726 -26.50 2.55 -11.58
CA LEU B 726 -27.74 3.29 -11.34
C LEU B 726 -28.87 2.28 -11.21
N SER B 727 -29.26 1.97 -9.97
CA SER B 727 -30.26 0.94 -9.68
C SER B 727 -31.49 1.60 -9.06
N LEU B 728 -32.45 1.93 -9.90
CA LEU B 728 -33.76 2.44 -9.48
C LEU B 728 -34.80 1.44 -9.97
N ARG B 729 -34.99 0.37 -9.20
CA ARG B 729 -35.87 -0.72 -9.59
C ARG B 729 -36.85 -1.00 -8.46
N PHE B 730 -38.02 -1.52 -8.84
CA PHE B 730 -39.12 -1.79 -7.91
C PHE B 730 -39.50 -0.53 -7.15
N ASN B 731 -39.85 0.50 -7.92
CA ASN B 731 -40.30 1.78 -7.41
C ASN B 731 -41.53 2.22 -8.18
N LYS B 732 -41.93 3.48 -8.03
CA LYS B 732 -43.04 4.04 -8.81
C LYS B 732 -42.52 5.30 -9.51
N PHE B 733 -41.88 5.11 -10.65
CA PHE B 733 -41.23 6.19 -11.39
C PHE B 733 -41.95 6.35 -12.73
N TYR B 734 -42.95 7.21 -12.75
CA TYR B 734 -43.64 7.50 -13.99
C TYR B 734 -42.82 8.48 -14.83
N GLY B 735 -43.19 8.58 -16.11
CA GLY B 735 -42.58 9.53 -17.01
C GLY B 735 -41.85 8.84 -18.15
N SER B 736 -40.76 9.46 -18.59
CA SER B 736 -39.95 8.94 -19.67
C SER B 736 -38.48 9.00 -19.29
N ILE B 737 -37.69 8.13 -19.90
CA ILE B 737 -36.24 8.14 -19.70
C ILE B 737 -35.67 9.24 -20.58
N SER B 738 -35.38 10.39 -19.99
CA SER B 738 -34.89 11.51 -20.76
C SER B 738 -33.52 11.18 -21.34
N PRO B 739 -33.22 11.64 -22.57
CA PRO B 739 -31.92 11.31 -23.19
C PRO B 739 -30.72 11.86 -22.43
N ILE B 740 -30.93 12.77 -21.47
CA ILE B 740 -29.82 13.33 -20.70
C ILE B 740 -29.03 12.24 -20.00
N ILE B 741 -29.70 11.12 -19.68
CA ILE B 741 -29.05 10.02 -18.99
C ILE B 741 -27.91 9.43 -19.83
N CYS B 742 -27.85 9.75 -21.12
CA CYS B 742 -26.77 9.27 -21.95
C CYS B 742 -25.45 9.98 -21.67
N GLN B 743 -25.49 11.16 -21.06
CA GLN B 743 -24.26 11.92 -20.82
C GLN B 743 -23.40 11.33 -19.73
N LEU B 744 -23.73 10.15 -19.20
CA LEU B 744 -23.00 9.63 -18.05
C LEU B 744 -21.65 9.06 -18.45
N GLN B 745 -21.52 8.48 -19.64
CA GLN B 745 -20.24 8.14 -20.23
C GLN B 745 -19.51 7.02 -19.49
N PHE B 746 -20.04 6.60 -18.34
CA PHE B 746 -19.37 5.57 -17.56
C PHE B 746 -20.31 4.53 -17.00
N LEU B 747 -21.60 4.56 -17.33
CA LEU B 747 -22.54 3.59 -16.83
C LEU B 747 -22.22 2.21 -17.39
N GLN B 748 -22.16 1.21 -16.51
CA GLN B 748 -22.08 -0.19 -16.92
C GLN B 748 -23.23 -1.02 -16.39
N ILE B 749 -23.96 -0.55 -15.39
CA ILE B 749 -25.16 -1.20 -14.88
C ILE B 749 -26.28 -0.17 -14.92
N LEU B 750 -27.27 -0.39 -15.77
CA LEU B 750 -28.48 0.41 -15.80
C LEU B 750 -29.66 -0.50 -15.53
N ASP B 751 -30.43 -0.20 -14.48
CA ASP B 751 -31.49 -1.08 -14.03
C ASP B 751 -32.68 -0.22 -13.59
N LEU B 752 -33.73 -0.20 -14.41
CA LEU B 752 -34.95 0.54 -14.12
C LEU B 752 -36.16 -0.38 -14.22
N SER B 753 -35.99 -1.66 -13.90
CA SER B 753 -37.07 -2.63 -14.06
C SER B 753 -38.15 -2.44 -13.00
N ALA B 754 -39.39 -2.68 -13.40
CA ALA B 754 -40.56 -2.61 -12.52
C ALA B 754 -40.68 -1.22 -11.90
N ASN B 755 -40.89 -0.24 -12.78
CA ASN B 755 -40.95 1.16 -12.35
C ASN B 755 -42.10 1.95 -12.93
N GLY B 756 -42.89 1.40 -13.84
CA GLY B 756 -44.01 2.15 -14.40
C GLY B 756 -43.61 3.33 -15.24
N LEU B 757 -42.59 3.18 -16.09
CA LEU B 757 -42.13 4.24 -16.97
C LEU B 757 -42.98 4.27 -18.24
N ALA B 758 -42.53 5.02 -19.24
CA ALA B 758 -43.22 5.12 -20.52
C ALA B 758 -42.25 5.74 -21.51
N GLY B 759 -42.74 6.08 -22.70
CA GLY B 759 -41.92 6.72 -23.70
C GLY B 759 -41.08 5.72 -24.47
N LYS B 760 -40.23 6.27 -25.33
CA LYS B 760 -39.34 5.48 -26.18
C LYS B 760 -37.98 5.32 -25.53
N ILE B 761 -37.35 4.18 -25.78
CA ILE B 761 -35.98 3.96 -25.34
C ILE B 761 -35.07 4.94 -26.07
N PRO B 762 -34.17 5.64 -25.39
CA PRO B 762 -33.35 6.66 -26.06
C PRO B 762 -32.49 6.05 -27.17
N GLN B 763 -32.30 6.83 -28.23
CA GLN B 763 -31.45 6.44 -29.34
C GLN B 763 -30.01 6.85 -29.14
N CYS B 764 -29.68 7.43 -27.98
CA CYS B 764 -28.37 7.99 -27.68
C CYS B 764 -27.48 7.04 -26.88
N PHE B 765 -27.76 5.74 -26.91
CA PHE B 765 -27.06 4.79 -26.06
C PHE B 765 -25.63 4.52 -26.51
N ASN B 766 -25.21 5.02 -27.68
CA ASN B 766 -23.84 4.80 -28.14
C ASN B 766 -22.82 5.43 -27.20
N ASN B 767 -23.21 6.50 -26.51
CA ASN B 767 -22.25 7.36 -25.85
C ASN B 767 -21.70 6.71 -24.59
N PHE B 768 -22.33 5.62 -24.14
CA PHE B 768 -21.89 4.87 -22.96
C PHE B 768 -20.64 4.09 -23.31
N THR B 769 -19.48 4.71 -23.10
CA THR B 769 -18.22 4.00 -23.19
C THR B 769 -18.16 2.98 -22.04
N LEU B 770 -17.26 2.00 -22.18
CA LEU B 770 -17.06 0.82 -21.35
C LEU B 770 -18.09 -0.27 -21.65
N LEU B 771 -19.08 -0.01 -22.50
CA LEU B 771 -19.96 -1.05 -23.00
C LEU B 771 -19.59 -1.50 -24.40
N HIS B 772 -18.53 -0.93 -24.97
CA HIS B 772 -17.97 -1.37 -26.24
C HIS B 772 -16.71 -2.19 -26.10
N GLN B 773 -15.96 -2.01 -25.02
CA GLN B 773 -14.75 -2.79 -24.80
C GLN B 773 -15.09 -4.26 -24.63
N GLU B 774 -14.34 -5.13 -25.32
CA GLU B 774 -14.63 -6.56 -25.27
C GLU B 774 -14.32 -7.12 -23.89
N ASN B 775 -13.14 -6.82 -23.36
CA ASN B 775 -12.69 -7.38 -22.08
C ASN B 775 -11.98 -6.26 -21.30
N GLY B 776 -12.74 -5.56 -20.46
CA GLY B 776 -12.17 -4.54 -19.61
C GLY B 776 -12.75 -4.60 -18.21
N LEU B 777 -11.89 -4.77 -17.21
CA LEU B 777 -12.31 -4.87 -15.82
C LEU B 777 -12.14 -3.50 -15.16
N GLY B 778 -13.26 -2.89 -14.77
CA GLY B 778 -13.19 -1.61 -14.10
C GLY B 778 -12.56 -1.74 -12.72
N GLU B 779 -11.94 -0.64 -12.29
CA GLU B 779 -11.27 -0.65 -10.99
C GLU B 779 -12.30 -0.68 -9.87
N PRO B 780 -11.98 -1.33 -8.76
CA PRO B 780 -12.91 -1.37 -7.63
C PRO B 780 -12.91 -0.07 -6.84
N MET B 781 -13.96 0.12 -6.06
CA MET B 781 -14.10 1.32 -5.25
C MET B 781 -13.14 1.28 -4.07
N GLU B 782 -12.57 2.44 -3.76
CA GLU B 782 -11.52 2.53 -2.74
C GLU B 782 -11.66 3.88 -2.03
N PHE B 783 -11.79 3.84 -0.71
CA PHE B 783 -11.78 5.04 0.10
C PHE B 783 -10.54 5.05 0.98
N LEU B 784 -10.40 6.11 1.77
CA LEU B 784 -9.14 6.41 2.43
C LEU B 784 -9.37 6.66 3.91
N VAL B 785 -8.70 5.89 4.76
CA VAL B 785 -8.69 6.13 6.19
C VAL B 785 -7.34 6.75 6.50
N GLN B 786 -7.35 8.03 6.87
CA GLN B 786 -6.14 8.83 6.98
C GLN B 786 -5.67 8.88 8.43
N GLY B 787 -4.38 8.68 8.63
CA GLY B 787 -3.80 8.66 9.95
C GLY B 787 -3.51 7.29 10.51
N PHE B 788 -3.52 6.25 9.68
CA PHE B 788 -3.35 4.88 10.18
C PHE B 788 -1.93 4.65 10.69
N TYR B 789 -0.95 4.75 9.80
CA TYR B 789 0.46 4.58 10.17
C TYR B 789 1.09 5.92 10.53
N GLY B 790 0.50 6.58 11.52
CA GLY B 790 0.97 7.90 11.90
C GLY B 790 0.70 8.91 10.82
N LYS B 791 1.76 9.35 10.14
CA LYS B 791 1.60 10.30 9.04
C LYS B 791 1.01 9.67 7.79
N TYR B 792 1.09 8.35 7.66
CA TYR B 792 0.71 7.78 6.37
C TYR B 792 -0.72 7.26 6.42
N PRO B 793 -1.45 7.39 5.32
CA PRO B 793 -2.83 6.90 5.28
C PRO B 793 -2.90 5.42 4.88
N ARG B 794 -4.12 4.88 4.93
CA ARG B 794 -4.40 3.53 4.49
C ARG B 794 -5.55 3.55 3.51
N HIS B 795 -5.46 2.72 2.48
CA HIS B 795 -6.48 2.63 1.44
C HIS B 795 -7.33 1.40 1.71
N TYR B 796 -8.63 1.60 1.82
CA TYR B 796 -9.58 0.52 2.09
C TYR B 796 -10.44 0.29 0.86
N SER B 797 -10.69 -0.99 0.57
CA SER B 797 -11.52 -1.37 -0.56
C SER B 797 -12.90 -1.78 -0.06
N TYR B 798 -13.93 -1.14 -0.61
CA TYR B 798 -15.32 -1.47 -0.28
C TYR B 798 -15.91 -2.18 -1.50
N LEU B 799 -16.08 -3.49 -1.37
CA LEU B 799 -16.64 -4.32 -2.44
C LEU B 799 -18.12 -4.53 -2.17
N GLY B 800 -18.90 -3.50 -2.43
CA GLY B 800 -20.32 -3.55 -2.13
C GLY B 800 -21.07 -4.46 -3.08
N ASN B 801 -22.20 -4.97 -2.59
CA ASN B 801 -23.01 -5.92 -3.35
C ASN B 801 -23.95 -5.16 -4.30
N LEU B 802 -24.71 -5.91 -5.06
CA LEU B 802 -25.74 -5.32 -5.93
C LEU B 802 -26.80 -6.37 -6.23
N LEU B 803 -28.06 -6.05 -5.93
CA LEU B 803 -29.16 -6.97 -6.20
C LEU B 803 -29.60 -6.81 -7.65
N VAL B 804 -29.48 -7.89 -8.43
CA VAL B 804 -29.75 -7.85 -9.86
C VAL B 804 -30.67 -9.01 -10.22
N GLN B 805 -31.24 -8.93 -11.41
CA GLN B 805 -32.09 -9.98 -11.97
C GLN B 805 -31.23 -10.73 -12.97
N TRP B 806 -30.50 -11.74 -12.49
CA TRP B 806 -29.51 -12.46 -13.28
C TRP B 806 -30.07 -13.84 -13.60
N LYS B 807 -30.21 -14.12 -14.89
CA LYS B 807 -30.60 -15.44 -15.40
C LYS B 807 -31.80 -16.01 -14.63
N ASN B 808 -32.91 -15.28 -14.70
CA ASN B 808 -34.19 -15.68 -14.13
C ASN B 808 -34.15 -15.84 -12.61
N GLN B 809 -33.10 -15.34 -11.95
CA GLN B 809 -33.00 -15.40 -10.50
C GLN B 809 -32.61 -14.05 -9.93
N GLU B 810 -33.23 -13.68 -8.82
CA GLU B 810 -32.88 -12.46 -8.10
C GLU B 810 -31.67 -12.75 -7.23
N ALA B 811 -30.51 -12.19 -7.58
CA ALA B 811 -29.26 -12.59 -6.96
C ALA B 811 -28.46 -11.38 -6.51
N GLU B 812 -27.65 -11.59 -5.46
CA GLU B 812 -26.80 -10.54 -4.90
C GLU B 812 -25.40 -10.71 -5.48
N TYR B 813 -25.12 -9.99 -6.56
CA TYR B 813 -23.81 -10.03 -7.18
C TYR B 813 -22.81 -9.33 -6.28
N LYS B 814 -21.64 -9.95 -6.12
CA LYS B 814 -20.73 -9.55 -5.04
C LYS B 814 -20.00 -8.26 -5.36
N ASN B 815 -19.31 -8.20 -6.49
CA ASN B 815 -18.47 -7.05 -6.86
C ASN B 815 -18.86 -6.59 -8.25
N PRO B 816 -19.98 -5.88 -8.37
CA PRO B 816 -20.50 -5.54 -9.70
C PRO B 816 -19.59 -4.61 -10.49
N LEU B 817 -18.79 -3.79 -9.82
CA LEU B 817 -17.97 -2.81 -10.52
C LEU B 817 -16.95 -3.47 -11.43
N THR B 818 -16.33 -4.55 -10.97
CA THR B 818 -15.23 -5.16 -11.72
C THR B 818 -15.73 -5.88 -12.96
N TYR B 819 -16.80 -6.66 -12.85
CA TYR B 819 -17.20 -7.58 -13.90
C TYR B 819 -18.49 -7.21 -14.60
N LEU B 820 -19.55 -6.93 -13.86
CA LEU B 820 -20.89 -6.91 -14.42
C LEU B 820 -21.09 -5.75 -15.39
N LYS B 821 -21.83 -6.02 -16.46
CA LYS B 821 -22.21 -5.00 -17.44
C LYS B 821 -23.60 -5.38 -17.97
N THR B 822 -24.63 -4.75 -17.41
CA THR B 822 -26.00 -5.12 -17.71
C THR B 822 -26.85 -3.91 -18.04
N ILE B 823 -27.86 -4.12 -18.87
CA ILE B 823 -28.92 -3.15 -19.11
C ILE B 823 -30.25 -3.85 -18.90
N ASP B 824 -31.09 -3.31 -18.03
CA ASP B 824 -32.36 -3.92 -17.68
C ASP B 824 -33.43 -2.83 -17.63
N LEU B 825 -34.42 -2.94 -18.50
CA LEU B 825 -35.54 -2.01 -18.58
C LEU B 825 -36.85 -2.76 -18.73
N SER B 826 -36.98 -3.87 -18.02
CA SER B 826 -38.11 -4.77 -18.20
C SER B 826 -39.29 -4.37 -17.32
N SER B 827 -40.49 -4.61 -17.84
CA SER B 827 -41.74 -4.36 -17.11
C SER B 827 -41.88 -2.90 -16.70
N ASN B 828 -41.80 -2.02 -17.69
CA ASN B 828 -41.91 -0.58 -17.43
C ASN B 828 -42.75 0.14 -18.48
N LYS B 829 -43.61 -0.58 -19.21
CA LYS B 829 -44.54 0.03 -20.17
C LYS B 829 -43.83 0.91 -21.19
N LEU B 830 -42.66 0.47 -21.66
CA LEU B 830 -41.93 1.21 -22.67
C LEU B 830 -42.50 0.90 -24.04
N VAL B 831 -42.76 1.95 -24.82
CA VAL B 831 -43.42 1.83 -26.12
C VAL B 831 -42.50 2.40 -27.19
N GLY B 832 -42.39 1.68 -28.30
CA GLY B 832 -41.53 2.09 -29.38
C GLY B 832 -40.80 0.92 -30.00
N GLY B 833 -39.56 1.15 -30.43
CA GLY B 833 -38.76 0.09 -31.00
C GLY B 833 -37.40 0.01 -30.32
N ILE B 834 -36.77 -1.15 -30.46
CA ILE B 834 -35.41 -1.31 -29.94
C ILE B 834 -34.47 -0.44 -30.76
N PRO B 835 -33.70 0.44 -30.14
CA PRO B 835 -32.79 1.31 -30.90
C PRO B 835 -31.76 0.49 -31.68
N LYS B 836 -31.47 0.95 -32.89
CA LYS B 836 -30.47 0.32 -33.73
C LYS B 836 -29.05 0.60 -33.28
N GLU B 837 -28.87 1.48 -32.31
CA GLU B 837 -27.56 1.90 -31.85
C GLU B 837 -26.96 0.95 -30.82
N MET B 838 -27.70 -0.07 -30.38
CA MET B 838 -27.16 -1.03 -29.43
C MET B 838 -26.35 -2.12 -30.09
N ALA B 839 -26.19 -2.09 -31.41
CA ALA B 839 -25.52 -3.17 -32.13
C ALA B 839 -24.05 -3.28 -31.73
N GLU B 840 -23.37 -2.14 -31.58
CA GLU B 840 -21.93 -2.12 -31.34
C GLU B 840 -21.59 -2.14 -29.86
N MET B 841 -22.45 -2.72 -29.02
CA MET B 841 -22.23 -2.78 -27.58
C MET B 841 -21.63 -4.14 -27.22
N ARG B 842 -20.33 -4.28 -27.53
CA ARG B 842 -19.68 -5.58 -27.41
C ARG B 842 -19.66 -6.08 -25.97
N GLY B 843 -19.39 -5.19 -25.02
CA GLY B 843 -19.20 -5.60 -23.64
C GLY B 843 -20.46 -5.90 -22.84
N LEU B 844 -21.64 -5.68 -23.43
CA LEU B 844 -22.87 -5.94 -22.69
C LEU B 844 -23.04 -7.42 -22.44
N LYS B 845 -23.20 -7.80 -21.18
CA LYS B 845 -23.27 -9.20 -20.78
C LYS B 845 -24.66 -9.61 -20.31
N SER B 846 -25.64 -8.73 -20.44
CA SER B 846 -27.04 -9.08 -20.17
C SER B 846 -27.93 -8.03 -20.79
N LEU B 847 -29.13 -8.44 -21.17
CA LEU B 847 -30.12 -7.54 -21.74
C LEU B 847 -31.50 -8.07 -21.43
N ASN B 848 -32.32 -7.25 -20.77
CA ASN B 848 -33.70 -7.62 -20.43
C ASN B 848 -34.59 -6.43 -20.78
N LEU B 849 -35.28 -6.54 -21.91
CA LEU B 849 -36.24 -5.54 -22.36
C LEU B 849 -37.61 -6.15 -22.53
N SER B 850 -38.00 -7.00 -21.59
CA SER B 850 -39.23 -7.77 -21.69
C SER B 850 -40.37 -7.05 -20.99
N ARG B 851 -41.58 -7.58 -21.18
CA ARG B 851 -42.80 -7.08 -20.53
C ARG B 851 -43.03 -5.61 -20.84
N ASN B 852 -42.79 -5.22 -22.09
CA ASN B 852 -43.05 -3.88 -22.56
C ASN B 852 -43.87 -3.94 -23.84
N ASP B 853 -44.48 -2.81 -24.20
CA ASP B 853 -45.25 -2.73 -25.43
C ASP B 853 -44.41 -2.21 -26.59
N LEU B 854 -43.26 -2.84 -26.81
CA LEU B 854 -42.39 -2.45 -27.91
C LEU B 854 -42.83 -3.13 -29.20
N ASN B 855 -42.65 -2.42 -30.31
CA ASN B 855 -42.95 -2.97 -31.63
C ASN B 855 -41.80 -2.69 -32.58
N GLY B 856 -41.68 -3.53 -33.60
CA GLY B 856 -40.58 -3.46 -34.52
C GLY B 856 -39.96 -4.82 -34.77
N SER B 857 -38.65 -4.86 -34.94
CA SER B 857 -37.95 -6.11 -35.20
C SER B 857 -36.67 -6.14 -34.39
N ILE B 858 -36.18 -7.35 -34.13
CA ILE B 858 -34.89 -7.50 -33.47
C ILE B 858 -33.83 -6.86 -34.33
N ILE B 859 -33.05 -5.94 -33.73
CA ILE B 859 -32.12 -5.14 -34.50
C ILE B 859 -31.05 -6.02 -35.12
N LYS B 860 -30.77 -5.79 -36.39
CA LYS B 860 -29.72 -6.53 -37.09
C LYS B 860 -28.37 -6.05 -36.59
N GLY B 861 -27.71 -6.85 -35.77
CA GLY B 861 -26.47 -6.43 -35.15
C GLY B 861 -26.31 -6.96 -33.74
N ILE B 862 -27.35 -7.60 -33.21
CA ILE B 862 -27.23 -8.25 -31.90
C ILE B 862 -26.19 -9.35 -31.96
N GLY B 863 -26.06 -10.01 -33.12
CA GLY B 863 -25.04 -11.03 -33.29
C GLY B 863 -23.63 -10.50 -33.13
N GLN B 864 -23.44 -9.19 -33.25
CA GLN B 864 -22.13 -8.60 -33.03
C GLN B 864 -21.77 -8.52 -31.55
N MET B 865 -22.76 -8.59 -30.66
CA MET B 865 -22.51 -8.58 -29.22
C MET B 865 -21.91 -9.92 -28.82
N LYS B 866 -20.59 -9.96 -28.65
CA LYS B 866 -19.88 -11.23 -28.56
C LYS B 866 -20.14 -11.92 -27.22
N MET B 867 -20.08 -11.18 -26.12
CA MET B 867 -20.15 -11.77 -24.79
C MET B 867 -21.49 -11.57 -24.12
N LEU B 868 -22.59 -11.67 -24.88
CA LEU B 868 -23.93 -11.55 -24.32
C LEU B 868 -24.40 -12.94 -23.89
N GLU B 869 -24.55 -13.13 -22.58
CA GLU B 869 -24.92 -14.42 -22.02
C GLU B 869 -26.37 -14.49 -21.55
N SER B 870 -27.14 -13.41 -21.72
CA SER B 870 -28.52 -13.40 -21.25
C SER B 870 -29.32 -12.44 -22.11
N LEU B 871 -30.24 -12.98 -22.90
CA LEU B 871 -31.14 -12.19 -23.73
C LEU B 871 -32.58 -12.48 -23.34
N ASP B 872 -33.39 -11.42 -23.24
CA ASP B 872 -34.79 -11.58 -22.89
C ASP B 872 -35.56 -10.43 -23.53
N LEU B 873 -36.30 -10.75 -24.60
CA LEU B 873 -37.19 -9.81 -25.27
C LEU B 873 -38.63 -10.28 -25.22
N SER B 874 -38.96 -11.16 -24.29
CA SER B 874 -40.25 -11.84 -24.29
C SER B 874 -41.37 -10.88 -23.90
N ARG B 875 -42.60 -11.29 -24.22
CA ARG B 875 -43.82 -10.59 -23.84
C ARG B 875 -43.87 -9.16 -24.38
N ASN B 876 -43.12 -8.88 -25.43
CA ASN B 876 -43.20 -7.62 -26.14
C ASN B 876 -44.21 -7.78 -27.28
N GLN B 877 -44.22 -6.85 -28.23
CA GLN B 877 -45.07 -6.93 -29.42
C GLN B 877 -44.24 -6.76 -30.67
N LEU B 878 -43.13 -7.51 -30.75
CA LEU B 878 -42.19 -7.37 -31.85
C LEU B 878 -42.80 -7.98 -33.12
N SER B 879 -42.02 -8.03 -34.19
CA SER B 879 -42.50 -8.52 -35.47
C SER B 879 -41.29 -8.94 -36.31
N GLY B 880 -41.54 -9.27 -37.57
CA GLY B 880 -40.48 -9.72 -38.44
C GLY B 880 -39.99 -11.12 -38.10
N MET B 881 -38.83 -11.45 -38.64
CA MET B 881 -38.20 -12.75 -38.43
C MET B 881 -36.89 -12.58 -37.70
N ILE B 882 -36.45 -13.67 -37.08
CA ILE B 882 -35.21 -13.65 -36.28
C ILE B 882 -34.03 -13.37 -37.19
N PRO B 883 -33.16 -12.41 -36.87
CA PRO B 883 -32.00 -12.15 -37.73
C PRO B 883 -31.02 -13.32 -37.72
N LYS B 884 -30.33 -13.48 -38.85
CA LYS B 884 -29.38 -14.59 -38.99
C LYS B 884 -28.16 -14.39 -38.09
N ASP B 885 -27.82 -13.13 -37.78
CA ASP B 885 -26.60 -12.86 -37.01
C ASP B 885 -26.62 -13.51 -35.64
N LEU B 886 -27.80 -13.87 -35.13
CA LEU B 886 -27.88 -14.54 -33.84
C LEU B 886 -27.12 -15.86 -33.83
N ALA B 887 -26.83 -16.43 -35.00
CA ALA B 887 -26.05 -17.65 -35.06
C ALA B 887 -24.60 -17.45 -34.64
N ASN B 888 -24.13 -16.21 -34.49
CA ASN B 888 -22.74 -15.94 -34.18
C ASN B 888 -22.45 -15.79 -32.69
N LEU B 889 -23.45 -15.96 -31.83
CA LEU B 889 -23.27 -15.68 -30.41
C LEU B 889 -22.31 -16.66 -29.76
N THR B 890 -22.66 -17.95 -29.78
CA THR B 890 -21.85 -19.04 -29.23
C THR B 890 -21.59 -18.93 -27.73
N PHE B 891 -22.11 -17.89 -27.08
CA PHE B 891 -21.99 -17.72 -25.63
C PHE B 891 -23.33 -17.55 -24.94
N ILE B 892 -24.44 -17.42 -25.68
CA ILE B 892 -25.72 -17.15 -25.06
C ILE B 892 -26.15 -18.36 -24.24
N GLY B 893 -26.60 -18.11 -23.01
CA GLY B 893 -26.95 -19.18 -22.10
C GLY B 893 -28.44 -19.25 -21.78
N VAL B 894 -29.10 -18.09 -21.75
CA VAL B 894 -30.53 -18.01 -21.49
C VAL B 894 -31.16 -17.13 -22.55
N LEU B 895 -32.21 -17.64 -23.20
CA LEU B 895 -32.95 -16.91 -24.20
C LEU B 895 -34.43 -17.09 -23.96
N ASP B 896 -35.21 -16.04 -24.26
CA ASP B 896 -36.66 -16.12 -24.14
C ASP B 896 -37.28 -15.09 -25.07
N LEU B 897 -37.93 -15.56 -26.12
CA LEU B 897 -38.61 -14.71 -27.09
C LEU B 897 -40.10 -15.04 -27.15
N SER B 898 -40.66 -15.46 -26.03
CA SER B 898 -42.05 -15.92 -26.01
C SER B 898 -43.02 -14.75 -26.09
N ASN B 899 -44.14 -14.98 -26.77
CA ASN B 899 -45.24 -14.01 -26.89
C ASN B 899 -44.75 -12.70 -27.49
N ASN B 900 -44.28 -12.79 -28.74
CA ASN B 900 -43.64 -11.65 -29.35
C ASN B 900 -43.98 -11.44 -30.83
N HIS B 901 -44.90 -12.22 -31.42
CA HIS B 901 -45.41 -11.96 -32.76
C HIS B 901 -44.32 -12.03 -33.84
N LEU B 902 -43.46 -13.04 -33.77
CA LEU B 902 -42.47 -13.23 -34.82
C LEU B 902 -42.96 -14.25 -35.84
N SER B 903 -42.16 -14.46 -36.88
CA SER B 903 -42.47 -15.40 -37.94
C SER B 903 -41.15 -15.90 -38.53
N GLY B 904 -41.25 -16.81 -39.49
CA GLY B 904 -40.08 -17.29 -40.18
C GLY B 904 -39.48 -18.52 -39.54
N ARG B 905 -38.19 -18.71 -39.79
CA ARG B 905 -37.45 -19.87 -39.34
C ARG B 905 -36.36 -19.47 -38.35
N ILE B 906 -36.21 -20.24 -37.30
CA ILE B 906 -35.13 -20.01 -36.33
C ILE B 906 -33.79 -20.27 -37.00
N PRO B 907 -32.83 -19.36 -36.90
CA PRO B 907 -31.49 -19.63 -37.45
C PRO B 907 -30.89 -20.87 -36.80
N SER B 908 -30.12 -21.61 -37.59
CA SER B 908 -29.50 -22.84 -37.14
C SER B 908 -28.13 -22.52 -36.53
N SER B 909 -27.96 -22.86 -35.26
CA SER B 909 -26.68 -22.70 -34.57
C SER B 909 -26.65 -23.68 -33.41
N THR B 910 -25.44 -23.96 -32.93
CA THR B 910 -25.29 -24.94 -31.85
C THR B 910 -26.02 -24.47 -30.60
N GLN B 911 -25.91 -23.19 -30.27
CA GLN B 911 -26.50 -22.68 -29.04
C GLN B 911 -28.00 -22.48 -29.19
N LEU B 912 -28.46 -22.04 -30.37
CA LEU B 912 -29.88 -21.77 -30.56
C LEU B 912 -30.71 -23.05 -30.46
N GLN B 913 -30.24 -24.15 -31.05
CA GLN B 913 -30.99 -25.40 -31.01
C GLN B 913 -30.99 -26.05 -29.65
N THR B 914 -30.16 -25.58 -28.71
CA THR B 914 -30.08 -26.15 -27.37
C THR B 914 -31.02 -25.44 -26.39
N PHE B 915 -32.11 -24.87 -26.87
CA PHE B 915 -33.06 -24.15 -26.04
C PHE B 915 -34.43 -24.81 -26.12
N GLU B 916 -35.15 -24.77 -25.01
CA GLU B 916 -36.42 -25.47 -24.90
C GLU B 916 -37.48 -24.83 -25.80
N ARG B 917 -38.59 -25.54 -25.96
CA ARG B 917 -39.70 -25.02 -26.75
C ARG B 917 -40.33 -23.79 -26.10
N SER B 918 -40.24 -23.68 -24.77
CA SER B 918 -40.83 -22.54 -24.08
C SER B 918 -40.12 -21.24 -24.42
N SER B 919 -38.83 -21.32 -24.78
CA SER B 919 -38.08 -20.12 -25.12
C SER B 919 -38.54 -19.49 -26.43
N TYR B 920 -39.16 -20.26 -27.31
CA TYR B 920 -39.63 -19.76 -28.59
C TYR B 920 -41.13 -19.79 -28.75
N SER B 921 -41.86 -20.26 -27.75
CA SER B 921 -43.31 -20.45 -27.89
C SER B 921 -44.02 -19.10 -27.91
N GLY B 922 -45.34 -19.15 -28.01
CA GLY B 922 -46.16 -17.95 -27.98
C GLY B 922 -46.25 -17.20 -29.28
N ASN B 923 -45.58 -17.67 -30.33
CA ASN B 923 -45.62 -17.03 -31.64
C ASN B 923 -46.49 -17.87 -32.57
N ALA B 924 -47.56 -17.27 -33.08
CA ALA B 924 -48.52 -18.01 -33.88
C ALA B 924 -48.01 -18.33 -35.27
N GLN B 925 -46.92 -17.71 -35.72
CA GLN B 925 -46.43 -17.90 -37.06
C GLN B 925 -45.02 -18.46 -37.13
N LEU B 926 -44.27 -18.44 -36.04
CA LEU B 926 -42.89 -18.92 -36.06
C LEU B 926 -42.84 -20.43 -36.15
N CYS B 927 -41.91 -20.94 -36.94
CA CYS B 927 -41.69 -22.37 -37.09
C CYS B 927 -40.22 -22.64 -37.35
N GLY B 928 -39.67 -23.64 -36.67
CA GLY B 928 -38.27 -23.97 -36.80
C GLY B 928 -37.97 -25.36 -36.28
N PRO B 929 -36.71 -25.77 -36.32
CA PRO B 929 -36.34 -27.10 -35.84
C PRO B 929 -36.72 -27.31 -34.38
N PRO B 930 -36.61 -26.28 -33.51
CA PRO B 930 -37.09 -26.49 -32.13
C PRO B 930 -38.55 -26.87 -32.02
N LEU B 931 -39.40 -26.33 -32.89
CA LEU B 931 -40.84 -26.53 -32.80
C LEU B 931 -41.42 -26.67 -34.21
N GLN B 932 -41.98 -27.85 -34.49
CA GLN B 932 -42.62 -28.14 -35.77
C GLN B 932 -41.66 -27.97 -36.94
N GLU B 933 -42.19 -27.71 -38.13
CA GLU B 933 -41.38 -27.48 -39.32
C GLU B 933 -42.26 -26.79 -40.36
N CYS B 934 -41.62 -26.02 -41.25
CA CYS B 934 -42.31 -25.26 -42.28
C CYS B 934 -43.27 -26.13 -43.10
N ASN C 29 -21.21 -26.25 -2.19
CA ASN C 29 -19.79 -25.97 -2.38
C ASN C 29 -19.13 -27.08 -3.16
N ILE C 30 -19.82 -28.21 -3.30
CA ILE C 30 -19.27 -29.34 -4.03
C ILE C 30 -19.21 -29.03 -5.53
N GLU C 31 -20.29 -28.45 -6.08
CA GLU C 31 -20.28 -28.09 -7.49
C GLU C 31 -19.27 -26.98 -7.78
N GLY C 32 -19.18 -26.00 -6.89
CA GLY C 32 -18.16 -24.98 -7.03
C GLY C 32 -16.76 -25.55 -7.00
N ASP C 33 -16.53 -26.54 -6.13
CA ASP C 33 -15.23 -27.19 -6.09
C ASP C 33 -14.93 -27.91 -7.40
N ALA C 34 -15.93 -28.61 -7.95
CA ALA C 34 -15.71 -29.30 -9.22
C ALA C 34 -15.40 -28.33 -10.34
N LEU C 35 -16.14 -27.22 -10.41
CA LEU C 35 -15.87 -26.24 -11.46
C LEU C 35 -14.51 -25.58 -11.27
N ASN C 36 -14.11 -25.33 -10.02
CA ASN C 36 -12.78 -24.79 -9.78
C ASN C 36 -11.70 -25.77 -10.20
N ALA C 37 -11.91 -27.06 -9.94
CA ALA C 37 -10.97 -28.07 -10.40
C ALA C 37 -10.87 -28.06 -11.92
N LEU C 38 -12.00 -27.86 -12.60
CA LEU C 38 -11.96 -27.70 -14.06
C LEU C 38 -11.17 -26.45 -14.45
N LYS C 39 -11.33 -25.37 -13.69
CA LYS C 39 -10.65 -24.12 -14.04
C LYS C 39 -9.14 -24.23 -13.90
N THR C 40 -8.68 -24.81 -12.79
CA THR C 40 -7.24 -24.82 -12.51
C THR C 40 -6.47 -25.59 -13.56
N ASN C 41 -7.03 -26.69 -14.05
CA ASN C 41 -6.36 -27.57 -14.99
C ASN C 41 -6.25 -26.94 -16.38
N LEU C 42 -7.17 -26.06 -16.74
CA LEU C 42 -7.18 -25.44 -18.06
C LEU C 42 -6.51 -24.08 -18.01
N ALA C 43 -6.06 -23.62 -19.18
CA ALA C 43 -5.37 -22.35 -19.31
C ALA C 43 -6.19 -21.43 -20.21
N ASP C 44 -6.41 -20.20 -19.75
CA ASP C 44 -7.22 -19.23 -20.49
C ASP C 44 -6.37 -18.11 -21.09
N PRO C 45 -6.24 -18.02 -22.40
CA PRO C 45 -5.52 -16.90 -23.01
C PRO C 45 -6.31 -15.60 -22.99
N ASN C 46 -7.59 -15.67 -23.31
CA ASN C 46 -8.46 -14.49 -23.33
C ASN C 46 -9.00 -14.13 -21.95
N ASN C 47 -8.69 -14.94 -20.93
CA ASN C 47 -9.09 -14.68 -19.55
C ASN C 47 -10.61 -14.56 -19.43
N VAL C 48 -11.28 -15.67 -19.74
CA VAL C 48 -12.73 -15.75 -19.61
C VAL C 48 -13.12 -16.62 -18.43
N LEU C 49 -12.19 -16.90 -17.52
CA LEU C 49 -12.44 -17.69 -16.32
C LEU C 49 -12.15 -16.91 -15.05
N GLN C 50 -11.97 -15.60 -15.13
CA GLN C 50 -11.52 -14.82 -13.97
C GLN C 50 -12.59 -14.69 -12.90
N SER C 51 -13.86 -14.88 -13.24
CA SER C 51 -14.95 -14.67 -12.28
C SER C 51 -15.25 -15.90 -11.45
N TRP C 52 -14.53 -16.99 -11.64
CA TRP C 52 -14.76 -18.23 -10.90
C TRP C 52 -13.95 -18.19 -9.62
N ASP C 53 -14.62 -17.93 -8.49
CA ASP C 53 -13.94 -17.88 -7.21
C ASP C 53 -14.63 -18.76 -6.20
N PRO C 54 -13.88 -19.41 -5.30
CA PRO C 54 -14.50 -20.37 -4.37
C PRO C 54 -15.26 -19.74 -3.23
N THR C 55 -15.04 -18.46 -2.94
CA THR C 55 -15.64 -17.84 -1.77
C THR C 55 -17.16 -17.82 -1.83
N LEU C 56 -17.73 -17.68 -3.02
CA LEU C 56 -19.18 -17.62 -3.15
C LEU C 56 -19.81 -18.95 -2.73
N VAL C 57 -21.01 -18.84 -2.14
CA VAL C 57 -21.70 -20.03 -1.65
C VAL C 57 -22.07 -20.96 -2.81
N ASN C 58 -22.42 -20.40 -3.96
CA ASN C 58 -22.75 -21.18 -5.14
C ASN C 58 -22.05 -20.59 -6.35
N PRO C 59 -21.80 -21.39 -7.38
CA PRO C 59 -21.17 -20.86 -8.59
C PRO C 59 -22.19 -20.22 -9.53
N CYS C 60 -23.37 -19.90 -9.00
CA CYS C 60 -24.48 -19.55 -9.87
C CYS C 60 -24.24 -18.22 -10.56
N THR C 61 -23.63 -17.26 -9.87
CA THR C 61 -23.35 -15.95 -10.47
C THR C 61 -22.13 -15.97 -11.38
N TRP C 62 -21.45 -17.10 -11.51
CA TRP C 62 -20.28 -17.20 -12.38
C TRP C 62 -20.70 -17.00 -13.84
N PHE C 63 -19.79 -16.46 -14.63
CA PHE C 63 -20.06 -16.26 -16.05
C PHE C 63 -19.94 -17.58 -16.79
N HIS C 64 -20.71 -17.69 -17.88
CA HIS C 64 -20.77 -18.87 -18.74
C HIS C 64 -21.30 -20.11 -18.03
N VAL C 65 -21.89 -19.95 -16.84
CA VAL C 65 -22.53 -21.04 -16.13
C VAL C 65 -23.98 -20.64 -15.85
N THR C 66 -24.91 -21.49 -16.27
CA THR C 66 -26.34 -21.19 -16.16
C THR C 66 -26.92 -21.95 -14.98
N CYS C 67 -27.87 -21.32 -14.30
CA CYS C 67 -28.42 -21.79 -13.04
C CYS C 67 -29.79 -22.41 -13.26
N ASN C 68 -30.40 -22.87 -12.18
CA ASN C 68 -31.82 -23.17 -12.15
C ASN C 68 -32.33 -22.81 -10.76
N SER C 69 -33.56 -23.20 -10.46
CA SER C 69 -34.03 -23.07 -9.09
C SER C 69 -33.22 -23.97 -8.17
N GLU C 70 -33.09 -23.56 -6.92
CA GLU C 70 -32.34 -24.25 -5.88
C GLU C 70 -30.85 -24.30 -6.15
N ASN C 71 -30.35 -23.51 -7.10
CA ASN C 71 -28.92 -23.28 -7.32
C ASN C 71 -28.17 -24.58 -7.60
N SER C 72 -28.51 -25.17 -8.74
CA SER C 72 -27.78 -26.31 -9.27
C SER C 72 -27.37 -26.01 -10.71
N VAL C 73 -26.14 -26.39 -11.07
CA VAL C 73 -25.62 -26.04 -12.38
C VAL C 73 -26.29 -26.91 -13.44
N THR C 74 -26.82 -26.26 -14.48
CA THR C 74 -27.53 -26.97 -15.53
C THR C 74 -27.02 -26.68 -16.93
N ARG C 75 -26.11 -25.74 -17.11
CA ARG C 75 -25.48 -25.49 -18.40
C ARG C 75 -24.04 -25.03 -18.17
N VAL C 76 -23.14 -25.50 -19.03
CA VAL C 76 -21.75 -25.01 -19.06
C VAL C 76 -21.48 -24.64 -20.50
N ASP C 77 -21.48 -23.34 -20.79
CA ASP C 77 -21.42 -22.84 -22.16
C ASP C 77 -20.07 -22.17 -22.40
N LEU C 78 -19.20 -22.86 -23.15
CA LEU C 78 -17.91 -22.29 -23.53
C LEU C 78 -17.67 -22.67 -25.00
N GLY C 79 -17.91 -21.71 -25.89
CA GLY C 79 -17.74 -21.95 -27.31
C GLY C 79 -16.35 -21.60 -27.80
N ASN C 80 -16.27 -20.63 -28.72
CA ASN C 80 -14.97 -20.21 -29.26
C ASN C 80 -14.25 -19.34 -28.24
N ALA C 81 -13.84 -19.93 -27.12
CA ALA C 81 -13.23 -19.16 -26.03
C ALA C 81 -11.74 -19.43 -25.88
N ASN C 82 -11.12 -20.12 -26.84
CA ASN C 82 -9.68 -20.29 -26.96
C ASN C 82 -9.06 -21.09 -25.81
N LEU C 83 -9.86 -21.75 -24.98
CA LEU C 83 -9.28 -22.48 -23.85
C LEU C 83 -8.40 -23.62 -24.32
N SER C 84 -7.31 -23.83 -23.59
CA SER C 84 -6.36 -24.91 -23.85
C SER C 84 -6.10 -25.68 -22.57
N GLY C 85 -6.03 -26.99 -22.67
CA GLY C 85 -5.81 -27.84 -21.50
C GLY C 85 -6.30 -29.25 -21.76
N GLN C 86 -6.71 -29.90 -20.67
CA GLN C 86 -7.23 -31.26 -20.73
C GLN C 86 -8.48 -31.37 -19.85
N LEU C 87 -9.32 -32.35 -20.17
CA LEU C 87 -10.53 -32.55 -19.39
C LEU C 87 -10.19 -33.05 -17.99
N VAL C 88 -11.17 -32.94 -17.09
CA VAL C 88 -10.96 -33.14 -15.66
C VAL C 88 -11.80 -34.34 -15.24
N PRO C 89 -11.21 -35.31 -14.51
CA PRO C 89 -11.98 -36.51 -14.14
C PRO C 89 -13.17 -36.22 -13.23
N GLN C 90 -13.10 -35.23 -12.36
CA GLN C 90 -14.22 -34.91 -11.48
C GLN C 90 -15.20 -33.91 -12.10
N LEU C 91 -15.22 -33.82 -13.43
CA LEU C 91 -16.24 -33.01 -14.09
C LEU C 91 -17.62 -33.58 -13.91
N GLY C 92 -17.73 -34.91 -13.83
CA GLY C 92 -19.01 -35.58 -13.73
C GLY C 92 -19.66 -35.55 -12.38
N GLN C 93 -19.07 -34.84 -11.43
CA GLN C 93 -19.60 -34.74 -10.07
C GLN C 93 -20.77 -33.75 -9.99
N LEU C 94 -21.26 -33.26 -11.13
CA LEU C 94 -22.40 -32.37 -11.18
C LEU C 94 -23.63 -33.17 -11.59
N PRO C 95 -24.61 -33.38 -10.70
CA PRO C 95 -25.70 -34.30 -11.04
C PRO C 95 -26.72 -33.72 -11.98
N ASN C 96 -27.04 -32.43 -11.84
CA ASN C 96 -28.17 -31.82 -12.54
C ASN C 96 -27.73 -31.04 -13.77
N LEU C 97 -26.71 -31.51 -14.48
CA LEU C 97 -26.14 -30.78 -15.61
C LEU C 97 -26.80 -31.19 -16.92
N GLN C 98 -26.95 -30.21 -17.80
CA GLN C 98 -27.39 -30.42 -19.16
C GLN C 98 -26.57 -29.51 -20.07
N TYR C 99 -26.57 -29.83 -21.37
CA TYR C 99 -26.00 -28.97 -22.40
C TYR C 99 -24.56 -28.55 -22.04
N LEU C 100 -23.68 -29.54 -22.00
CA LEU C 100 -22.25 -29.28 -21.79
C LEU C 100 -21.63 -28.95 -23.14
N GLU C 101 -21.32 -27.68 -23.36
CA GLU C 101 -20.79 -27.20 -24.63
C GLU C 101 -19.35 -26.75 -24.40
N LEU C 102 -18.41 -27.39 -25.08
CA LEU C 102 -16.99 -27.05 -24.98
C LEU C 102 -16.33 -27.16 -26.34
N TYR C 103 -17.09 -26.89 -27.41
CA TYR C 103 -16.56 -27.06 -28.75
C TYR C 103 -15.67 -25.88 -29.13
N SER C 104 -14.82 -26.11 -30.13
CA SER C 104 -13.92 -25.09 -30.65
C SER C 104 -13.05 -24.50 -29.54
N ASN C 105 -12.30 -25.38 -28.90
CA ASN C 105 -11.33 -25.01 -27.89
C ASN C 105 -10.14 -25.95 -28.04
N ASN C 106 -9.00 -25.54 -27.49
CA ASN C 106 -7.75 -26.25 -27.73
C ASN C 106 -7.47 -27.26 -26.62
N ILE C 107 -8.45 -28.12 -26.34
CA ILE C 107 -8.38 -29.00 -25.18
C ILE C 107 -7.81 -30.35 -25.63
N SER C 108 -6.61 -30.68 -25.16
CA SER C 108 -5.94 -31.92 -25.53
C SER C 108 -6.00 -32.87 -24.35
N GLY C 109 -6.63 -34.03 -24.54
CA GLY C 109 -6.74 -35.00 -23.47
C GLY C 109 -7.68 -36.13 -23.85
N ARG C 110 -8.15 -36.83 -22.82
CA ARG C 110 -8.97 -38.03 -22.97
C ARG C 110 -10.32 -37.80 -22.31
N ILE C 111 -11.37 -38.33 -22.93
CA ILE C 111 -12.73 -38.18 -22.41
C ILE C 111 -12.85 -39.00 -21.13
N PRO C 112 -13.19 -38.37 -20.00
CA PRO C 112 -13.25 -39.12 -18.74
C PRO C 112 -14.35 -40.15 -18.73
N PHE C 113 -14.13 -41.21 -17.95
CA PHE C 113 -15.15 -42.24 -17.77
C PHE C 113 -16.25 -41.77 -16.83
N GLU C 114 -15.98 -40.76 -16.00
CA GLU C 114 -16.97 -40.31 -15.02
C GLU C 114 -18.15 -39.62 -15.66
N LEU C 115 -18.06 -39.26 -16.95
CA LEU C 115 -19.17 -38.60 -17.63
C LEU C 115 -20.43 -39.45 -17.62
N GLY C 116 -20.30 -40.76 -17.44
CA GLY C 116 -21.47 -41.62 -17.36
C GLY C 116 -22.34 -41.37 -16.14
N ASN C 117 -21.77 -40.75 -15.10
CA ASN C 117 -22.56 -40.45 -13.91
C ASN C 117 -23.57 -39.33 -14.15
N LEU C 118 -23.50 -38.63 -15.27
CA LEU C 118 -24.50 -37.63 -15.64
C LEU C 118 -25.82 -38.34 -15.93
N THR C 119 -26.82 -38.14 -15.08
CA THR C 119 -28.12 -38.77 -15.26
C THR C 119 -29.14 -37.86 -15.94
N ASN C 120 -28.73 -36.66 -16.35
CA ASN C 120 -29.67 -35.73 -16.96
C ASN C 120 -29.08 -34.98 -18.15
N LEU C 121 -27.89 -35.36 -18.63
CA LEU C 121 -27.28 -34.64 -19.74
C LEU C 121 -28.12 -34.81 -21.01
N VAL C 122 -28.17 -33.76 -21.82
CA VAL C 122 -28.98 -33.77 -23.04
C VAL C 122 -28.08 -33.63 -24.25
N SER C 123 -27.30 -32.55 -24.30
CA SER C 123 -26.45 -32.25 -25.43
C SER C 123 -24.99 -32.23 -24.98
N LEU C 124 -24.16 -33.01 -25.66
CA LEU C 124 -22.72 -33.03 -25.43
C LEU C 124 -22.04 -32.83 -26.78
N ASP C 125 -21.68 -31.59 -27.07
CA ASP C 125 -21.05 -31.22 -28.33
C ASP C 125 -19.59 -30.89 -28.06
N LEU C 126 -18.69 -31.75 -28.52
CA LEU C 126 -17.24 -31.52 -28.42
C LEU C 126 -16.68 -31.72 -29.82
N TYR C 127 -16.70 -30.68 -30.63
CA TYR C 127 -16.19 -30.74 -32.00
C TYR C 127 -15.26 -29.58 -32.25
N LEU C 128 -14.49 -29.72 -33.33
CA LEU C 128 -13.39 -28.80 -33.64
C LEU C 128 -12.43 -28.70 -32.46
N ASN C 129 -12.13 -29.84 -31.86
CA ASN C 129 -11.27 -29.92 -30.69
C ASN C 129 -10.43 -31.18 -30.81
N ARG C 130 -9.32 -31.21 -30.08
CA ARG C 130 -8.32 -32.26 -30.22
C ARG C 130 -8.25 -33.12 -28.95
N LEU C 131 -9.11 -34.12 -28.87
CA LEU C 131 -9.09 -35.09 -27.77
C LEU C 131 -8.71 -36.46 -28.33
N ASN C 132 -7.76 -37.12 -27.68
CA ASN C 132 -7.28 -38.42 -28.12
C ASN C 132 -7.78 -39.50 -27.17
N GLY C 133 -8.04 -40.68 -27.73
CA GLY C 133 -8.53 -41.80 -26.97
C GLY C 133 -9.75 -42.43 -27.63
N PRO C 134 -10.40 -43.36 -26.94
CA PRO C 134 -11.64 -43.93 -27.46
C PRO C 134 -12.87 -43.24 -26.89
N ILE C 135 -14.05 -43.60 -27.41
CA ILE C 135 -15.31 -43.11 -26.87
C ILE C 135 -15.72 -44.08 -25.75
N PRO C 136 -15.81 -43.63 -24.50
CA PRO C 136 -16.12 -44.55 -23.40
C PRO C 136 -17.47 -45.23 -23.60
N ASP C 137 -17.53 -46.51 -23.22
CA ASP C 137 -18.79 -47.23 -23.27
C ASP C 137 -19.78 -46.71 -22.22
N THR C 138 -19.27 -46.23 -21.09
CA THR C 138 -20.14 -45.68 -20.06
C THR C 138 -20.94 -44.49 -20.55
N LEU C 139 -20.49 -43.84 -21.63
CA LEU C 139 -21.25 -42.76 -22.23
C LEU C 139 -22.63 -43.23 -22.69
N GLY C 140 -22.75 -44.50 -23.06
CA GLY C 140 -24.06 -45.04 -23.42
C GLY C 140 -25.02 -45.17 -22.28
N LYS C 141 -24.55 -44.97 -21.04
CA LYS C 141 -25.43 -45.00 -19.88
C LYS C 141 -26.44 -43.86 -19.89
N LEU C 142 -26.16 -42.78 -20.64
CA LEU C 142 -27.08 -41.67 -20.79
C LEU C 142 -28.39 -42.14 -21.39
N GLN C 143 -29.47 -42.10 -20.61
CA GLN C 143 -30.78 -42.52 -21.08
C GLN C 143 -31.66 -41.36 -21.49
N LYS C 144 -31.12 -40.14 -21.48
CA LYS C 144 -31.89 -38.96 -21.89
C LYS C 144 -31.13 -38.10 -22.90
N LEU C 145 -29.99 -38.57 -23.38
CA LEU C 145 -29.18 -37.80 -24.31
C LEU C 145 -29.90 -37.66 -25.66
N ARG C 146 -29.73 -36.50 -26.29
CA ARG C 146 -30.39 -36.23 -27.56
C ARG C 146 -29.40 -35.76 -28.61
N PHE C 147 -28.34 -35.09 -28.19
CA PHE C 147 -27.36 -34.51 -29.10
C PHE C 147 -25.98 -35.04 -28.75
N LEU C 148 -25.22 -35.43 -29.78
CA LEU C 148 -23.86 -35.92 -29.59
C LEU C 148 -23.06 -35.55 -30.83
N ARG C 149 -22.23 -34.52 -30.71
CA ARG C 149 -21.43 -34.03 -31.82
C ARG C 149 -19.96 -34.09 -31.43
N LEU C 150 -19.23 -35.04 -32.00
CA LEU C 150 -17.79 -35.17 -31.83
C LEU C 150 -17.20 -35.19 -33.24
N ASN C 151 -16.95 -34.00 -33.79
CA ASN C 151 -16.48 -33.86 -35.16
C ASN C 151 -15.10 -33.20 -35.18
N ASN C 152 -14.35 -33.50 -36.23
CA ASN C 152 -13.05 -32.89 -36.47
C ASN C 152 -12.13 -33.09 -35.27
N ASN C 153 -12.22 -34.25 -34.65
CA ASN C 153 -11.40 -34.63 -33.52
C ASN C 153 -10.54 -35.82 -33.92
N SER C 154 -9.53 -36.12 -33.09
CA SER C 154 -8.62 -37.24 -33.34
C SER C 154 -8.74 -38.21 -32.17
N LEU C 155 -9.75 -39.08 -32.24
CA LEU C 155 -10.00 -40.08 -31.21
C LEU C 155 -9.67 -41.46 -31.76
N ASN C 156 -8.80 -42.19 -31.08
CA ASN C 156 -8.36 -43.51 -31.51
C ASN C 156 -9.21 -44.57 -30.82
N GLY C 157 -9.97 -45.32 -31.62
CA GLY C 157 -10.77 -46.38 -31.06
C GLY C 157 -11.88 -46.78 -32.03
N ARG C 158 -12.89 -47.45 -31.48
CA ARG C 158 -14.03 -47.94 -32.23
C ARG C 158 -15.31 -47.41 -31.60
N ILE C 159 -16.39 -47.50 -32.36
CA ILE C 159 -17.70 -47.01 -31.89
C ILE C 159 -18.17 -47.89 -30.73
N PRO C 160 -18.59 -47.30 -29.61
CA PRO C 160 -19.14 -48.12 -28.52
C PRO C 160 -20.37 -48.90 -28.96
N MET C 161 -20.49 -50.13 -28.46
CA MET C 161 -21.67 -50.94 -28.78
C MET C 161 -22.88 -50.51 -27.97
N LEU C 162 -22.69 -50.14 -26.70
CA LEU C 162 -23.81 -49.84 -25.83
C LEU C 162 -24.47 -48.50 -26.17
N LEU C 163 -23.79 -47.66 -26.94
CA LEU C 163 -24.31 -46.32 -27.22
C LEU C 163 -25.64 -46.37 -27.97
N THR C 164 -25.88 -47.43 -28.73
CA THR C 164 -27.14 -47.56 -29.45
C THR C 164 -28.32 -47.88 -28.54
N THR C 165 -28.07 -48.19 -27.27
CA THR C 165 -29.14 -48.56 -26.35
C THR C 165 -30.01 -47.38 -25.94
N VAL C 166 -29.63 -46.15 -26.24
CA VAL C 166 -30.44 -44.98 -25.95
C VAL C 166 -31.29 -44.65 -27.16
N ILE C 167 -32.59 -44.48 -26.96
CA ILE C 167 -33.53 -44.26 -28.04
C ILE C 167 -33.90 -42.79 -28.19
N SER C 168 -33.45 -41.93 -27.29
CA SER C 168 -33.75 -40.51 -27.35
C SER C 168 -32.71 -39.71 -28.13
N LEU C 169 -31.70 -40.37 -28.68
CA LEU C 169 -30.63 -39.67 -29.38
C LEU C 169 -31.12 -39.32 -30.78
N GLN C 170 -31.33 -38.03 -31.04
CA GLN C 170 -31.95 -37.57 -32.28
C GLN C 170 -30.93 -37.26 -33.37
N VAL C 171 -29.70 -36.94 -33.02
CA VAL C 171 -28.67 -36.59 -34.00
C VAL C 171 -27.32 -36.99 -33.46
N LEU C 172 -26.43 -37.44 -34.34
CA LEU C 172 -25.10 -37.88 -33.97
C LEU C 172 -24.17 -37.59 -35.14
N ASP C 173 -22.91 -37.24 -34.83
CA ASP C 173 -21.95 -36.86 -35.85
C ASP C 173 -20.55 -37.20 -35.36
N LEU C 174 -19.99 -38.29 -35.89
CA LEU C 174 -18.61 -38.70 -35.63
C LEU C 174 -17.90 -38.78 -36.98
N SER C 175 -17.36 -37.65 -37.41
CA SER C 175 -16.70 -37.56 -38.70
C SER C 175 -15.32 -36.93 -38.53
N ASN C 176 -14.47 -37.13 -39.53
CA ASN C 176 -13.10 -36.61 -39.52
C ASN C 176 -12.36 -37.02 -38.26
N ASN C 177 -12.52 -38.29 -37.89
CA ASN C 177 -11.90 -38.84 -36.69
C ASN C 177 -11.27 -40.19 -37.01
N ASN C 178 -10.32 -40.58 -36.16
CA ASN C 178 -9.65 -41.87 -36.32
C ASN C 178 -10.58 -43.01 -35.92
N LEU C 179 -11.61 -43.25 -36.72
CA LEU C 179 -12.62 -44.25 -36.42
C LEU C 179 -12.36 -45.52 -37.22
N THR C 180 -12.45 -46.67 -36.55
CA THR C 180 -12.21 -47.96 -37.20
C THR C 180 -13.14 -48.99 -36.59
N GLY C 181 -13.36 -50.06 -37.35
CA GLY C 181 -14.23 -51.13 -36.91
C GLY C 181 -15.49 -51.22 -37.76
N PRO C 182 -16.56 -51.74 -37.17
CA PRO C 182 -17.83 -51.83 -37.89
C PRO C 182 -18.70 -50.59 -37.67
N VAL C 183 -19.71 -50.47 -38.51
CA VAL C 183 -20.68 -49.38 -38.44
C VAL C 183 -21.98 -49.97 -37.90
N PRO C 184 -22.40 -49.61 -36.69
CA PRO C 184 -23.64 -50.18 -36.14
C PRO C 184 -24.86 -49.51 -36.75
N VAL C 185 -25.86 -50.33 -37.07
CA VAL C 185 -27.10 -49.82 -37.65
C VAL C 185 -28.33 -50.27 -36.87
N ASN C 186 -28.26 -51.33 -36.07
CA ASN C 186 -29.44 -51.83 -35.38
C ASN C 186 -29.93 -50.83 -34.33
N GLY C 187 -31.25 -50.81 -34.14
CA GLY C 187 -31.82 -49.99 -33.09
C GLY C 187 -31.80 -48.51 -33.45
N SER C 188 -31.37 -47.70 -32.49
CA SER C 188 -31.43 -46.25 -32.64
C SER C 188 -30.58 -45.73 -33.78
N PHE C 189 -29.61 -46.52 -34.25
CA PHE C 189 -28.78 -46.11 -35.37
C PHE C 189 -29.42 -46.39 -36.73
N SER C 190 -30.60 -47.00 -36.76
CA SER C 190 -31.26 -47.29 -38.02
C SER C 190 -31.87 -46.06 -38.68
N LEU C 191 -31.99 -44.95 -37.95
CA LEU C 191 -32.59 -43.74 -38.48
C LEU C 191 -31.56 -42.72 -38.93
N PHE C 192 -30.28 -43.09 -39.01
CA PHE C 192 -29.22 -42.15 -39.32
C PHE C 192 -28.68 -42.40 -40.73
N THR C 193 -27.65 -41.66 -41.10
CA THR C 193 -27.11 -41.66 -42.43
C THR C 193 -25.60 -41.90 -42.36
N PRO C 194 -25.00 -42.45 -43.41
CA PRO C 194 -23.53 -42.64 -43.38
C PRO C 194 -22.76 -41.35 -43.25
N ILE C 195 -23.36 -40.20 -43.57
CA ILE C 195 -22.66 -38.93 -43.46
C ILE C 195 -22.22 -38.69 -42.02
N SER C 196 -23.00 -39.16 -41.05
CA SER C 196 -22.62 -39.01 -39.65
C SER C 196 -21.31 -39.72 -39.35
N PHE C 197 -20.99 -40.77 -40.09
CA PHE C 197 -19.75 -41.52 -39.94
C PHE C 197 -18.98 -41.46 -41.26
N ALA C 198 -18.15 -40.44 -41.42
CA ALA C 198 -17.44 -40.22 -42.68
C ALA C 198 -16.03 -39.76 -42.37
N ASN C 199 -15.17 -39.82 -43.39
CA ASN C 199 -13.78 -39.42 -43.30
C ASN C 199 -13.09 -40.11 -42.12
N ASN C 200 -13.07 -41.44 -42.14
CA ASN C 200 -12.49 -42.23 -41.06
C ASN C 200 -11.56 -43.27 -41.68
N PRO C 201 -10.53 -43.68 -40.94
CA PRO C 201 -9.59 -44.68 -41.48
C PRO C 201 -10.27 -45.98 -41.88
N LEU C 202 -11.29 -46.41 -41.15
CA LEU C 202 -11.99 -47.65 -41.47
C LEU C 202 -13.45 -47.51 -41.09
N ASP C 203 -14.33 -47.68 -42.07
CA ASP C 203 -15.77 -47.70 -41.84
C ASP C 203 -16.43 -48.98 -42.33
N ILE C 204 -16.01 -49.49 -43.48
CA ILE C 204 -16.55 -50.72 -44.07
C ILE C 204 -18.07 -50.63 -44.21
#